data_3CAF
# 
_entry.id   3CAF 
# 
_audit_conform.dict_name       mmcif_pdbx.dic 
_audit_conform.dict_version    5.398 
_audit_conform.dict_location   http://mmcif.pdb.org/dictionaries/ascii/mmcif_pdbx.dic 
# 
loop_
_database_2.database_id 
_database_2.database_code 
_database_2.pdbx_database_accession 
_database_2.pdbx_DOI 
PDB   3CAF         pdb_00003caf 10.2210/pdb3caf/pdb 
RCSB  RCSB046540   ?            ?                   
WWPDB D_1000046540 ?            ?                   
# 
loop_
_pdbx_audit_revision_history.ordinal 
_pdbx_audit_revision_history.data_content_type 
_pdbx_audit_revision_history.major_revision 
_pdbx_audit_revision_history.minor_revision 
_pdbx_audit_revision_history.revision_date 
1 'Structure model' 1 0 2009-01-27 
2 'Structure model' 1 1 2011-07-13 
3 'Structure model' 1 2 2024-10-30 
# 
_pdbx_audit_revision_details.ordinal             1 
_pdbx_audit_revision_details.revision_ordinal    1 
_pdbx_audit_revision_details.data_content_type   'Structure model' 
_pdbx_audit_revision_details.provider            repository 
_pdbx_audit_revision_details.type                'Initial release' 
_pdbx_audit_revision_details.description         ? 
_pdbx_audit_revision_details.details             ? 
# 
loop_
_pdbx_audit_revision_group.ordinal 
_pdbx_audit_revision_group.revision_ordinal 
_pdbx_audit_revision_group.data_content_type 
_pdbx_audit_revision_group.group 
1 2 'Structure model' Advisory                    
2 2 'Structure model' 'Version format compliance' 
3 3 'Structure model' 'Data collection'           
4 3 'Structure model' 'Database references'       
5 3 'Structure model' 'Structure summary'         
# 
loop_
_pdbx_audit_revision_category.ordinal 
_pdbx_audit_revision_category.revision_ordinal 
_pdbx_audit_revision_category.data_content_type 
_pdbx_audit_revision_category.category 
1 3 'Structure model' chem_comp_atom            
2 3 'Structure model' chem_comp_bond            
3 3 'Structure model' database_2                
4 3 'Structure model' pdbx_entry_details        
5 3 'Structure model' pdbx_modification_feature 
# 
loop_
_pdbx_audit_revision_item.ordinal 
_pdbx_audit_revision_item.revision_ordinal 
_pdbx_audit_revision_item.data_content_type 
_pdbx_audit_revision_item.item 
1 3 'Structure model' '_database_2.pdbx_DOI'                
2 3 'Structure model' '_database_2.pdbx_database_accession' 
# 
_pdbx_database_status.entry_id                        3CAF 
_pdbx_database_status.deposit_site                    RCSB 
_pdbx_database_status.process_site                    RCSB 
_pdbx_database_status.recvd_initial_deposition_date   2008-02-19 
_pdbx_database_status.status_code                     REL 
_pdbx_database_status.status_code_sf                  REL 
_pdbx_database_status.status_code_mr                  ? 
_pdbx_database_status.SG_entry                        ? 
_pdbx_database_status.pdb_format_compatible           Y 
_pdbx_database_status.status_code_cs                  ? 
_pdbx_database_status.status_code_nmr_data            ? 
_pdbx_database_status.methods_development_category    ? 
# 
loop_
_audit_author.name 
_audit_author.pdbx_ordinal 
'Guo, F.'               1 
'Dakshinamurthy, R.'    2 
'Kathir, K.M.'          3 
'Thallapuranam, S.K.K.' 4 
'Sakon, J.'             5 
# 
_citation.id                        primary 
_citation.title                     'Crystal structure analysis of the hFGFR2 D2 domain' 
_citation.journal_abbrev            'To be Published' 
_citation.journal_volume            ? 
_citation.page_first                ? 
_citation.page_last                 ? 
_citation.year                      ? 
_citation.journal_id_ASTM           ? 
_citation.country                   ? 
_citation.journal_id_ISSN           ? 
_citation.journal_id_CSD            0353 
_citation.book_publisher            ? 
_citation.pdbx_database_id_PubMed   ? 
_citation.pdbx_database_id_DOI      ? 
# 
loop_
_citation_author.citation_id 
_citation_author.name 
_citation_author.ordinal 
_citation_author.identifier_ORCID 
primary 'Guo, F.'               1 ? 
primary 'Dakshinamurthy, R.'    2 ? 
primary 'Kathir, K.M.'          3 ? 
primary 'Thallapuranam, S.K.K.' 4 ? 
primary 'Sakon, J.'             5 ? 
# 
loop_
_entity.id 
_entity.type 
_entity.src_method 
_entity.pdbx_description 
_entity.formula_weight 
_entity.pdbx_number_of_molecules 
_entity.pdbx_ec 
_entity.pdbx_mutation 
_entity.pdbx_fragment 
_entity.details 
1 polymer man 'Fibroblast growth factor receptor 2' 11608.258 1  2.7.10.1 ? 'Ig-like C2-type 2' ? 
2 water   nat water                                 18.015    54 ?        ? ?                   ? 
# 
_entity_name_com.entity_id   1 
_entity_name_com.name        'FGFR-2, Keratinocyte growth factor receptor 2, CD332 antigen' 
# 
_entity_poly.entity_id                      1 
_entity_poly.type                           'polypeptide(L)' 
_entity_poly.nstd_linkage                   no 
_entity_poly.nstd_monomer                   no 
_entity_poly.pdbx_seq_one_letter_code       
;NKRAPYWTNTEKMEKRLHAVPAANTVKFRCPAGGNPMPTMRWLKNGKEFKQEHRIGGYKVRNQHWSLIMESVVPSDKGNY
TCVVENEYGSINHTYHLDVV
;
_entity_poly.pdbx_seq_one_letter_code_can   
;NKRAPYWTNTEKMEKRLHAVPAANTVKFRCPAGGNPMPTMRWLKNGKEFKQEHRIGGYKVRNQHWSLIMESVVPSDKGNY
TCVVENEYGSINHTYHLDVV
;
_entity_poly.pdbx_strand_id                 A 
_entity_poly.pdbx_target_identifier         ? 
# 
_pdbx_entity_nonpoly.entity_id   2 
_pdbx_entity_nonpoly.name        water 
_pdbx_entity_nonpoly.comp_id     HOH 
# 
loop_
_entity_poly_seq.entity_id 
_entity_poly_seq.num 
_entity_poly_seq.mon_id 
_entity_poly_seq.hetero 
1 1   ASN n 
1 2   LYS n 
1 3   ARG n 
1 4   ALA n 
1 5   PRO n 
1 6   TYR n 
1 7   TRP n 
1 8   THR n 
1 9   ASN n 
1 10  THR n 
1 11  GLU n 
1 12  LYS n 
1 13  MET n 
1 14  GLU n 
1 15  LYS n 
1 16  ARG n 
1 17  LEU n 
1 18  HIS n 
1 19  ALA n 
1 20  VAL n 
1 21  PRO n 
1 22  ALA n 
1 23  ALA n 
1 24  ASN n 
1 25  THR n 
1 26  VAL n 
1 27  LYS n 
1 28  PHE n 
1 29  ARG n 
1 30  CYS n 
1 31  PRO n 
1 32  ALA n 
1 33  GLY n 
1 34  GLY n 
1 35  ASN n 
1 36  PRO n 
1 37  MET n 
1 38  PRO n 
1 39  THR n 
1 40  MET n 
1 41  ARG n 
1 42  TRP n 
1 43  LEU n 
1 44  LYS n 
1 45  ASN n 
1 46  GLY n 
1 47  LYS n 
1 48  GLU n 
1 49  PHE n 
1 50  LYS n 
1 51  GLN n 
1 52  GLU n 
1 53  HIS n 
1 54  ARG n 
1 55  ILE n 
1 56  GLY n 
1 57  GLY n 
1 58  TYR n 
1 59  LYS n 
1 60  VAL n 
1 61  ARG n 
1 62  ASN n 
1 63  GLN n 
1 64  HIS n 
1 65  TRP n 
1 66  SER n 
1 67  LEU n 
1 68  ILE n 
1 69  MET n 
1 70  GLU n 
1 71  SER n 
1 72  VAL n 
1 73  VAL n 
1 74  PRO n 
1 75  SER n 
1 76  ASP n 
1 77  LYS n 
1 78  GLY n 
1 79  ASN n 
1 80  TYR n 
1 81  THR n 
1 82  CYS n 
1 83  VAL n 
1 84  VAL n 
1 85  GLU n 
1 86  ASN n 
1 87  GLU n 
1 88  TYR n 
1 89  GLY n 
1 90  SER n 
1 91  ILE n 
1 92  ASN n 
1 93  HIS n 
1 94  THR n 
1 95  TYR n 
1 96  HIS n 
1 97  LEU n 
1 98  ASP n 
1 99  VAL n 
1 100 VAL n 
# 
_entity_src_gen.entity_id                          1 
_entity_src_gen.pdbx_src_id                        1 
_entity_src_gen.pdbx_alt_source_flag               sample 
_entity_src_gen.pdbx_seq_type                      ? 
_entity_src_gen.pdbx_beg_seq_num                   ? 
_entity_src_gen.pdbx_end_seq_num                   ? 
_entity_src_gen.gene_src_common_name               Human 
_entity_src_gen.gene_src_genus                     ? 
_entity_src_gen.pdbx_gene_src_gene                 'FGFR2, BEK, KGFR, KSAM' 
_entity_src_gen.gene_src_species                   ? 
_entity_src_gen.gene_src_strain                    ? 
_entity_src_gen.gene_src_tissue                    ? 
_entity_src_gen.gene_src_tissue_fraction           ? 
_entity_src_gen.gene_src_details                   ? 
_entity_src_gen.pdbx_gene_src_fragment             ? 
_entity_src_gen.pdbx_gene_src_scientific_name      'Homo sapiens' 
_entity_src_gen.pdbx_gene_src_ncbi_taxonomy_id     9606 
_entity_src_gen.pdbx_gene_src_variant              ? 
_entity_src_gen.pdbx_gene_src_cell_line            ? 
_entity_src_gen.pdbx_gene_src_atcc                 ? 
_entity_src_gen.pdbx_gene_src_organ                ? 
_entity_src_gen.pdbx_gene_src_organelle            ? 
_entity_src_gen.pdbx_gene_src_cell                 ? 
_entity_src_gen.pdbx_gene_src_cellular_location    ? 
_entity_src_gen.host_org_common_name               ? 
_entity_src_gen.pdbx_host_org_scientific_name      'Escherichia coli' 
_entity_src_gen.pdbx_host_org_ncbi_taxonomy_id     562 
_entity_src_gen.host_org_genus                     ? 
_entity_src_gen.pdbx_host_org_gene                 ? 
_entity_src_gen.pdbx_host_org_organ                ? 
_entity_src_gen.host_org_species                   ? 
_entity_src_gen.pdbx_host_org_tissue               ? 
_entity_src_gen.pdbx_host_org_tissue_fraction      ? 
_entity_src_gen.pdbx_host_org_strain               ? 
_entity_src_gen.pdbx_host_org_variant              ? 
_entity_src_gen.pdbx_host_org_cell_line            ? 
_entity_src_gen.pdbx_host_org_atcc                 ? 
_entity_src_gen.pdbx_host_org_culture_collection   ? 
_entity_src_gen.pdbx_host_org_cell                 ? 
_entity_src_gen.pdbx_host_org_organelle            ? 
_entity_src_gen.pdbx_host_org_cellular_location    ? 
_entity_src_gen.pdbx_host_org_vector_type          ? 
_entity_src_gen.pdbx_host_org_vector               ? 
_entity_src_gen.host_org_details                   ? 
_entity_src_gen.expression_system_id               ? 
_entity_src_gen.plasmid_name                       ? 
_entity_src_gen.plasmid_details                    ? 
_entity_src_gen.pdbx_description                   ? 
# 
loop_
_chem_comp.id 
_chem_comp.type 
_chem_comp.mon_nstd_flag 
_chem_comp.name 
_chem_comp.pdbx_synonyms 
_chem_comp.formula 
_chem_comp.formula_weight 
ALA 'L-peptide linking' y ALANINE         ? 'C3 H7 N O2'     89.093  
ARG 'L-peptide linking' y ARGININE        ? 'C6 H15 N4 O2 1' 175.209 
ASN 'L-peptide linking' y ASPARAGINE      ? 'C4 H8 N2 O3'    132.118 
ASP 'L-peptide linking' y 'ASPARTIC ACID' ? 'C4 H7 N O4'     133.103 
CYS 'L-peptide linking' y CYSTEINE        ? 'C3 H7 N O2 S'   121.158 
GLN 'L-peptide linking' y GLUTAMINE       ? 'C5 H10 N2 O3'   146.144 
GLU 'L-peptide linking' y 'GLUTAMIC ACID' ? 'C5 H9 N O4'     147.129 
GLY 'peptide linking'   y GLYCINE         ? 'C2 H5 N O2'     75.067  
HIS 'L-peptide linking' y HISTIDINE       ? 'C6 H10 N3 O2 1' 156.162 
HOH non-polymer         . WATER           ? 'H2 O'           18.015  
ILE 'L-peptide linking' y ISOLEUCINE      ? 'C6 H13 N O2'    131.173 
LEU 'L-peptide linking' y LEUCINE         ? 'C6 H13 N O2'    131.173 
LYS 'L-peptide linking' y LYSINE          ? 'C6 H15 N2 O2 1' 147.195 
MET 'L-peptide linking' y METHIONINE      ? 'C5 H11 N O2 S'  149.211 
PHE 'L-peptide linking' y PHENYLALANINE   ? 'C9 H11 N O2'    165.189 
PRO 'L-peptide linking' y PROLINE         ? 'C5 H9 N O2'     115.130 
SER 'L-peptide linking' y SERINE          ? 'C3 H7 N O3'     105.093 
THR 'L-peptide linking' y THREONINE       ? 'C4 H9 N O3'     119.119 
TRP 'L-peptide linking' y TRYPTOPHAN      ? 'C11 H12 N2 O2'  204.225 
TYR 'L-peptide linking' y TYROSINE        ? 'C9 H11 N O3'    181.189 
VAL 'L-peptide linking' y VALINE          ? 'C5 H11 N O2'    117.146 
# 
loop_
_pdbx_poly_seq_scheme.asym_id 
_pdbx_poly_seq_scheme.entity_id 
_pdbx_poly_seq_scheme.seq_id 
_pdbx_poly_seq_scheme.mon_id 
_pdbx_poly_seq_scheme.ndb_seq_num 
_pdbx_poly_seq_scheme.pdb_seq_num 
_pdbx_poly_seq_scheme.auth_seq_num 
_pdbx_poly_seq_scheme.pdb_mon_id 
_pdbx_poly_seq_scheme.auth_mon_id 
_pdbx_poly_seq_scheme.pdb_strand_id 
_pdbx_poly_seq_scheme.pdb_ins_code 
_pdbx_poly_seq_scheme.hetero 
A 1 1   ASN 1   150 150 ASN ASN A . n 
A 1 2   LYS 2   151 151 LYS LYS A . n 
A 1 3   ARG 3   152 152 ARG ARG A . n 
A 1 4   ALA 4   153 153 ALA ALA A . n 
A 1 5   PRO 5   154 154 PRO PRO A . n 
A 1 6   TYR 6   155 155 TYR TYR A . n 
A 1 7   TRP 7   156 156 TRP TRP A . n 
A 1 8   THR 8   157 157 THR THR A . n 
A 1 9   ASN 9   158 158 ASN ASN A . n 
A 1 10  THR 10  159 159 THR THR A . n 
A 1 11  GLU 11  160 160 GLU GLU A . n 
A 1 12  LYS 12  161 161 LYS LYS A . n 
A 1 13  MET 13  162 162 MET MET A . n 
A 1 14  GLU 14  163 163 GLU GLU A . n 
A 1 15  LYS 15  164 164 LYS LYS A . n 
A 1 16  ARG 16  165 165 ARG ARG A . n 
A 1 17  LEU 17  166 166 LEU LEU A . n 
A 1 18  HIS 18  167 167 HIS HIS A . n 
A 1 19  ALA 19  168 168 ALA ALA A . n 
A 1 20  VAL 20  169 169 VAL VAL A . n 
A 1 21  PRO 21  170 170 PRO PRO A . n 
A 1 22  ALA 22  171 171 ALA ALA A . n 
A 1 23  ALA 23  172 172 ALA ALA A . n 
A 1 24  ASN 24  173 173 ASN ASN A . n 
A 1 25  THR 25  174 174 THR THR A . n 
A 1 26  VAL 26  175 175 VAL VAL A . n 
A 1 27  LYS 27  176 176 LYS LYS A . n 
A 1 28  PHE 28  177 177 PHE PHE A . n 
A 1 29  ARG 29  178 178 ARG ARG A . n 
A 1 30  CYS 30  179 179 CYS CYS A . n 
A 1 31  PRO 31  180 180 PRO PRO A . n 
A 1 32  ALA 32  181 181 ALA ALA A . n 
A 1 33  GLY 33  182 182 GLY GLY A . n 
A 1 34  GLY 34  183 183 GLY GLY A . n 
A 1 35  ASN 35  184 184 ASN ASN A . n 
A 1 36  PRO 36  185 185 PRO PRO A . n 
A 1 37  MET 37  186 186 MET MET A . n 
A 1 38  PRO 38  187 187 PRO PRO A . n 
A 1 39  THR 39  188 188 THR THR A . n 
A 1 40  MET 40  189 189 MET MET A . n 
A 1 41  ARG 41  190 190 ARG ARG A . n 
A 1 42  TRP 42  191 191 TRP TRP A . n 
A 1 43  LEU 43  192 192 LEU LEU A . n 
A 1 44  LYS 44  193 193 LYS LYS A . n 
A 1 45  ASN 45  194 194 ASN ASN A . n 
A 1 46  GLY 46  195 195 GLY GLY A . n 
A 1 47  LYS 47  196 196 LYS LYS A . n 
A 1 48  GLU 48  197 197 GLU GLU A . n 
A 1 49  PHE 49  198 198 PHE PHE A . n 
A 1 50  LYS 50  199 199 LYS LYS A . n 
A 1 51  GLN 51  200 200 GLN GLN A . n 
A 1 52  GLU 52  201 201 GLU GLU A . n 
A 1 53  HIS 53  202 202 HIS HIS A . n 
A 1 54  ARG 54  203 203 ARG ARG A . n 
A 1 55  ILE 55  204 204 ILE ILE A . n 
A 1 56  GLY 56  205 205 GLY GLY A . n 
A 1 57  GLY 57  206 206 GLY GLY A . n 
A 1 58  TYR 58  207 207 TYR TYR A . n 
A 1 59  LYS 59  208 208 LYS LYS A . n 
A 1 60  VAL 60  209 209 VAL VAL A . n 
A 1 61  ARG 61  210 210 ARG ARG A . n 
A 1 62  ASN 62  211 211 ASN ASN A . n 
A 1 63  GLN 63  212 212 GLN GLN A . n 
A 1 64  HIS 64  213 213 HIS HIS A . n 
A 1 65  TRP 65  214 214 TRP TRP A . n 
A 1 66  SER 66  215 215 SER SER A . n 
A 1 67  LEU 67  216 216 LEU LEU A . n 
A 1 68  ILE 68  217 217 ILE ILE A . n 
A 1 69  MET 69  218 218 MET MET A . n 
A 1 70  GLU 70  219 219 GLU GLU A . n 
A 1 71  SER 71  220 220 SER SER A . n 
A 1 72  VAL 72  221 221 VAL VAL A . n 
A 1 73  VAL 73  222 222 VAL VAL A . n 
A 1 74  PRO 74  223 223 PRO PRO A . n 
A 1 75  SER 75  224 224 SER SER A . n 
A 1 76  ASP 76  225 225 ASP ASP A . n 
A 1 77  LYS 77  226 226 LYS LYS A . n 
A 1 78  GLY 78  227 227 GLY GLY A . n 
A 1 79  ASN 79  228 228 ASN ASN A . n 
A 1 80  TYR 80  229 229 TYR TYR A . n 
A 1 81  THR 81  230 230 THR THR A . n 
A 1 82  CYS 82  231 231 CYS CYS A . n 
A 1 83  VAL 83  232 232 VAL VAL A . n 
A 1 84  VAL 84  233 233 VAL VAL A . n 
A 1 85  GLU 85  234 234 GLU GLU A . n 
A 1 86  ASN 86  235 235 ASN ASN A . n 
A 1 87  GLU 87  236 236 GLU GLU A . n 
A 1 88  TYR 88  237 237 TYR TYR A . n 
A 1 89  GLY 89  238 238 GLY GLY A . n 
A 1 90  SER 90  239 239 SER SER A . n 
A 1 91  ILE 91  240 240 ILE ILE A . n 
A 1 92  ASN 92  241 241 ASN ASN A . n 
A 1 93  HIS 93  242 242 HIS HIS A . n 
A 1 94  THR 94  243 243 THR THR A . n 
A 1 95  TYR 95  244 244 TYR TYR A . n 
A 1 96  HIS 96  245 245 HIS HIS A . n 
A 1 97  LEU 97  246 246 LEU LEU A . n 
A 1 98  ASP 98  247 247 ASP ASP A . n 
A 1 99  VAL 99  248 248 VAL VAL A . n 
A 1 100 VAL 100 249 249 VAL VAL A . n 
# 
loop_
_pdbx_nonpoly_scheme.asym_id 
_pdbx_nonpoly_scheme.entity_id 
_pdbx_nonpoly_scheme.mon_id 
_pdbx_nonpoly_scheme.ndb_seq_num 
_pdbx_nonpoly_scheme.pdb_seq_num 
_pdbx_nonpoly_scheme.auth_seq_num 
_pdbx_nonpoly_scheme.pdb_mon_id 
_pdbx_nonpoly_scheme.auth_mon_id 
_pdbx_nonpoly_scheme.pdb_strand_id 
_pdbx_nonpoly_scheme.pdb_ins_code 
B 2 HOH 1  1  1  HOH HOH A . 
B 2 HOH 2  2  2  HOH HOH A . 
B 2 HOH 3  3  3  HOH HOH A . 
B 2 HOH 4  4  4  HOH HOH A . 
B 2 HOH 5  5  5  HOH HOH A . 
B 2 HOH 6  6  6  HOH HOH A . 
B 2 HOH 7  7  7  HOH HOH A . 
B 2 HOH 8  8  8  HOH HOH A . 
B 2 HOH 9  9  9  HOH HOH A . 
B 2 HOH 10 10 10 HOH HOH A . 
B 2 HOH 11 11 11 HOH HOH A . 
B 2 HOH 12 12 12 HOH HOH A . 
B 2 HOH 13 13 13 HOH HOH A . 
B 2 HOH 14 14 14 HOH HOH A . 
B 2 HOH 15 15 15 HOH HOH A . 
B 2 HOH 16 16 16 HOH HOH A . 
B 2 HOH 17 17 17 HOH HOH A . 
B 2 HOH 18 18 18 HOH HOH A . 
B 2 HOH 19 19 19 HOH HOH A . 
B 2 HOH 20 20 20 HOH HOH A . 
B 2 HOH 21 21 21 HOH HOH A . 
B 2 HOH 22 22 22 HOH HOH A . 
B 2 HOH 23 23 23 HOH HOH A . 
B 2 HOH 24 24 24 HOH HOH A . 
B 2 HOH 25 25 25 HOH HOH A . 
B 2 HOH 26 26 26 HOH HOH A . 
B 2 HOH 27 27 27 HOH HOH A . 
B 2 HOH 28 28 28 HOH HOH A . 
B 2 HOH 29 29 29 HOH HOH A . 
B 2 HOH 30 30 30 HOH HOH A . 
B 2 HOH 31 31 31 HOH HOH A . 
B 2 HOH 32 32 32 HOH HOH A . 
B 2 HOH 33 33 33 HOH HOH A . 
B 2 HOH 34 34 34 HOH HOH A . 
B 2 HOH 35 35 35 HOH HOH A . 
B 2 HOH 36 36 36 HOH HOH A . 
B 2 HOH 37 37 37 HOH HOH A . 
B 2 HOH 38 38 38 HOH HOH A . 
B 2 HOH 39 39 39 HOH HOH A . 
B 2 HOH 40 40 40 HOH HOH A . 
B 2 HOH 41 41 41 HOH HOH A . 
B 2 HOH 42 42 42 HOH HOH A . 
B 2 HOH 43 43 43 HOH HOH A . 
B 2 HOH 44 44 44 HOH HOH A . 
B 2 HOH 45 45 45 HOH HOH A . 
B 2 HOH 46 46 46 HOH HOH A . 
B 2 HOH 47 47 47 HOH HOH A . 
B 2 HOH 48 48 48 HOH HOH A . 
B 2 HOH 49 49 49 HOH HOH A . 
B 2 HOH 50 50 50 HOH HOH A . 
B 2 HOH 51 51 51 HOH HOH A . 
B 2 HOH 52 52 52 HOH HOH A . 
B 2 HOH 53 53 53 HOH HOH A . 
B 2 HOH 54 54 54 HOH HOH A . 
# 
loop_
_software.name 
_software.version 
_software.date 
_software.type 
_software.contact_author 
_software.contact_author_email 
_software.classification 
_software.location 
_software.language 
_software.citation_id 
_software.pdbx_ordinal 
d*TREK       9.2SSI 'Nov 2 2004'         package 'Pflugrath, J.W.' jwp@RigakuMSC.com           'data scaling'    
http://www.msc.com/protein/dtrek.html       ?          ? 1 
PHASER       .      ?                    other   'R. J. Read'      cimr-phaser@lists.cam.ac.uk phasing           
http://www-structmed.cimr.cam.ac.uk/phaser/ ?          ? 2 
REFMAC       .      ?                    program 'Murshudov, G.N.' ccp4@dl.ac.uk               refinement        
http://www.ccp4.ac.uk/main.html             Fortran_77 ? 3 
PDB_EXTRACT  3.004  'September 10, 2007' package PDB               sw-help@rcsb.rutgers.edu    'data extraction' 
http://pdb.rutgers.edu/software/            C++        ? 4 
CrystalClear .      ?                    ?       ?                 ?                           'data collection' ? ?          ? 5 
CrystalClear .      ?                    ?       ?                 ?                           'data reduction'  ? ?          ? 6 
CrystalClear .      ?                    ?       ?                 ?                           'data scaling'    ? ?          ? 7 
# 
_cell.length_a           42.500 
_cell.length_b           79.900 
_cell.length_c           37.290 
_cell.angle_alpha        90.000 
_cell.angle_beta         90.000 
_cell.angle_gamma        90.000 
_cell.entry_id           3CAF 
_cell.pdbx_unique_axis   ? 
_cell.Z_PDB              4 
_cell.length_a_esd       ? 
_cell.length_b_esd       ? 
_cell.length_c_esd       ? 
_cell.angle_alpha_esd    ? 
_cell.angle_beta_esd     ? 
_cell.angle_gamma_esd    ? 
# 
_symmetry.space_group_name_H-M             'P 21 21 2' 
_symmetry.entry_id                         3CAF 
_symmetry.Int_Tables_number                18 
_symmetry.pdbx_full_space_group_name_H-M   ? 
_symmetry.cell_setting                     ? 
_symmetry.space_group_name_Hall            ? 
# 
_exptl.crystals_number   1 
_exptl.entry_id          3CAF 
_exptl.method            'X-RAY DIFFRACTION' 
# 
_exptl_crystal.id                    1 
_exptl_crystal.density_Matthews      2.73 
_exptl_crystal.density_meas          ? 
_exptl_crystal.density_percent_sol   54.90 
_exptl_crystal.description           ? 
_exptl_crystal.F_000                 ? 
_exptl_crystal.preparation           ? 
# 
_exptl_crystal_grow.crystal_id      1 
_exptl_crystal_grow.method          'VAPOR DIFFUSION, HANGING DROP' 
_exptl_crystal_grow.pH              7.5 
_exptl_crystal_grow.temp            298 
_exptl_crystal_grow.pdbx_details    
'20%(w/v) PEG3350, 0.1M (NH3)2SO4, 100mM HEPES, pH 7.5, VAPOR DIFFUSION, HANGING DROP, temperature 298K' 
_exptl_crystal_grow.temp_details    ? 
_exptl_crystal_grow.pdbx_pH_range   . 
# 
_diffrn.id                     1 
_diffrn.ambient_temp           298 
_diffrn.ambient_temp_details   ? 
_diffrn.crystal_id             1 
# 
_diffrn_detector.diffrn_id              1 
_diffrn_detector.detector               CCD 
_diffrn_detector.type                   'RIGAKU SATURN 944' 
_diffrn_detector.pdbx_collection_date   2006-10-27 
_diffrn_detector.details                ? 
# 
_diffrn_radiation.diffrn_id                        1 
_diffrn_radiation.pdbx_diffrn_protocol             'SINGLE WAVELENGTH' 
_diffrn_radiation.monochromator                    ? 
_diffrn_radiation.wavelength_id                    1 
_diffrn_radiation.pdbx_monochromatic_or_laue_m_l   ? 
_diffrn_radiation.pdbx_scattering_type             x-ray 
# 
_diffrn_radiation_wavelength.id           1 
_diffrn_radiation_wavelength.wavelength   1.5418 
_diffrn_radiation_wavelength.wt           1.0 
# 
_diffrn_source.diffrn_id                   1 
_diffrn_source.source                      'ROTATING ANODE' 
_diffrn_source.type                        'RIGAKU MICROMAX-007 HF' 
_diffrn_source.pdbx_wavelength_list        1.5418 
_diffrn_source.pdbx_wavelength             ? 
_diffrn_source.pdbx_synchrotron_site       ? 
_diffrn_source.pdbx_synchrotron_beamline   ? 
# 
_reflns.entry_id                     3CAF 
_reflns.d_resolution_high            1.960 
_reflns.d_resolution_low             16.760 
_reflns.number_obs                   9401 
_reflns.pdbx_scaling_rejects         242 
_reflns.pdbx_Rmerge_I_obs            0.048 
_reflns.pdbx_netI_over_sigmaI        14.400 
_reflns.pdbx_chi_squared             0.980 
_reflns.pdbx_redundancy              3.390 
_reflns.percent_possible_obs         98.100 
_reflns.observed_criterion_sigma_F   ? 
_reflns.observed_criterion_sigma_I   ? 
_reflns.number_all                   ? 
_reflns.pdbx_Rsym_value              ? 
_reflns.B_iso_Wilson_estimate        ? 
_reflns.R_free_details               ? 
_reflns.limit_h_max                  ? 
_reflns.limit_h_min                  ? 
_reflns.limit_k_max                  ? 
_reflns.limit_k_min                  ? 
_reflns.limit_l_max                  ? 
_reflns.limit_l_min                  ? 
_reflns.observed_criterion_F_max     ? 
_reflns.observed_criterion_F_min     ? 
_reflns.pdbx_ordinal                 1 
_reflns.pdbx_diffrn_id               1 
# 
loop_
_reflns_shell.d_res_high 
_reflns_shell.d_res_low 
_reflns_shell.number_measured_obs 
_reflns_shell.number_measured_all 
_reflns_shell.number_unique_obs 
_reflns_shell.Rmerge_I_obs 
_reflns_shell.meanI_over_sigI_obs 
_reflns_shell.pdbx_Rsym_value 
_reflns_shell.pdbx_chi_squared 
_reflns_shell.pdbx_redundancy 
_reflns_shell.percent_possible_obs 
_reflns_shell.number_unique_all 
_reflns_shell.percent_possible_all 
_reflns_shell.pdbx_ordinal 
_reflns_shell.pdbx_diffrn_id 
1.96 2.03  ? 1747 ? 0.386 1.9  ? 1.120 2.22 ? 785  84.90  1  1 
2.03 2.11  ? 2541 ? 0.366 2.4  ? 1.020 2.81 ? 901  96.80  2  1 
2.11 2.21  ? 3298 ? 0.308 3.3  ? 1.060 3.46 ? 948  99.80  3  1 
2.21 2.32  ? 3445 ? 0.240 3.9  ? 1.000 3.63 ? 943  99.80  4  1 
2.32 2.47  ? 3393 ? 0.197 4.9  ? 0.950 3.60 ? 935  99.90  5  1 
2.47 2.66  ? 3524 ? 0.150 6.3  ? 0.900 3.63 ? 964  100.00 6  1 
2.66 2.92  ? 3443 ? 0.096 9.9  ? 0.910 3.66 ? 938  99.70  7  1 
2.92 3.34  ? 3535 ? 0.057 15.8 ? 0.860 3.64 ? 970  100.00 8  1 
3.34 4.20  ? 3580 ? 0.031 32.6 ? 0.980 3.61 ? 979  99.80  9  1 
4.20 16.76 ? 3587 ? 0.021 51.7 ? 1.140 3.39 ? 1038 99.70  10 1 
# 
_refine.entry_id                                 3CAF 
_refine.ls_d_res_high                            1.960 
_refine.ls_d_res_low                             16.760 
_refine.pdbx_ls_sigma_F                          0.00 
_refine.ls_percent_reflns_obs                    88.660 
_refine.ls_number_reflns_obs                     8479 
_refine.pdbx_ls_cross_valid_method               THROUGHOUT 
_refine.pdbx_R_Free_selection_details            RANDOM 
_refine.details                                  'HYDROGENS HAVE BEEN ADDED IN THE RIDING POSITIONS' 
_refine.ls_R_factor_obs                          0.191 
_refine.ls_R_factor_R_work                       0.187 
_refine.ls_R_factor_R_free                       0.275 
_refine.ls_percent_reflns_R_free                 4.900 
_refine.ls_number_reflns_R_free                  416 
_refine.B_iso_mean                               18.551 
_refine.aniso_B[1][1]                            0.000 
_refine.aniso_B[2][2]                            0.000 
_refine.aniso_B[3][3]                            0.000 
_refine.aniso_B[1][2]                            0.000 
_refine.aniso_B[1][3]                            0.000 
_refine.aniso_B[2][3]                            0.000 
_refine.correlation_coeff_Fo_to_Fc               0.969 
_refine.correlation_coeff_Fo_to_Fc_free          0.924 
_refine.pdbx_overall_ESU_R                       0.169 
_refine.pdbx_overall_ESU_R_Free                  0.187 
_refine.overall_SU_ML                            0.163 
_refine.overall_SU_B                             12.770 
_refine.solvent_model_details                    'BABINET MODEL WITH MASK' 
_refine.pdbx_solvent_vdw_probe_radii             1.200 
_refine.pdbx_solvent_ion_probe_radii             0.800 
_refine.pdbx_solvent_shrinkage_radii             0.800 
_refine.pdbx_method_to_determine_struct          'MOLECULAR REPLACEMENT' 
_refine.pdbx_stereochemistry_target_values       'MAXIMUM LIKELIHOOD' 
_refine.pdbx_ls_sigma_I                          ? 
_refine.ls_number_reflns_all                     ? 
_refine.ls_R_factor_all                          ? 
_refine.ls_redundancy_reflns_obs                 ? 
_refine.pdbx_data_cutoff_high_absF               ? 
_refine.pdbx_data_cutoff_low_absF                ? 
_refine.ls_number_parameters                     ? 
_refine.ls_number_restraints                     ? 
_refine.ls_R_factor_R_free_error                 ? 
_refine.ls_R_factor_R_free_error_details         ? 
_refine.pdbx_starting_model                      ? 
_refine.pdbx_stereochem_target_val_spec_case     ? 
_refine.solvent_model_param_bsol                 ? 
_refine.solvent_model_param_ksol                 ? 
_refine.occupancy_max                            ? 
_refine.occupancy_min                            ? 
_refine.pdbx_isotropic_thermal_model             ? 
_refine.B_iso_min                                ? 
_refine.B_iso_max                                ? 
_refine.overall_SU_R_Cruickshank_DPI             ? 
_refine.overall_SU_R_free                        ? 
_refine.pdbx_data_cutoff_high_rms_absF           ? 
_refine.ls_wR_factor_R_free                      ? 
_refine.ls_wR_factor_R_work                      ? 
_refine.overall_FOM_free_R_set                   ? 
_refine.overall_FOM_work_R_set                   ? 
_refine.pdbx_overall_phase_error                 ? 
_refine.pdbx_refine_id                           'X-RAY DIFFRACTION' 
_refine.pdbx_TLS_residual_ADP_flag               'LIKELY RESIDUAL' 
_refine.pdbx_diffrn_id                           1 
_refine.pdbx_overall_SU_R_free_Cruickshank_DPI   ? 
_refine.pdbx_overall_SU_R_Blow_DPI               ? 
_refine.pdbx_overall_SU_R_free_Blow_DPI          ? 
# 
_refine_hist.pdbx_refine_id                   'X-RAY DIFFRACTION' 
_refine_hist.cycle_id                         LAST 
_refine_hist.pdbx_number_atoms_protein        814 
_refine_hist.pdbx_number_atoms_nucleic_acid   0 
_refine_hist.pdbx_number_atoms_ligand         0 
_refine_hist.number_atoms_solvent             54 
_refine_hist.number_atoms_total               868 
_refine_hist.d_res_high                       1.960 
_refine_hist.d_res_low                        16.760 
# 
loop_
_refine_ls_restr.type 
_refine_ls_restr.number 
_refine_ls_restr.dev_ideal 
_refine_ls_restr.dev_ideal_target 
_refine_ls_restr.weight 
_refine_ls_restr.pdbx_refine_id 
_refine_ls_restr.pdbx_restraint_function 
r_bond_refined_d         838  0.032  0.021  ? 'X-RAY DIFFRACTION' ? 
r_angle_refined_deg      1134 2.082  1.921  ? 'X-RAY DIFFRACTION' ? 
r_dihedral_angle_1_deg   99   2.654  5.000  ? 'X-RAY DIFFRACTION' ? 
r_dihedral_angle_2_deg   41   26.958 23.415 ? 'X-RAY DIFFRACTION' ? 
r_dihedral_angle_3_deg   145  11.785 15.000 ? 'X-RAY DIFFRACTION' ? 
r_dihedral_angle_4_deg   6    8.509  15.000 ? 'X-RAY DIFFRACTION' ? 
r_chiral_restr           115  0.181  0.200  ? 'X-RAY DIFFRACTION' ? 
r_gen_planes_refined     644  0.011  0.020  ? 'X-RAY DIFFRACTION' ? 
r_nbd_refined            338  0.269  0.200  ? 'X-RAY DIFFRACTION' ? 
r_nbtor_refined          555  0.331  0.200  ? 'X-RAY DIFFRACTION' ? 
r_xyhbond_nbd_refined    52   0.182  0.200  ? 'X-RAY DIFFRACTION' ? 
r_symmetry_vdw_refined   16   0.174  0.200  ? 'X-RAY DIFFRACTION' ? 
r_symmetry_hbond_refined 4    0.206  0.200  ? 'X-RAY DIFFRACTION' ? 
r_mcbond_it              515  24.764 2.000  ? 'X-RAY DIFFRACTION' ? 
r_mcangle_it             807  23.374 3.000  ? 'X-RAY DIFFRACTION' ? 
r_scbond_it              381  ?      2.000  ? 'X-RAY DIFFRACTION' ? 
r_scangle_it             327  87.486 3.000  ? 'X-RAY DIFFRACTION' ? 
# 
_refine_ls_shell.d_res_high                       1.960 
_refine_ls_shell.d_res_low                        2.011 
_refine_ls_shell.pdbx_total_number_of_bins_used   20 
_refine_ls_shell.percent_reflns_obs               25.770 
_refine_ls_shell.number_reflns_R_work             169 
_refine_ls_shell.R_factor_all                     ? 
_refine_ls_shell.R_factor_R_work                  0.276 
_refine_ls_shell.R_factor_R_free                  0.446 
_refine_ls_shell.percent_reflns_R_free            ? 
_refine_ls_shell.number_reflns_R_free             6 
_refine_ls_shell.R_factor_R_free_error            ? 
_refine_ls_shell.number_reflns_all                175 
_refine_ls_shell.number_reflns_obs                ? 
_refine_ls_shell.redundancy_reflns_obs            ? 
_refine_ls_shell.pdbx_refine_id                   'X-RAY DIFFRACTION' 
# 
_struct.entry_id                  3CAF 
_struct.title                     'Crystal Structure of hFGFR2 D2 Domain' 
_struct.pdbx_model_details        ? 
_struct.pdbx_CASP_flag            ? 
_struct.pdbx_model_type_details   ? 
# 
_struct_keywords.entry_id        3CAF 
_struct_keywords.text            
;FGFR2, D2, Fibroblast Growth Factor, ATP-binding, Disease mutation, Ectodermal dysplasia, Glycoprotein, Heparin-binding, Immunoglobulin domain, Kinase, Lacrimo-auriculo-dento-digital syndrome, Membrane, Nucleotide-binding, Phosphoprotein, Receptor, Secreted, Transferase, Transmembrane, Tyrosine-protein kinase
;
_struct_keywords.pdbx_keywords   TRANSFERASE 
# 
loop_
_struct_asym.id 
_struct_asym.pdbx_blank_PDB_chainid_flag 
_struct_asym.pdbx_modified 
_struct_asym.entity_id 
_struct_asym.details 
A N N 1 ? 
B N N 2 ? 
# 
_struct_ref.id                         1 
_struct_ref.db_name                    UNP 
_struct_ref.db_code                    FGFR2_HUMAN 
_struct_ref.pdbx_db_accession          P21802 
_struct_ref.entity_id                  1 
_struct_ref.pdbx_seq_one_letter_code   
;NKRAPYWTNTEKMEKRLHAVPAANTVKFRCPAGGNPMPTMRWLKNGKEFKQEHRIGGYKVRNQHWSLIMESVVPSDKGNY
TCVVENEYGSINHTYHLDVV
;
_struct_ref.pdbx_align_begin           150 
_struct_ref.pdbx_db_isoform            ? 
# 
_struct_ref_seq.align_id                      1 
_struct_ref_seq.ref_id                        1 
_struct_ref_seq.pdbx_PDB_id_code              3CAF 
_struct_ref_seq.pdbx_strand_id                A 
_struct_ref_seq.seq_align_beg                 1 
_struct_ref_seq.pdbx_seq_align_beg_ins_code   ? 
_struct_ref_seq.seq_align_end                 100 
_struct_ref_seq.pdbx_seq_align_end_ins_code   ? 
_struct_ref_seq.pdbx_db_accession             P21802 
_struct_ref_seq.db_align_beg                  150 
_struct_ref_seq.pdbx_db_align_beg_ins_code    ? 
_struct_ref_seq.db_align_end                  249 
_struct_ref_seq.pdbx_db_align_end_ins_code    ? 
_struct_ref_seq.pdbx_auth_seq_align_beg       150 
_struct_ref_seq.pdbx_auth_seq_align_end       249 
# 
loop_
_pdbx_struct_assembly.id 
_pdbx_struct_assembly.details 
_pdbx_struct_assembly.method_details 
_pdbx_struct_assembly.oligomeric_details 
_pdbx_struct_assembly.oligomeric_count 
1 author_defined_assembly   ?    dimeric   2 
2 software_defined_assembly PISA monomeric 1 
# 
loop_
_pdbx_struct_assembly_gen.assembly_id 
_pdbx_struct_assembly_gen.oper_expression 
_pdbx_struct_assembly_gen.asym_id_list 
1 1,2 A,B 
2 1   A,B 
# 
loop_
_pdbx_struct_oper_list.id 
_pdbx_struct_oper_list.type 
_pdbx_struct_oper_list.name 
_pdbx_struct_oper_list.symmetry_operation 
_pdbx_struct_oper_list.matrix[1][1] 
_pdbx_struct_oper_list.matrix[1][2] 
_pdbx_struct_oper_list.matrix[1][3] 
_pdbx_struct_oper_list.vector[1] 
_pdbx_struct_oper_list.matrix[2][1] 
_pdbx_struct_oper_list.matrix[2][2] 
_pdbx_struct_oper_list.matrix[2][3] 
_pdbx_struct_oper_list.vector[2] 
_pdbx_struct_oper_list.matrix[3][1] 
_pdbx_struct_oper_list.matrix[3][2] 
_pdbx_struct_oper_list.matrix[3][3] 
_pdbx_struct_oper_list.vector[3] 
1 'identity operation'         1_555 x,y,z   1.0000000000  0.0000000000 0.0000000000 0.0000000000   0.0000000000 1.0000000000  0.0000000000 0.0000000000 0.0000000000 0.0000000000 1.0000000000  0.0000000000  
2 'crystal symmetry operation' 2_555 -x,-y,z -0.6274488814 0.5710031425 0.5293990106 -27.3694662685 0.5710031425 -0.1248326135 0.8114013987 3.8110206650 0.5293990106 0.8114013987 -0.2477185051 15.1500481426 
# 
_struct_biol.id        1 
_struct_biol.details   ? 
# 
loop_
_struct_conf.conf_type_id 
_struct_conf.id 
_struct_conf.pdbx_PDB_helix_id 
_struct_conf.beg_label_comp_id 
_struct_conf.beg_label_asym_id 
_struct_conf.beg_label_seq_id 
_struct_conf.pdbx_beg_PDB_ins_code 
_struct_conf.end_label_comp_id 
_struct_conf.end_label_asym_id 
_struct_conf.end_label_seq_id 
_struct_conf.pdbx_end_PDB_ins_code 
_struct_conf.beg_auth_comp_id 
_struct_conf.beg_auth_asym_id 
_struct_conf.beg_auth_seq_id 
_struct_conf.end_auth_comp_id 
_struct_conf.end_auth_asym_id 
_struct_conf.end_auth_seq_id 
_struct_conf.pdbx_PDB_helix_class 
_struct_conf.details 
_struct_conf.pdbx_PDB_helix_length 
HELX_P HELX_P1 1 LYS A 50 ? ARG A 54 ? LYS A 199 ARG A 203 5 ? 5 
HELX_P HELX_P2 2 ASN A 62 ? HIS A 64 ? ASN A 211 HIS A 213 5 ? 3 
HELX_P HELX_P3 3 VAL A 73 ? LYS A 77 ? VAL A 222 LYS A 226 5 ? 5 
# 
_struct_conf_type.id          HELX_P 
_struct_conf_type.criteria    ? 
_struct_conf_type.reference   ? 
# 
_struct_conn.id                            disulf1 
_struct_conn.conn_type_id                  disulf 
_struct_conn.pdbx_leaving_atom_flag        ? 
_struct_conn.pdbx_PDB_id                   ? 
_struct_conn.ptnr1_label_asym_id           A 
_struct_conn.ptnr1_label_comp_id           CYS 
_struct_conn.ptnr1_label_seq_id            30 
_struct_conn.ptnr1_label_atom_id           SG 
_struct_conn.pdbx_ptnr1_label_alt_id       ? 
_struct_conn.pdbx_ptnr1_PDB_ins_code       ? 
_struct_conn.pdbx_ptnr1_standard_comp_id   ? 
_struct_conn.ptnr1_symmetry                1_555 
_struct_conn.ptnr2_label_asym_id           A 
_struct_conn.ptnr2_label_comp_id           CYS 
_struct_conn.ptnr2_label_seq_id            82 
_struct_conn.ptnr2_label_atom_id           SG 
_struct_conn.pdbx_ptnr2_label_alt_id       ? 
_struct_conn.pdbx_ptnr2_PDB_ins_code       ? 
_struct_conn.ptnr1_auth_asym_id            A 
_struct_conn.ptnr1_auth_comp_id            CYS 
_struct_conn.ptnr1_auth_seq_id             179 
_struct_conn.ptnr2_auth_asym_id            A 
_struct_conn.ptnr2_auth_comp_id            CYS 
_struct_conn.ptnr2_auth_seq_id             231 
_struct_conn.ptnr2_symmetry                1_555 
_struct_conn.pdbx_ptnr3_label_atom_id      ? 
_struct_conn.pdbx_ptnr3_label_seq_id       ? 
_struct_conn.pdbx_ptnr3_label_comp_id      ? 
_struct_conn.pdbx_ptnr3_label_asym_id      ? 
_struct_conn.pdbx_ptnr3_label_alt_id       ? 
_struct_conn.pdbx_ptnr3_PDB_ins_code       ? 
_struct_conn.details                       ? 
_struct_conn.pdbx_dist_value               2.013 
_struct_conn.pdbx_value_order              ? 
_struct_conn.pdbx_role                     ? 
# 
_struct_conn_type.id          disulf 
_struct_conn_type.criteria    ? 
_struct_conn_type.reference   ? 
# 
_pdbx_modification_feature.ordinal                            1 
_pdbx_modification_feature.label_comp_id                      CYS 
_pdbx_modification_feature.label_asym_id                      A 
_pdbx_modification_feature.label_seq_id                       30 
_pdbx_modification_feature.label_alt_id                       ? 
_pdbx_modification_feature.modified_residue_label_comp_id     CYS 
_pdbx_modification_feature.modified_residue_label_asym_id     A 
_pdbx_modification_feature.modified_residue_label_seq_id      82 
_pdbx_modification_feature.modified_residue_label_alt_id      ? 
_pdbx_modification_feature.auth_comp_id                       CYS 
_pdbx_modification_feature.auth_asym_id                       A 
_pdbx_modification_feature.auth_seq_id                        179 
_pdbx_modification_feature.PDB_ins_code                       ? 
_pdbx_modification_feature.symmetry                           1_555 
_pdbx_modification_feature.modified_residue_auth_comp_id      CYS 
_pdbx_modification_feature.modified_residue_auth_asym_id      A 
_pdbx_modification_feature.modified_residue_auth_seq_id       231 
_pdbx_modification_feature.modified_residue_PDB_ins_code      ? 
_pdbx_modification_feature.modified_residue_symmetry          1_555 
_pdbx_modification_feature.comp_id_linking_atom               SG 
_pdbx_modification_feature.modified_residue_id_linking_atom   SG 
_pdbx_modification_feature.modified_residue_id                . 
_pdbx_modification_feature.ref_pcm_id                         . 
_pdbx_modification_feature.ref_comp_id                        . 
_pdbx_modification_feature.type                               None 
_pdbx_modification_feature.category                           'Disulfide bridge' 
# 
_struct_mon_prot_cis.pdbx_id                1 
_struct_mon_prot_cis.label_comp_id          ASN 
_struct_mon_prot_cis.label_seq_id           35 
_struct_mon_prot_cis.label_asym_id          A 
_struct_mon_prot_cis.label_alt_id           . 
_struct_mon_prot_cis.pdbx_PDB_ins_code      ? 
_struct_mon_prot_cis.auth_comp_id           ASN 
_struct_mon_prot_cis.auth_seq_id            184 
_struct_mon_prot_cis.auth_asym_id           A 
_struct_mon_prot_cis.pdbx_label_comp_id_2   PRO 
_struct_mon_prot_cis.pdbx_label_seq_id_2    36 
_struct_mon_prot_cis.pdbx_label_asym_id_2   A 
_struct_mon_prot_cis.pdbx_PDB_ins_code_2    ? 
_struct_mon_prot_cis.pdbx_auth_comp_id_2    PRO 
_struct_mon_prot_cis.pdbx_auth_seq_id_2     185 
_struct_mon_prot_cis.pdbx_auth_asym_id_2    A 
_struct_mon_prot_cis.pdbx_PDB_model_num     1 
_struct_mon_prot_cis.pdbx_omega_angle       1.82 
# 
loop_
_struct_sheet.id 
_struct_sheet.type 
_struct_sheet.number_strands 
_struct_sheet.details 
A ? 2 ? 
B ? 5 ? 
C ? 3 ? 
# 
loop_
_struct_sheet_order.sheet_id 
_struct_sheet_order.range_id_1 
_struct_sheet_order.range_id_2 
_struct_sheet_order.offset 
_struct_sheet_order.sense 
A 1 2 ? anti-parallel 
B 1 2 ? parallel      
B 2 3 ? anti-parallel 
B 3 4 ? anti-parallel 
B 4 5 ? anti-parallel 
C 1 2 ? anti-parallel 
C 2 3 ? anti-parallel 
# 
loop_
_struct_sheet_range.sheet_id 
_struct_sheet_range.id 
_struct_sheet_range.beg_label_comp_id 
_struct_sheet_range.beg_label_asym_id 
_struct_sheet_range.beg_label_seq_id 
_struct_sheet_range.pdbx_beg_PDB_ins_code 
_struct_sheet_range.end_label_comp_id 
_struct_sheet_range.end_label_asym_id 
_struct_sheet_range.end_label_seq_id 
_struct_sheet_range.pdbx_end_PDB_ins_code 
_struct_sheet_range.beg_auth_comp_id 
_struct_sheet_range.beg_auth_asym_id 
_struct_sheet_range.beg_auth_seq_id 
_struct_sheet_range.end_auth_comp_id 
_struct_sheet_range.end_auth_asym_id 
_struct_sheet_range.end_auth_seq_id 
A 1 ARG A 3  ? TRP A 7   ? ARG A 152 TRP A 156 
A 2 ALA A 32 ? ASN A 35  ? ALA A 181 ASN A 184 
B 1 LEU A 17 ? PRO A 21  ? LEU A 166 PRO A 170 
B 2 GLY A 89 ? VAL A 100 ? GLY A 238 VAL A 249 
B 3 GLY A 78 ? ASN A 86  ? GLY A 227 ASN A 235 
B 4 THR A 39 ? LYS A 44  ? THR A 188 LYS A 193 
B 5 LYS A 47 ? GLU A 48  ? LYS A 196 GLU A 197 
C 1 VAL A 26 ? ARG A 29  ? VAL A 175 ARG A 178 
C 2 SER A 66 ? MET A 69  ? SER A 215 MET A 218 
C 3 LYS A 59 ? ARG A 61  ? LYS A 208 ARG A 210 
# 
loop_
_pdbx_struct_sheet_hbond.sheet_id 
_pdbx_struct_sheet_hbond.range_id_1 
_pdbx_struct_sheet_hbond.range_id_2 
_pdbx_struct_sheet_hbond.range_1_label_atom_id 
_pdbx_struct_sheet_hbond.range_1_label_comp_id 
_pdbx_struct_sheet_hbond.range_1_label_asym_id 
_pdbx_struct_sheet_hbond.range_1_label_seq_id 
_pdbx_struct_sheet_hbond.range_1_PDB_ins_code 
_pdbx_struct_sheet_hbond.range_1_auth_atom_id 
_pdbx_struct_sheet_hbond.range_1_auth_comp_id 
_pdbx_struct_sheet_hbond.range_1_auth_asym_id 
_pdbx_struct_sheet_hbond.range_1_auth_seq_id 
_pdbx_struct_sheet_hbond.range_2_label_atom_id 
_pdbx_struct_sheet_hbond.range_2_label_comp_id 
_pdbx_struct_sheet_hbond.range_2_label_asym_id 
_pdbx_struct_sheet_hbond.range_2_label_seq_id 
_pdbx_struct_sheet_hbond.range_2_PDB_ins_code 
_pdbx_struct_sheet_hbond.range_2_auth_atom_id 
_pdbx_struct_sheet_hbond.range_2_auth_comp_id 
_pdbx_struct_sheet_hbond.range_2_auth_asym_id 
_pdbx_struct_sheet_hbond.range_2_auth_seq_id 
A 1 2 N ARG A 3  ? N ARG A 152 O ASN A 35 ? O ASN A 184 
B 1 2 N VAL A 20 ? N VAL A 169 O ASP A 98 ? O ASP A 247 
B 2 3 O LEU A 97 ? O LEU A 246 N GLY A 78 ? N GLY A 227 
B 3 4 O VAL A 83 ? O VAL A 232 N ARG A 41 ? N ARG A 190 
B 4 5 N LYS A 44 ? N LYS A 193 O LYS A 47 ? O LYS A 196 
C 1 2 N PHE A 28 ? N PHE A 177 O LEU A 67 ? O LEU A 216 
C 2 3 O ILE A 68 ? O ILE A 217 N LYS A 59 ? N LYS A 208 
# 
_pdbx_entry_details.entry_id                   3CAF 
_pdbx_entry_details.compound_details           ? 
_pdbx_entry_details.source_details             ? 
_pdbx_entry_details.nonpolymer_details         ? 
_pdbx_entry_details.sequence_details           ? 
_pdbx_entry_details.has_ligand_of_interest     ? 
_pdbx_entry_details.has_protein_modification   Y 
# 
loop_
_pdbx_validate_close_contact.id 
_pdbx_validate_close_contact.PDB_model_num 
_pdbx_validate_close_contact.auth_atom_id_1 
_pdbx_validate_close_contact.auth_asym_id_1 
_pdbx_validate_close_contact.auth_comp_id_1 
_pdbx_validate_close_contact.auth_seq_id_1 
_pdbx_validate_close_contact.PDB_ins_code_1 
_pdbx_validate_close_contact.label_alt_id_1 
_pdbx_validate_close_contact.auth_atom_id_2 
_pdbx_validate_close_contact.auth_asym_id_2 
_pdbx_validate_close_contact.auth_comp_id_2 
_pdbx_validate_close_contact.auth_seq_id_2 
_pdbx_validate_close_contact.PDB_ins_code_2 
_pdbx_validate_close_contact.label_alt_id_2 
_pdbx_validate_close_contact.dist 
1 1 OE2 A GLU 163 ? ? O A HOH 14 ? ? 2.02 
2 1 CD1 A TYR 237 ? ? O A HOH 36 ? ? 2.04 
# 
loop_
_pdbx_validate_rmsd_bond.id 
_pdbx_validate_rmsd_bond.PDB_model_num 
_pdbx_validate_rmsd_bond.auth_atom_id_1 
_pdbx_validate_rmsd_bond.auth_asym_id_1 
_pdbx_validate_rmsd_bond.auth_comp_id_1 
_pdbx_validate_rmsd_bond.auth_seq_id_1 
_pdbx_validate_rmsd_bond.PDB_ins_code_1 
_pdbx_validate_rmsd_bond.label_alt_id_1 
_pdbx_validate_rmsd_bond.auth_atom_id_2 
_pdbx_validate_rmsd_bond.auth_asym_id_2 
_pdbx_validate_rmsd_bond.auth_comp_id_2 
_pdbx_validate_rmsd_bond.auth_seq_id_2 
_pdbx_validate_rmsd_bond.PDB_ins_code_2 
_pdbx_validate_rmsd_bond.label_alt_id_2 
_pdbx_validate_rmsd_bond.bond_value 
_pdbx_validate_rmsd_bond.bond_target_value 
_pdbx_validate_rmsd_bond.bond_deviation 
_pdbx_validate_rmsd_bond.bond_standard_deviation 
_pdbx_validate_rmsd_bond.linker_flag 
1 1 CZ  A TYR 207 ? ? OH  A TYR 207 ? ? 1.230 1.374 -0.144 0.017 N 
2 1 CZ  A TYR 207 ? ? CE2 A TYR 207 ? ? 1.278 1.381 -0.103 0.013 N 
3 1 CZ  A TYR 229 ? ? CE2 A TYR 229 ? ? 1.462 1.381 0.081  0.013 N 
4 1 CD1 A TYR 244 ? ? CE1 A TYR 244 ? ? 1.497 1.389 0.108  0.015 N 
5 1 CB  A VAL 248 ? ? CG2 A VAL 248 ? ? 1.672 1.524 0.148  0.021 N 
# 
loop_
_pdbx_validate_torsion.id 
_pdbx_validate_torsion.PDB_model_num 
_pdbx_validate_torsion.auth_comp_id 
_pdbx_validate_torsion.auth_asym_id 
_pdbx_validate_torsion.auth_seq_id 
_pdbx_validate_torsion.PDB_ins_code 
_pdbx_validate_torsion.label_alt_id 
_pdbx_validate_torsion.phi 
_pdbx_validate_torsion.psi 
1 1 ALA A 172 ? ? 78.56 -9.46 
2 1 SER A 220 ? ? 43.83 70.62 
# 
_pdbx_struct_special_symmetry.id              1 
_pdbx_struct_special_symmetry.PDB_model_num   1 
_pdbx_struct_special_symmetry.auth_asym_id    A 
_pdbx_struct_special_symmetry.auth_comp_id    HOH 
_pdbx_struct_special_symmetry.auth_seq_id     26 
_pdbx_struct_special_symmetry.PDB_ins_code    ? 
_pdbx_struct_special_symmetry.label_asym_id   B 
_pdbx_struct_special_symmetry.label_comp_id   HOH 
_pdbx_struct_special_symmetry.label_seq_id    . 
# 
loop_
_pdbx_refine_tls.id 
_pdbx_refine_tls.details 
_pdbx_refine_tls.method 
_pdbx_refine_tls.origin_x 
_pdbx_refine_tls.origin_y 
_pdbx_refine_tls.origin_z 
_pdbx_refine_tls.T[1][1] 
_pdbx_refine_tls.T[2][2] 
_pdbx_refine_tls.T[3][3] 
_pdbx_refine_tls.T[1][2] 
_pdbx_refine_tls.T[1][3] 
_pdbx_refine_tls.T[2][3] 
_pdbx_refine_tls.L[1][1] 
_pdbx_refine_tls.L[2][2] 
_pdbx_refine_tls.L[3][3] 
_pdbx_refine_tls.L[1][2] 
_pdbx_refine_tls.L[1][3] 
_pdbx_refine_tls.L[2][3] 
_pdbx_refine_tls.S[1][1] 
_pdbx_refine_tls.S[2][2] 
_pdbx_refine_tls.S[3][3] 
_pdbx_refine_tls.S[1][2] 
_pdbx_refine_tls.S[1][3] 
_pdbx_refine_tls.S[2][3] 
_pdbx_refine_tls.S[2][1] 
_pdbx_refine_tls.S[3][1] 
_pdbx_refine_tls.S[3][2] 
_pdbx_refine_tls.pdbx_refine_id 
1  ? refined -11.4871 -0.3023 16.3202 0.0466  0.1410  -0.0478 0.0347  0.0280  0.0363  50.9121 10.3732 25.0975 1.7666   -19.5225 -5.8195  0.2104  -0.4508 0.2404  -2.7043 -0.3240 -0.3221 1.1692  -0.1104 0.3485  'X-RAY DIFFRACTION' 
2  ? refined -2.4174  8.2675  9.4389  0.1424  0.2675  0.2536  -0.1252 0.0292  -0.1505 20.8651 19.3374 23.1783 -18.7371 -1.7838  -6.0024  -0.4631 0.4579  0.0054  -1.3737 2.5102  -2.2265 1.4793  -1.5665 2.1121  'X-RAY DIFFRACTION' 
3  ? refined 0.0276   11.1870 2.1219  0.2976  0.2460  0.3128  -0.1937 0.1649  -0.1037 44.7254 23.5224 50.6876 0.7730   -32.3082 -25.9150 -0.3008 0.4550  -0.1542 -0.6785 0.7735  -1.2080 1.4913  -4.5064 1.2476  'X-RAY DIFFRACTION' 
4  ? refined 9.4343   7.5196  -8.3035 -0.0203 0.1002  0.3425  -0.0624 0.0543  0.0552  2.6803  18.6722 4.5044  -6.9630  -0.9963  1.0356   0.0961  0.1474  -0.2437 -1.2436 0.8842  -1.1691 -0.5498 -0.4970 0.4057  'X-RAY DIFFRACTION' 
5  ? refined 7.0099   2.9507  0.0866  -0.0019 -0.0340 0.1383  -0.0907 -0.0994 -0.0798 59.4149 9.5090  23.0842 -10.2426 -33.4122 -0.0068  -0.5048 0.6867  -0.1820 -3.4089 1.1935  -1.2093 1.0253  -0.4700 2.0509  'X-RAY DIFFRACTION' 
6  ? refined -5.3766  -3.1966 11.3134 0.0073  0.2389  0.0006  0.0487  -0.0208 0.0706  5.4244  3.7427  1.1645  4.5057   -2.5133  -2.0877  -0.4824 0.0560  0.4263  -1.5879 -0.6127 -0.3675 0.4226  0.1385  1.6554  'X-RAY DIFFRACTION' 
7  ? refined -3.4206  -3.8460 -3.2040 -0.2446 -0.1637 -0.1540 -0.0500 -0.0042 -0.0368 15.7392 24.5625 23.6773 0.3059   2.6522   -5.1612  -0.6248 0.6615  -0.0367 -0.1696 -0.8248 0.7834  0.2003  1.3448  -0.2459 'X-RAY DIFFRACTION' 
8  ? refined -4.3315  -5.4541 -8.3681 -0.1304 -0.1523 -0.0770 0.0117  -0.0449 -0.0352 53.5921 27.9279 17.8980 -18.4501 4.9054   -9.7821  0.6843  0.3314  -1.0157 -0.3318 -2.5989 1.1977  -0.5018 0.8593  -0.4240 'X-RAY DIFFRACTION' 
9  ? refined 4.7213   -9.9698 -9.2013 -0.0725 -0.0452 0.1408  0.1007  0.0380  0.0504  24.5468 22.7701 13.9330 5.6961   -6.5175  -0.6524  0.0290  -0.5060 0.4769  0.4867  -1.5092 0.7747  -0.6162 0.4166  -0.7020 'X-RAY DIFFRACTION' 
10 ? refined 6.8473   -6.4957 0.4828  -0.0002 0.2533  0.2440  -0.0557 0.0966  0.0766  36.3373 25.5747 45.8382 13.6160  -16.1304 -0.1872  0.0849  0.9826  -1.0675 -2.5903 -0.4305 -0.4985 0.8596  1.4018  5.4755  'X-RAY DIFFRACTION' 
11 ? refined 3.2311   -3.2436 9.4824  0.1137  0.3572  0.2868  0.1190  -0.0817 0.0933  33.9416 25.1111 30.2572 -1.4872  -7.8486  -3.9168  -1.6059 -0.2345 1.8403  -2.0371 -2.6888 -2.9323 1.1939  1.6882  3.2812  'X-RAY DIFFRACTION' 
12 ? refined 8.5900   -1.2629 -7.3528 -0.0963 0.0198  0.0869  0.0521  0.0591  0.1118  2.6984  1.3798  17.8010 -1.2216  -1.9605  4.3761   0.1171  -0.3704 0.2534  -0.2525 0.1848  -0.5027 -0.1463 0.5889  0.6104  'X-RAY DIFFRACTION' 
13 ? refined -2.0405  1.1515  -6.2719 -0.2144 -0.2098 -0.0990 0.0047  -0.0060 -0.0024 9.4467  8.6835  5.9487  -2.9812  2.4532   1.1090   0.2941  -0.4855 0.1915  0.5826  0.5157  -0.5108 -0.2350 -0.0697 0.3714  'X-RAY DIFFRACTION' 
14 ? refined -13.0094 -5.3267 10.1514 -0.1735 -0.0940 -0.1365 0.0443  -0.0461 0.1169  58.3159 23.2083 34.9303 18.5873  -29.2046 -11.9335 -0.3562 0.4644  -0.1080 -0.4949 -0.7395 0.0653  -0.0162 0.7100  -0.8293 'X-RAY DIFFRACTION' 
15 ? refined -8.9530  2.3856  2.2346  -0.1675 -0.1074 -0.0269 0.0411  0.0749  0.0383  12.1710 9.8395  16.7871 1.9923   -15.8317 -6.9552  -0.1296 0.7976  -0.6679 0.0455  0.5183  0.3473  0.1505  -0.2861 -0.4090 'X-RAY DIFFRACTION' 
16 ? refined 3.7267   6.8717  -9.3080 -0.0679 -0.1685 0.1085  0.0011  0.0869  0.0324  17.6882 6.6700  19.7817 -8.6135  -8.1441  5.3965   1.2367  0.0818  -1.3186 0.9558  1.9628  -0.5137 -0.3747 -1.0482 -0.1220 'X-RAY DIFFRACTION' 
# 
loop_
_pdbx_refine_tls_group.id 
_pdbx_refine_tls_group.refine_tls_id 
_pdbx_refine_tls_group.beg_auth_asym_id 
_pdbx_refine_tls_group.end_auth_asym_id 
_pdbx_refine_tls_group.end_auth_seq_id 
_pdbx_refine_tls_group.selection 
_pdbx_refine_tls_group.beg_auth_seq_id 
_pdbx_refine_tls_group.beg_label_asym_id 
_pdbx_refine_tls_group.beg_label_seq_id 
_pdbx_refine_tls_group.end_label_asym_id 
_pdbx_refine_tls_group.end_label_seq_id 
_pdbx_refine_tls_group.pdbx_refine_id 
_pdbx_refine_tls_group.selection_details 
1  1  A A 155 ? 150 A 1  A 6   'X-RAY DIFFRACTION' ? 
2  2  A A 160 ? 156 A 7  A 11  'X-RAY DIFFRACTION' ? 
3  3  A A 165 ? 161 A 12 A 16  'X-RAY DIFFRACTION' ? 
4  4  A A 173 ? 166 A 17 A 24  'X-RAY DIFFRACTION' ? 
5  5  A A 178 ? 174 A 25 A 29  'X-RAY DIFFRACTION' ? 
6  6  A A 189 ? 179 A 30 A 40  'X-RAY DIFFRACTION' ? 
7  7  A A 193 ? 190 A 41 A 44  'X-RAY DIFFRACTION' ? 
8  8  A A 198 ? 194 A 45 A 49  'X-RAY DIFFRACTION' ? 
9  9  A A 205 ? 199 A 50 A 56  'X-RAY DIFFRACTION' ? 
10 10 A A 210 ? 206 A 57 A 61  'X-RAY DIFFRACTION' ? 
11 11 A A 214 ? 211 A 62 A 65  'X-RAY DIFFRACTION' ? 
12 12 A A 225 ? 215 A 66 A 76  'X-RAY DIFFRACTION' ? 
13 13 A A 232 ? 226 A 77 A 83  'X-RAY DIFFRACTION' ? 
14 14 A A 237 ? 233 A 84 A 88  'X-RAY DIFFRACTION' ? 
15 15 A A 243 ? 238 A 89 A 94  'X-RAY DIFFRACTION' ? 
16 16 A A 249 ? 244 A 95 A 100 'X-RAY DIFFRACTION' ? 
# 
_pdbx_phasing_MR.entry_id                     3CAF 
_pdbx_phasing_MR.method_rotation              ? 
_pdbx_phasing_MR.method_translation           ? 
_pdbx_phasing_MR.model_details                'Phaser MODE: MR_AUTO' 
_pdbx_phasing_MR.R_factor                     ? 
_pdbx_phasing_MR.R_rigid_body                 ? 
_pdbx_phasing_MR.correlation_coeff_Fo_to_Fc   ? 
_pdbx_phasing_MR.correlation_coeff_Io_to_Ic   ? 
_pdbx_phasing_MR.d_res_high_rotation          1.960 
_pdbx_phasing_MR.d_res_low_rotation           16.760 
_pdbx_phasing_MR.d_res_high_translation       1.960 
_pdbx_phasing_MR.d_res_low_translation        16.760 
_pdbx_phasing_MR.packing                      ? 
_pdbx_phasing_MR.reflns_percent_rotation      ? 
_pdbx_phasing_MR.reflns_percent_translation   ? 
_pdbx_phasing_MR.sigma_F_rotation             ? 
_pdbx_phasing_MR.sigma_F_translation          ? 
_pdbx_phasing_MR.sigma_I_rotation             ? 
_pdbx_phasing_MR.sigma_I_translation          ? 
# 
_phasing.method   MR 
# 
loop_
_chem_comp_atom.comp_id 
_chem_comp_atom.atom_id 
_chem_comp_atom.type_symbol 
_chem_comp_atom.pdbx_aromatic_flag 
_chem_comp_atom.pdbx_stereo_config 
_chem_comp_atom.pdbx_ordinal 
ALA N    N N N 1   
ALA CA   C N S 2   
ALA C    C N N 3   
ALA O    O N N 4   
ALA CB   C N N 5   
ALA OXT  O N N 6   
ALA H    H N N 7   
ALA H2   H N N 8   
ALA HA   H N N 9   
ALA HB1  H N N 10  
ALA HB2  H N N 11  
ALA HB3  H N N 12  
ALA HXT  H N N 13  
ARG N    N N N 14  
ARG CA   C N S 15  
ARG C    C N N 16  
ARG O    O N N 17  
ARG CB   C N N 18  
ARG CG   C N N 19  
ARG CD   C N N 20  
ARG NE   N N N 21  
ARG CZ   C N N 22  
ARG NH1  N N N 23  
ARG NH2  N N N 24  
ARG OXT  O N N 25  
ARG H    H N N 26  
ARG H2   H N N 27  
ARG HA   H N N 28  
ARG HB2  H N N 29  
ARG HB3  H N N 30  
ARG HG2  H N N 31  
ARG HG3  H N N 32  
ARG HD2  H N N 33  
ARG HD3  H N N 34  
ARG HE   H N N 35  
ARG HH11 H N N 36  
ARG HH12 H N N 37  
ARG HH21 H N N 38  
ARG HH22 H N N 39  
ARG HXT  H N N 40  
ASN N    N N N 41  
ASN CA   C N S 42  
ASN C    C N N 43  
ASN O    O N N 44  
ASN CB   C N N 45  
ASN CG   C N N 46  
ASN OD1  O N N 47  
ASN ND2  N N N 48  
ASN OXT  O N N 49  
ASN H    H N N 50  
ASN H2   H N N 51  
ASN HA   H N N 52  
ASN HB2  H N N 53  
ASN HB3  H N N 54  
ASN HD21 H N N 55  
ASN HD22 H N N 56  
ASN HXT  H N N 57  
ASP N    N N N 58  
ASP CA   C N S 59  
ASP C    C N N 60  
ASP O    O N N 61  
ASP CB   C N N 62  
ASP CG   C N N 63  
ASP OD1  O N N 64  
ASP OD2  O N N 65  
ASP OXT  O N N 66  
ASP H    H N N 67  
ASP H2   H N N 68  
ASP HA   H N N 69  
ASP HB2  H N N 70  
ASP HB3  H N N 71  
ASP HD2  H N N 72  
ASP HXT  H N N 73  
CYS N    N N N 74  
CYS CA   C N R 75  
CYS C    C N N 76  
CYS O    O N N 77  
CYS CB   C N N 78  
CYS SG   S N N 79  
CYS OXT  O N N 80  
CYS H    H N N 81  
CYS H2   H N N 82  
CYS HA   H N N 83  
CYS HB2  H N N 84  
CYS HB3  H N N 85  
CYS HG   H N N 86  
CYS HXT  H N N 87  
GLN N    N N N 88  
GLN CA   C N S 89  
GLN C    C N N 90  
GLN O    O N N 91  
GLN CB   C N N 92  
GLN CG   C N N 93  
GLN CD   C N N 94  
GLN OE1  O N N 95  
GLN NE2  N N N 96  
GLN OXT  O N N 97  
GLN H    H N N 98  
GLN H2   H N N 99  
GLN HA   H N N 100 
GLN HB2  H N N 101 
GLN HB3  H N N 102 
GLN HG2  H N N 103 
GLN HG3  H N N 104 
GLN HE21 H N N 105 
GLN HE22 H N N 106 
GLN HXT  H N N 107 
GLU N    N N N 108 
GLU CA   C N S 109 
GLU C    C N N 110 
GLU O    O N N 111 
GLU CB   C N N 112 
GLU CG   C N N 113 
GLU CD   C N N 114 
GLU OE1  O N N 115 
GLU OE2  O N N 116 
GLU OXT  O N N 117 
GLU H    H N N 118 
GLU H2   H N N 119 
GLU HA   H N N 120 
GLU HB2  H N N 121 
GLU HB3  H N N 122 
GLU HG2  H N N 123 
GLU HG3  H N N 124 
GLU HE2  H N N 125 
GLU HXT  H N N 126 
GLY N    N N N 127 
GLY CA   C N N 128 
GLY C    C N N 129 
GLY O    O N N 130 
GLY OXT  O N N 131 
GLY H    H N N 132 
GLY H2   H N N 133 
GLY HA2  H N N 134 
GLY HA3  H N N 135 
GLY HXT  H N N 136 
HIS N    N N N 137 
HIS CA   C N S 138 
HIS C    C N N 139 
HIS O    O N N 140 
HIS CB   C N N 141 
HIS CG   C Y N 142 
HIS ND1  N Y N 143 
HIS CD2  C Y N 144 
HIS CE1  C Y N 145 
HIS NE2  N Y N 146 
HIS OXT  O N N 147 
HIS H    H N N 148 
HIS H2   H N N 149 
HIS HA   H N N 150 
HIS HB2  H N N 151 
HIS HB3  H N N 152 
HIS HD1  H N N 153 
HIS HD2  H N N 154 
HIS HE1  H N N 155 
HIS HE2  H N N 156 
HIS HXT  H N N 157 
HOH O    O N N 158 
HOH H1   H N N 159 
HOH H2   H N N 160 
ILE N    N N N 161 
ILE CA   C N S 162 
ILE C    C N N 163 
ILE O    O N N 164 
ILE CB   C N S 165 
ILE CG1  C N N 166 
ILE CG2  C N N 167 
ILE CD1  C N N 168 
ILE OXT  O N N 169 
ILE H    H N N 170 
ILE H2   H N N 171 
ILE HA   H N N 172 
ILE HB   H N N 173 
ILE HG12 H N N 174 
ILE HG13 H N N 175 
ILE HG21 H N N 176 
ILE HG22 H N N 177 
ILE HG23 H N N 178 
ILE HD11 H N N 179 
ILE HD12 H N N 180 
ILE HD13 H N N 181 
ILE HXT  H N N 182 
LEU N    N N N 183 
LEU CA   C N S 184 
LEU C    C N N 185 
LEU O    O N N 186 
LEU CB   C N N 187 
LEU CG   C N N 188 
LEU CD1  C N N 189 
LEU CD2  C N N 190 
LEU OXT  O N N 191 
LEU H    H N N 192 
LEU H2   H N N 193 
LEU HA   H N N 194 
LEU HB2  H N N 195 
LEU HB3  H N N 196 
LEU HG   H N N 197 
LEU HD11 H N N 198 
LEU HD12 H N N 199 
LEU HD13 H N N 200 
LEU HD21 H N N 201 
LEU HD22 H N N 202 
LEU HD23 H N N 203 
LEU HXT  H N N 204 
LYS N    N N N 205 
LYS CA   C N S 206 
LYS C    C N N 207 
LYS O    O N N 208 
LYS CB   C N N 209 
LYS CG   C N N 210 
LYS CD   C N N 211 
LYS CE   C N N 212 
LYS NZ   N N N 213 
LYS OXT  O N N 214 
LYS H    H N N 215 
LYS H2   H N N 216 
LYS HA   H N N 217 
LYS HB2  H N N 218 
LYS HB3  H N N 219 
LYS HG2  H N N 220 
LYS HG3  H N N 221 
LYS HD2  H N N 222 
LYS HD3  H N N 223 
LYS HE2  H N N 224 
LYS HE3  H N N 225 
LYS HZ1  H N N 226 
LYS HZ2  H N N 227 
LYS HZ3  H N N 228 
LYS HXT  H N N 229 
MET N    N N N 230 
MET CA   C N S 231 
MET C    C N N 232 
MET O    O N N 233 
MET CB   C N N 234 
MET CG   C N N 235 
MET SD   S N N 236 
MET CE   C N N 237 
MET OXT  O N N 238 
MET H    H N N 239 
MET H2   H N N 240 
MET HA   H N N 241 
MET HB2  H N N 242 
MET HB3  H N N 243 
MET HG2  H N N 244 
MET HG3  H N N 245 
MET HE1  H N N 246 
MET HE2  H N N 247 
MET HE3  H N N 248 
MET HXT  H N N 249 
PHE N    N N N 250 
PHE CA   C N S 251 
PHE C    C N N 252 
PHE O    O N N 253 
PHE CB   C N N 254 
PHE CG   C Y N 255 
PHE CD1  C Y N 256 
PHE CD2  C Y N 257 
PHE CE1  C Y N 258 
PHE CE2  C Y N 259 
PHE CZ   C Y N 260 
PHE OXT  O N N 261 
PHE H    H N N 262 
PHE H2   H N N 263 
PHE HA   H N N 264 
PHE HB2  H N N 265 
PHE HB3  H N N 266 
PHE HD1  H N N 267 
PHE HD2  H N N 268 
PHE HE1  H N N 269 
PHE HE2  H N N 270 
PHE HZ   H N N 271 
PHE HXT  H N N 272 
PRO N    N N N 273 
PRO CA   C N S 274 
PRO C    C N N 275 
PRO O    O N N 276 
PRO CB   C N N 277 
PRO CG   C N N 278 
PRO CD   C N N 279 
PRO OXT  O N N 280 
PRO H    H N N 281 
PRO HA   H N N 282 
PRO HB2  H N N 283 
PRO HB3  H N N 284 
PRO HG2  H N N 285 
PRO HG3  H N N 286 
PRO HD2  H N N 287 
PRO HD3  H N N 288 
PRO HXT  H N N 289 
SER N    N N N 290 
SER CA   C N S 291 
SER C    C N N 292 
SER O    O N N 293 
SER CB   C N N 294 
SER OG   O N N 295 
SER OXT  O N N 296 
SER H    H N N 297 
SER H2   H N N 298 
SER HA   H N N 299 
SER HB2  H N N 300 
SER HB3  H N N 301 
SER HG   H N N 302 
SER HXT  H N N 303 
THR N    N N N 304 
THR CA   C N S 305 
THR C    C N N 306 
THR O    O N N 307 
THR CB   C N R 308 
THR OG1  O N N 309 
THR CG2  C N N 310 
THR OXT  O N N 311 
THR H    H N N 312 
THR H2   H N N 313 
THR HA   H N N 314 
THR HB   H N N 315 
THR HG1  H N N 316 
THR HG21 H N N 317 
THR HG22 H N N 318 
THR HG23 H N N 319 
THR HXT  H N N 320 
TRP N    N N N 321 
TRP CA   C N S 322 
TRP C    C N N 323 
TRP O    O N N 324 
TRP CB   C N N 325 
TRP CG   C Y N 326 
TRP CD1  C Y N 327 
TRP CD2  C Y N 328 
TRP NE1  N Y N 329 
TRP CE2  C Y N 330 
TRP CE3  C Y N 331 
TRP CZ2  C Y N 332 
TRP CZ3  C Y N 333 
TRP CH2  C Y N 334 
TRP OXT  O N N 335 
TRP H    H N N 336 
TRP H2   H N N 337 
TRP HA   H N N 338 
TRP HB2  H N N 339 
TRP HB3  H N N 340 
TRP HD1  H N N 341 
TRP HE1  H N N 342 
TRP HE3  H N N 343 
TRP HZ2  H N N 344 
TRP HZ3  H N N 345 
TRP HH2  H N N 346 
TRP HXT  H N N 347 
TYR N    N N N 348 
TYR CA   C N S 349 
TYR C    C N N 350 
TYR O    O N N 351 
TYR CB   C N N 352 
TYR CG   C Y N 353 
TYR CD1  C Y N 354 
TYR CD2  C Y N 355 
TYR CE1  C Y N 356 
TYR CE2  C Y N 357 
TYR CZ   C Y N 358 
TYR OH   O N N 359 
TYR OXT  O N N 360 
TYR H    H N N 361 
TYR H2   H N N 362 
TYR HA   H N N 363 
TYR HB2  H N N 364 
TYR HB3  H N N 365 
TYR HD1  H N N 366 
TYR HD2  H N N 367 
TYR HE1  H N N 368 
TYR HE2  H N N 369 
TYR HH   H N N 370 
TYR HXT  H N N 371 
VAL N    N N N 372 
VAL CA   C N S 373 
VAL C    C N N 374 
VAL O    O N N 375 
VAL CB   C N N 376 
VAL CG1  C N N 377 
VAL CG2  C N N 378 
VAL OXT  O N N 379 
VAL H    H N N 380 
VAL H2   H N N 381 
VAL HA   H N N 382 
VAL HB   H N N 383 
VAL HG11 H N N 384 
VAL HG12 H N N 385 
VAL HG13 H N N 386 
VAL HG21 H N N 387 
VAL HG22 H N N 388 
VAL HG23 H N N 389 
VAL HXT  H N N 390 
# 
loop_
_chem_comp_bond.comp_id 
_chem_comp_bond.atom_id_1 
_chem_comp_bond.atom_id_2 
_chem_comp_bond.value_order 
_chem_comp_bond.pdbx_aromatic_flag 
_chem_comp_bond.pdbx_stereo_config 
_chem_comp_bond.pdbx_ordinal 
ALA N   CA   sing N N 1   
ALA N   H    sing N N 2   
ALA N   H2   sing N N 3   
ALA CA  C    sing N N 4   
ALA CA  CB   sing N N 5   
ALA CA  HA   sing N N 6   
ALA C   O    doub N N 7   
ALA C   OXT  sing N N 8   
ALA CB  HB1  sing N N 9   
ALA CB  HB2  sing N N 10  
ALA CB  HB3  sing N N 11  
ALA OXT HXT  sing N N 12  
ARG N   CA   sing N N 13  
ARG N   H    sing N N 14  
ARG N   H2   sing N N 15  
ARG CA  C    sing N N 16  
ARG CA  CB   sing N N 17  
ARG CA  HA   sing N N 18  
ARG C   O    doub N N 19  
ARG C   OXT  sing N N 20  
ARG CB  CG   sing N N 21  
ARG CB  HB2  sing N N 22  
ARG CB  HB3  sing N N 23  
ARG CG  CD   sing N N 24  
ARG CG  HG2  sing N N 25  
ARG CG  HG3  sing N N 26  
ARG CD  NE   sing N N 27  
ARG CD  HD2  sing N N 28  
ARG CD  HD3  sing N N 29  
ARG NE  CZ   sing N N 30  
ARG NE  HE   sing N N 31  
ARG CZ  NH1  sing N N 32  
ARG CZ  NH2  doub N N 33  
ARG NH1 HH11 sing N N 34  
ARG NH1 HH12 sing N N 35  
ARG NH2 HH21 sing N N 36  
ARG NH2 HH22 sing N N 37  
ARG OXT HXT  sing N N 38  
ASN N   CA   sing N N 39  
ASN N   H    sing N N 40  
ASN N   H2   sing N N 41  
ASN CA  C    sing N N 42  
ASN CA  CB   sing N N 43  
ASN CA  HA   sing N N 44  
ASN C   O    doub N N 45  
ASN C   OXT  sing N N 46  
ASN CB  CG   sing N N 47  
ASN CB  HB2  sing N N 48  
ASN CB  HB3  sing N N 49  
ASN CG  OD1  doub N N 50  
ASN CG  ND2  sing N N 51  
ASN ND2 HD21 sing N N 52  
ASN ND2 HD22 sing N N 53  
ASN OXT HXT  sing N N 54  
ASP N   CA   sing N N 55  
ASP N   H    sing N N 56  
ASP N   H2   sing N N 57  
ASP CA  C    sing N N 58  
ASP CA  CB   sing N N 59  
ASP CA  HA   sing N N 60  
ASP C   O    doub N N 61  
ASP C   OXT  sing N N 62  
ASP CB  CG   sing N N 63  
ASP CB  HB2  sing N N 64  
ASP CB  HB3  sing N N 65  
ASP CG  OD1  doub N N 66  
ASP CG  OD2  sing N N 67  
ASP OD2 HD2  sing N N 68  
ASP OXT HXT  sing N N 69  
CYS N   CA   sing N N 70  
CYS N   H    sing N N 71  
CYS N   H2   sing N N 72  
CYS CA  C    sing N N 73  
CYS CA  CB   sing N N 74  
CYS CA  HA   sing N N 75  
CYS C   O    doub N N 76  
CYS C   OXT  sing N N 77  
CYS CB  SG   sing N N 78  
CYS CB  HB2  sing N N 79  
CYS CB  HB3  sing N N 80  
CYS SG  HG   sing N N 81  
CYS OXT HXT  sing N N 82  
GLN N   CA   sing N N 83  
GLN N   H    sing N N 84  
GLN N   H2   sing N N 85  
GLN CA  C    sing N N 86  
GLN CA  CB   sing N N 87  
GLN CA  HA   sing N N 88  
GLN C   O    doub N N 89  
GLN C   OXT  sing N N 90  
GLN CB  CG   sing N N 91  
GLN CB  HB2  sing N N 92  
GLN CB  HB3  sing N N 93  
GLN CG  CD   sing N N 94  
GLN CG  HG2  sing N N 95  
GLN CG  HG3  sing N N 96  
GLN CD  OE1  doub N N 97  
GLN CD  NE2  sing N N 98  
GLN NE2 HE21 sing N N 99  
GLN NE2 HE22 sing N N 100 
GLN OXT HXT  sing N N 101 
GLU N   CA   sing N N 102 
GLU N   H    sing N N 103 
GLU N   H2   sing N N 104 
GLU CA  C    sing N N 105 
GLU CA  CB   sing N N 106 
GLU CA  HA   sing N N 107 
GLU C   O    doub N N 108 
GLU C   OXT  sing N N 109 
GLU CB  CG   sing N N 110 
GLU CB  HB2  sing N N 111 
GLU CB  HB3  sing N N 112 
GLU CG  CD   sing N N 113 
GLU CG  HG2  sing N N 114 
GLU CG  HG3  sing N N 115 
GLU CD  OE1  doub N N 116 
GLU CD  OE2  sing N N 117 
GLU OE2 HE2  sing N N 118 
GLU OXT HXT  sing N N 119 
GLY N   CA   sing N N 120 
GLY N   H    sing N N 121 
GLY N   H2   sing N N 122 
GLY CA  C    sing N N 123 
GLY CA  HA2  sing N N 124 
GLY CA  HA3  sing N N 125 
GLY C   O    doub N N 126 
GLY C   OXT  sing N N 127 
GLY OXT HXT  sing N N 128 
HIS N   CA   sing N N 129 
HIS N   H    sing N N 130 
HIS N   H2   sing N N 131 
HIS CA  C    sing N N 132 
HIS CA  CB   sing N N 133 
HIS CA  HA   sing N N 134 
HIS C   O    doub N N 135 
HIS C   OXT  sing N N 136 
HIS CB  CG   sing N N 137 
HIS CB  HB2  sing N N 138 
HIS CB  HB3  sing N N 139 
HIS CG  ND1  sing Y N 140 
HIS CG  CD2  doub Y N 141 
HIS ND1 CE1  doub Y N 142 
HIS ND1 HD1  sing N N 143 
HIS CD2 NE2  sing Y N 144 
HIS CD2 HD2  sing N N 145 
HIS CE1 NE2  sing Y N 146 
HIS CE1 HE1  sing N N 147 
HIS NE2 HE2  sing N N 148 
HIS OXT HXT  sing N N 149 
HOH O   H1   sing N N 150 
HOH O   H2   sing N N 151 
ILE N   CA   sing N N 152 
ILE N   H    sing N N 153 
ILE N   H2   sing N N 154 
ILE CA  C    sing N N 155 
ILE CA  CB   sing N N 156 
ILE CA  HA   sing N N 157 
ILE C   O    doub N N 158 
ILE C   OXT  sing N N 159 
ILE CB  CG1  sing N N 160 
ILE CB  CG2  sing N N 161 
ILE CB  HB   sing N N 162 
ILE CG1 CD1  sing N N 163 
ILE CG1 HG12 sing N N 164 
ILE CG1 HG13 sing N N 165 
ILE CG2 HG21 sing N N 166 
ILE CG2 HG22 sing N N 167 
ILE CG2 HG23 sing N N 168 
ILE CD1 HD11 sing N N 169 
ILE CD1 HD12 sing N N 170 
ILE CD1 HD13 sing N N 171 
ILE OXT HXT  sing N N 172 
LEU N   CA   sing N N 173 
LEU N   H    sing N N 174 
LEU N   H2   sing N N 175 
LEU CA  C    sing N N 176 
LEU CA  CB   sing N N 177 
LEU CA  HA   sing N N 178 
LEU C   O    doub N N 179 
LEU C   OXT  sing N N 180 
LEU CB  CG   sing N N 181 
LEU CB  HB2  sing N N 182 
LEU CB  HB3  sing N N 183 
LEU CG  CD1  sing N N 184 
LEU CG  CD2  sing N N 185 
LEU CG  HG   sing N N 186 
LEU CD1 HD11 sing N N 187 
LEU CD1 HD12 sing N N 188 
LEU CD1 HD13 sing N N 189 
LEU CD2 HD21 sing N N 190 
LEU CD2 HD22 sing N N 191 
LEU CD2 HD23 sing N N 192 
LEU OXT HXT  sing N N 193 
LYS N   CA   sing N N 194 
LYS N   H    sing N N 195 
LYS N   H2   sing N N 196 
LYS CA  C    sing N N 197 
LYS CA  CB   sing N N 198 
LYS CA  HA   sing N N 199 
LYS C   O    doub N N 200 
LYS C   OXT  sing N N 201 
LYS CB  CG   sing N N 202 
LYS CB  HB2  sing N N 203 
LYS CB  HB3  sing N N 204 
LYS CG  CD   sing N N 205 
LYS CG  HG2  sing N N 206 
LYS CG  HG3  sing N N 207 
LYS CD  CE   sing N N 208 
LYS CD  HD2  sing N N 209 
LYS CD  HD3  sing N N 210 
LYS CE  NZ   sing N N 211 
LYS CE  HE2  sing N N 212 
LYS CE  HE3  sing N N 213 
LYS NZ  HZ1  sing N N 214 
LYS NZ  HZ2  sing N N 215 
LYS NZ  HZ3  sing N N 216 
LYS OXT HXT  sing N N 217 
MET N   CA   sing N N 218 
MET N   H    sing N N 219 
MET N   H2   sing N N 220 
MET CA  C    sing N N 221 
MET CA  CB   sing N N 222 
MET CA  HA   sing N N 223 
MET C   O    doub N N 224 
MET C   OXT  sing N N 225 
MET CB  CG   sing N N 226 
MET CB  HB2  sing N N 227 
MET CB  HB3  sing N N 228 
MET CG  SD   sing N N 229 
MET CG  HG2  sing N N 230 
MET CG  HG3  sing N N 231 
MET SD  CE   sing N N 232 
MET CE  HE1  sing N N 233 
MET CE  HE2  sing N N 234 
MET CE  HE3  sing N N 235 
MET OXT HXT  sing N N 236 
PHE N   CA   sing N N 237 
PHE N   H    sing N N 238 
PHE N   H2   sing N N 239 
PHE CA  C    sing N N 240 
PHE CA  CB   sing N N 241 
PHE CA  HA   sing N N 242 
PHE C   O    doub N N 243 
PHE C   OXT  sing N N 244 
PHE CB  CG   sing N N 245 
PHE CB  HB2  sing N N 246 
PHE CB  HB3  sing N N 247 
PHE CG  CD1  doub Y N 248 
PHE CG  CD2  sing Y N 249 
PHE CD1 CE1  sing Y N 250 
PHE CD1 HD1  sing N N 251 
PHE CD2 CE2  doub Y N 252 
PHE CD2 HD2  sing N N 253 
PHE CE1 CZ   doub Y N 254 
PHE CE1 HE1  sing N N 255 
PHE CE2 CZ   sing Y N 256 
PHE CE2 HE2  sing N N 257 
PHE CZ  HZ   sing N N 258 
PHE OXT HXT  sing N N 259 
PRO N   CA   sing N N 260 
PRO N   CD   sing N N 261 
PRO N   H    sing N N 262 
PRO CA  C    sing N N 263 
PRO CA  CB   sing N N 264 
PRO CA  HA   sing N N 265 
PRO C   O    doub N N 266 
PRO C   OXT  sing N N 267 
PRO CB  CG   sing N N 268 
PRO CB  HB2  sing N N 269 
PRO CB  HB3  sing N N 270 
PRO CG  CD   sing N N 271 
PRO CG  HG2  sing N N 272 
PRO CG  HG3  sing N N 273 
PRO CD  HD2  sing N N 274 
PRO CD  HD3  sing N N 275 
PRO OXT HXT  sing N N 276 
SER N   CA   sing N N 277 
SER N   H    sing N N 278 
SER N   H2   sing N N 279 
SER CA  C    sing N N 280 
SER CA  CB   sing N N 281 
SER CA  HA   sing N N 282 
SER C   O    doub N N 283 
SER C   OXT  sing N N 284 
SER CB  OG   sing N N 285 
SER CB  HB2  sing N N 286 
SER CB  HB3  sing N N 287 
SER OG  HG   sing N N 288 
SER OXT HXT  sing N N 289 
THR N   CA   sing N N 290 
THR N   H    sing N N 291 
THR N   H2   sing N N 292 
THR CA  C    sing N N 293 
THR CA  CB   sing N N 294 
THR CA  HA   sing N N 295 
THR C   O    doub N N 296 
THR C   OXT  sing N N 297 
THR CB  OG1  sing N N 298 
THR CB  CG2  sing N N 299 
THR CB  HB   sing N N 300 
THR OG1 HG1  sing N N 301 
THR CG2 HG21 sing N N 302 
THR CG2 HG22 sing N N 303 
THR CG2 HG23 sing N N 304 
THR OXT HXT  sing N N 305 
TRP N   CA   sing N N 306 
TRP N   H    sing N N 307 
TRP N   H2   sing N N 308 
TRP CA  C    sing N N 309 
TRP CA  CB   sing N N 310 
TRP CA  HA   sing N N 311 
TRP C   O    doub N N 312 
TRP C   OXT  sing N N 313 
TRP CB  CG   sing N N 314 
TRP CB  HB2  sing N N 315 
TRP CB  HB3  sing N N 316 
TRP CG  CD1  doub Y N 317 
TRP CG  CD2  sing Y N 318 
TRP CD1 NE1  sing Y N 319 
TRP CD1 HD1  sing N N 320 
TRP CD2 CE2  doub Y N 321 
TRP CD2 CE3  sing Y N 322 
TRP NE1 CE2  sing Y N 323 
TRP NE1 HE1  sing N N 324 
TRP CE2 CZ2  sing Y N 325 
TRP CE3 CZ3  doub Y N 326 
TRP CE3 HE3  sing N N 327 
TRP CZ2 CH2  doub Y N 328 
TRP CZ2 HZ2  sing N N 329 
TRP CZ3 CH2  sing Y N 330 
TRP CZ3 HZ3  sing N N 331 
TRP CH2 HH2  sing N N 332 
TRP OXT HXT  sing N N 333 
TYR N   CA   sing N N 334 
TYR N   H    sing N N 335 
TYR N   H2   sing N N 336 
TYR CA  C    sing N N 337 
TYR CA  CB   sing N N 338 
TYR CA  HA   sing N N 339 
TYR C   O    doub N N 340 
TYR C   OXT  sing N N 341 
TYR CB  CG   sing N N 342 
TYR CB  HB2  sing N N 343 
TYR CB  HB3  sing N N 344 
TYR CG  CD1  doub Y N 345 
TYR CG  CD2  sing Y N 346 
TYR CD1 CE1  sing Y N 347 
TYR CD1 HD1  sing N N 348 
TYR CD2 CE2  doub Y N 349 
TYR CD2 HD2  sing N N 350 
TYR CE1 CZ   doub Y N 351 
TYR CE1 HE1  sing N N 352 
TYR CE2 CZ   sing Y N 353 
TYR CE2 HE2  sing N N 354 
TYR CZ  OH   sing N N 355 
TYR OH  HH   sing N N 356 
TYR OXT HXT  sing N N 357 
VAL N   CA   sing N N 358 
VAL N   H    sing N N 359 
VAL N   H2   sing N N 360 
VAL CA  C    sing N N 361 
VAL CA  CB   sing N N 362 
VAL CA  HA   sing N N 363 
VAL C   O    doub N N 364 
VAL C   OXT  sing N N 365 
VAL CB  CG1  sing N N 366 
VAL CB  CG2  sing N N 367 
VAL CB  HB   sing N N 368 
VAL CG1 HG11 sing N N 369 
VAL CG1 HG12 sing N N 370 
VAL CG1 HG13 sing N N 371 
VAL CG2 HG21 sing N N 372 
VAL CG2 HG22 sing N N 373 
VAL CG2 HG23 sing N N 374 
VAL OXT HXT  sing N N 375 
# 
_atom_sites.entry_id                    3CAF 
_atom_sites.fract_transf_matrix[1][1]   0.01620220 
_atom_sites.fract_transf_matrix[1][2]   -0.01601826 
_atom_sites.fract_transf_matrix[1][3]   0.00587521 
_atom_sites.fract_transf_matrix[2][1]   0.00729316 
_atom_sites.fract_transf_matrix[2][2]   0.00393696 
_atom_sites.fract_transf_matrix[2][3]   -0.00937873 
_atom_sites.fract_transf_matrix[3][1]   0.01157412 
_atom_sites.fract_transf_matrix[3][2]   0.01773947 
_atom_sites.fract_transf_matrix[3][3]   0.01644695 
_atom_sites.fract_transf_vector[1]      0.207741 
_atom_sites.fract_transf_vector[2]      0.163347 
_atom_sites.fract_transf_vector[3]      0.207390 
# 
loop_
_atom_type.symbol 
C 
N 
O 
S 
# 
loop_
_atom_site.group_PDB 
_atom_site.id 
_atom_site.type_symbol 
_atom_site.label_atom_id 
_atom_site.label_alt_id 
_atom_site.label_comp_id 
_atom_site.label_asym_id 
_atom_site.label_entity_id 
_atom_site.label_seq_id 
_atom_site.pdbx_PDB_ins_code 
_atom_site.Cartn_x 
_atom_site.Cartn_y 
_atom_site.Cartn_z 
_atom_site.occupancy 
_atom_site.B_iso_or_equiv 
_atom_site.pdbx_formal_charge 
_atom_site.auth_seq_id 
_atom_site.auth_comp_id 
_atom_site.auth_asym_id 
_atom_site.auth_atom_id 
_atom_site.pdbx_PDB_model_num 
ATOM   1   N N   . ASN A 1 1   ? -14.286 -3.640  23.734  1.00 5.38   ? 150 ASN A N   1 
ATOM   2   C CA  . ASN A 1 1   ? -13.425 -2.625  23.033  1.00 17.87  ? 150 ASN A CA  1 
ATOM   3   C C   . ASN A 1 1   ? -13.286 -2.762  21.497  1.00 7.89   ? 150 ASN A C   1 
ATOM   4   O O   . ASN A 1 1   ? -12.441 -2.085  20.882  1.00 5.82   ? 150 ASN A O   1 
ATOM   5   C CB  . ASN A 1 1   ? -12.047 -2.474  23.749  1.00 33.25  ? 150 ASN A CB  1 
ATOM   6   C CG  . ASN A 1 1   ? -11.406 -3.817  24.109  1.00 2.00   ? 150 ASN A CG  1 
ATOM   7   O OD1 . ASN A 1 1   ? -11.879 -4.876  23.711  1.00 118.38 ? 150 ASN A OD1 1 
ATOM   8   N ND2 . ASN A 1 1   ? -10.345 -3.766  24.908  1.00 28.03  ? 150 ASN A ND2 1 
ATOM   9   N N   . LYS A 1 2   ? -14.155 -3.580  20.867  1.00 2.24   ? 151 LYS A N   1 
ATOM   10  C CA  . LYS A 1 2   ? -14.072 -3.785  19.403  1.00 5.72   ? 151 LYS A CA  1 
ATOM   11  C C   . LYS A 1 2   ? -14.273 -2.487  18.540  1.00 10.03  ? 151 LYS A C   1 
ATOM   12  O O   . LYS A 1 2   ? -15.135 -1.664  18.809  1.00 6.44   ? 151 LYS A O   1 
ATOM   13  C CB  . LYS A 1 2   ? -14.846 -5.008  18.891  1.00 13.10  ? 151 LYS A CB  1 
ATOM   14  C CG  . LYS A 1 2   ? -14.511 -6.354  19.634  1.00 2.00   ? 151 LYS A CG  1 
ATOM   15  C CD  . LYS A 1 2   ? -14.556 -7.549  18.669  1.00 72.45  ? 151 LYS A CD  1 
ATOM   16  C CE  . LYS A 1 2   ? -15.780 -7.573  17.780  1.00 60.37  ? 151 LYS A CE  1 
ATOM   17  N NZ  . LYS A 1 2   ? -15.646 -8.650  16.747  1.00 58.13  ? 151 LYS A NZ  1 
ATOM   18  N N   . ARG A 1 3   ? -13.492 -2.336  17.500  1.00 4.58   ? 152 ARG A N   1 
ATOM   19  C CA  . ARG A 1 3   ? -13.546 -1.128  16.778  1.00 5.47   ? 152 ARG A CA  1 
ATOM   20  C C   . ARG A 1 3   ? -13.093 -1.300  15.340  1.00 7.98   ? 152 ARG A C   1 
ATOM   21  O O   . ARG A 1 3   ? -12.102 -2.002  15.079  1.00 6.22   ? 152 ARG A O   1 
ATOM   22  C CB  . ARG A 1 3   ? -12.574 -0.128  17.523  1.00 13.14  ? 152 ARG A CB  1 
ATOM   23  C CG  . ARG A 1 3   ? -12.299 1.121   16.786  1.00 17.51  ? 152 ARG A CG  1 
ATOM   24  C CD  . ARG A 1 3   ? -11.579 2.158   17.646  1.00 26.64  ? 152 ARG A CD  1 
ATOM   25  N NE  . ARG A 1 3   ? -11.375 3.421   16.899  1.00 4.30   ? 152 ARG A NE  1 
ATOM   26  C CZ  . ARG A 1 3   ? -10.919 4.553   17.419  1.00 7.92   ? 152 ARG A CZ  1 
ATOM   27  N NH1 . ARG A 1 3   ? -10.649 4.634   18.716  1.00 41.31  ? 152 ARG A NH1 1 
ATOM   28  N NH2 . ARG A 1 3   ? -10.774 5.626   16.650  1.00 312.10 ? 152 ARG A NH2 1 
ATOM   29  N N   . ALA A 1 4   ? -13.762 -0.632  14.419  1.00 4.86   ? 153 ALA A N   1 
ATOM   30  C CA  . ALA A 1 4   ? -13.396 -0.692  13.034  1.00 5.84   ? 153 ALA A CA  1 
ATOM   31  C C   . ALA A 1 4   ? -11.955 -0.149  12.718  1.00 6.77   ? 153 ALA A C   1 
ATOM   32  O O   . ALA A 1 4   ? -11.326 0.579   13.530  1.00 6.21   ? 153 ALA A O   1 
ATOM   33  C CB  . ALA A 1 4   ? -14.448 0.063   12.210  1.00 6.29   ? 153 ALA A CB  1 
ATOM   34  N N   . PRO A 1 5   ? -11.394 -0.542  11.560  1.00 6.75   ? 154 PRO A N   1 
ATOM   35  C CA  . PRO A 1 5   ? -10.063 0.020   11.251  1.00 3.93   ? 154 PRO A CA  1 
ATOM   36  C C   . PRO A 1 5   ? -10.058 1.550   11.112  1.00 5.15   ? 154 PRO A C   1 
ATOM   37  O O   . PRO A 1 5   ? -11.116 2.195   10.763  1.00 5.53   ? 154 PRO A O   1 
ATOM   38  C CB  . PRO A 1 5   ? -9.695  -0.637  9.883   1.00 13.84  ? 154 PRO A CB  1 
ATOM   39  C CG  . PRO A 1 5   ? -10.646 -1.775  9.730   1.00 5.74   ? 154 PRO A CG  1 
ATOM   40  C CD  . PRO A 1 5   ? -11.895 -1.437  10.514  1.00 2.69   ? 154 PRO A CD  1 
ATOM   41  N N   . TYR A 1 6   ? -8.897  2.156   11.409  1.00 6.16   ? 155 TYR A N   1 
ATOM   42  C CA  . TYR A 1 6   ? -8.740  3.561   11.322  1.00 6.27   ? 155 TYR A CA  1 
ATOM   43  C C   . TYR A 1 6   ? -7.319  3.808   11.024  1.00 5.30   ? 155 TYR A C   1 
ATOM   44  O O   . TYR A 1 6   ? -6.469  2.962   11.313  1.00 8.75   ? 155 TYR A O   1 
ATOM   45  C CB  . TYR A 1 6   ? -9.154  4.253   12.646  1.00 4.63   ? 155 TYR A CB  1 
ATOM   46  C CG  . TYR A 1 6   ? -8.308  3.959   13.904  1.00 3.44   ? 155 TYR A CG  1 
ATOM   47  C CD1 . TYR A 1 6   ? -8.505  2.847   14.650  1.00 4.62   ? 155 TYR A CD1 1 
ATOM   48  C CD2 . TYR A 1 6   ? -7.392  4.893   14.375  1.00 6.01   ? 155 TYR A CD2 1 
ATOM   49  C CE1 . TYR A 1 6   ? -7.771  2.602   15.834  1.00 19.52  ? 155 TYR A CE1 1 
ATOM   50  C CE2 . TYR A 1 6   ? -6.636  4.669   15.559  1.00 14.73  ? 155 TYR A CE2 1 
ATOM   51  C CZ  . TYR A 1 6   ? -6.843  3.536   16.282  1.00 3.66   ? 155 TYR A CZ  1 
ATOM   52  O OH  . TYR A 1 6   ? -6.113  3.319   17.409  1.00 60.06  ? 155 TYR A OH  1 
ATOM   53  N N   . TRP A 1 7   ? -7.028  4.942   10.391  1.00 7.96   ? 156 TRP A N   1 
ATOM   54  C CA  . TRP A 1 7   ? -5.624  5.278   10.053  1.00 9.75   ? 156 TRP A CA  1 
ATOM   55  C C   . TRP A 1 7   ? -5.086  5.898   11.273  1.00 6.14   ? 156 TRP A C   1 
ATOM   56  O O   . TRP A 1 7   ? -5.782  6.706   11.891  1.00 5.78   ? 156 TRP A O   1 
ATOM   57  C CB  . TRP A 1 7   ? -5.543  6.307   8.949   1.00 5.14   ? 156 TRP A CB  1 
ATOM   58  C CG  . TRP A 1 7   ? -6.164  5.933   7.730   1.00 19.80  ? 156 TRP A CG  1 
ATOM   59  C CD1 . TRP A 1 7   ? -7.066  6.650   7.046   1.00 11.28  ? 156 TRP A CD1 1 
ATOM   60  C CD2 . TRP A 1 7   ? -5.997  4.682   7.003   1.00 5.93   ? 156 TRP A CD2 1 
ATOM   61  N NE1 . TRP A 1 7   ? -7.460  5.961   5.879   1.00 5.31   ? 156 TRP A NE1 1 
ATOM   62  C CE2 . TRP A 1 7   ? -6.811  4.762   5.837   1.00 6.15   ? 156 TRP A CE2 1 
ATOM   63  C CE3 . TRP A 1 7   ? -5.204  3.561   7.186   1.00 12.18  ? 156 TRP A CE3 1 
ATOM   64  C CZ2 . TRP A 1 7   ? -6.850  3.756   4.868   1.00 6.01   ? 156 TRP A CZ2 1 
ATOM   65  C CZ3 . TRP A 1 7   ? -5.259  2.513   6.204   1.00 5.60   ? 156 TRP A CZ3 1 
ATOM   66  C CH2 . TRP A 1 7   ? -6.073  2.630   5.077   1.00 10.84  ? 156 TRP A CH2 1 
ATOM   67  N N   . THR A 1 8   ? -3.846  5.565   11.641  1.00 9.57   ? 157 THR A N   1 
ATOM   68  C CA  . THR A 1 8   ? -3.239  6.102   12.857  1.00 2.00   ? 157 THR A CA  1 
ATOM   69  C C   . THR A 1 8   ? -2.300  7.247   12.639  1.00 2.25   ? 157 THR A C   1 
ATOM   70  O O   . THR A 1 8   ? -1.986  7.990   13.563  1.00 3.87   ? 157 THR A O   1 
ATOM   71  C CB  . THR A 1 8   ? -2.573  5.049   13.679  1.00 2.00   ? 157 THR A CB  1 
ATOM   72  O OG1 . THR A 1 8   ? -1.540  4.454   12.917  1.00 11.53  ? 157 THR A OG1 1 
ATOM   73  C CG2 . THR A 1 8   ? -3.581  3.979   14.091  1.00 4.00   ? 157 THR A CG2 1 
ATOM   74  N N   . ASN A 1 9   ? -1.842  7.405   11.430  1.00 2.84   ? 158 ASN A N   1 
ATOM   75  C CA  . ASN A 1 9   ? -0.957  8.494   11.136  1.00 6.77   ? 158 ASN A CA  1 
ATOM   76  C C   . ASN A 1 9   ? -1.214  8.948   9.715   1.00 4.08   ? 158 ASN A C   1 
ATOM   77  O O   . ASN A 1 9   ? -0.575  8.449   8.766   1.00 5.42   ? 158 ASN A O   1 
ATOM   78  C CB  . ASN A 1 9   ? 0.515   8.091   11.297  1.00 2.00   ? 158 ASN A CB  1 
ATOM   79  C CG  . ASN A 1 9   ? 1.444   9.231   11.001  1.00 256.04 ? 158 ASN A CG  1 
ATOM   80  O OD1 . ASN A 1 9   ? 1.573   10.195  11.790  1.00 2.00   ? 158 ASN A OD1 1 
ATOM   81  N ND2 . ASN A 1 9   ? 2.123   9.133   9.874   1.00 3.27   ? 158 ASN A ND2 1 
ATOM   82  N N   . THR A 1 10  ? -2.136  9.889   9.539   1.00 2.00   ? 159 THR A N   1 
ATOM   83  C CA  . THR A 1 10  ? -2.434  10.363  8.189   1.00 2.71   ? 159 THR A CA  1 
ATOM   84  C C   . THR A 1 10  ? -1.324  11.191  7.548   1.00 9.43   ? 159 THR A C   1 
ATOM   85  O O   . THR A 1 10  ? -1.356  11.406  6.367   1.00 9.74   ? 159 THR A O   1 
ATOM   86  C CB  . THR A 1 10  ? -3.750  11.108  8.103   1.00 2.00   ? 159 THR A CB  1 
ATOM   87  O OG1 . THR A 1 10  ? -3.792  12.075  9.121   1.00 5.92   ? 159 THR A OG1 1 
ATOM   88  C CG2 . THR A 1 10  ? -4.978  10.131  8.311   1.00 12.85  ? 159 THR A CG2 1 
ATOM   89  N N   . GLU A 1 11  ? -0.329  11.621  8.331   1.00 2.00   ? 160 GLU A N   1 
ATOM   90  C CA  . GLU A 1 11  ? 0.749   12.408  7.799   1.00 2.00   ? 160 GLU A CA  1 
ATOM   91  C C   . GLU A 1 11  ? 1.446   11.702  6.679   1.00 300.13 ? 160 GLU A C   1 
ATOM   92  O O   . GLU A 1 11  ? 1.638   12.258  5.608   1.00 2.00   ? 160 GLU A O   1 
ATOM   93  C CB  . GLU A 1 11  ? 1.744   12.766  8.890   1.00 40.05  ? 160 GLU A CB  1 
ATOM   94  C CG  . GLU A 1 11  ? 1.144   13.536  10.035  1.00 7.17   ? 160 GLU A CG  1 
ATOM   95  C CD  . GLU A 1 11  ? 2.189   14.139  10.950  1.00 12.34  ? 160 GLU A CD  1 
ATOM   96  O OE1 . GLU A 1 11  ? 1.802   14.810  11.928  1.00 85.46  ? 160 GLU A OE1 1 
ATOM   97  O OE2 . GLU A 1 11  ? 3.399   13.964  10.682  1.00 179.13 ? 160 GLU A OE2 1 
ATOM   98  N N   . LYS A 1 12  ? 1.798   10.455  6.934   1.00 2.00   ? 161 LYS A N   1 
ATOM   99  C CA  . LYS A 1 12  ? 2.492   9.608   5.985   1.00 20.60  ? 161 LYS A CA  1 
ATOM   100 C C   . LYS A 1 12  ? 1.714   9.449   4.673   1.00 2.00   ? 161 LYS A C   1 
ATOM   101 O O   . LYS A 1 12  ? 2.275   9.290   3.614   1.00 28.14  ? 161 LYS A O   1 
ATOM   102 C CB  . LYS A 1 12  ? 2.671   8.210   6.620   1.00 3.89   ? 161 LYS A CB  1 
ATOM   103 C CG  . LYS A 1 12  ? 3.547   8.126   7.919   1.00 2.00   ? 161 LYS A CG  1 
ATOM   104 C CD  . LYS A 1 12  ? 5.080   8.234   7.667   1.00 21.24  ? 161 LYS A CD  1 
ATOM   105 C CE  . LYS A 1 12  ? 5.531   9.579   7.082   1.00 339.67 ? 161 LYS A CE  1 
ATOM   106 N NZ  . LYS A 1 12  ? 5.303   10.721  8.002   1.00 2.00   ? 161 LYS A NZ  1 
ATOM   107 N N   . MET A 1 13  ? 0.412   9.566   4.780   1.00 9.60   ? 162 MET A N   1 
ATOM   108 C CA  . MET A 1 13  ? -0.510  9.355   3.696   1.00 3.52   ? 162 MET A CA  1 
ATOM   109 C C   . MET A 1 13  ? -0.892  10.562  2.817   1.00 4.47   ? 162 MET A C   1 
ATOM   110 O O   . MET A 1 13  ? -1.402  10.373  1.700   1.00 15.21  ? 162 MET A O   1 
ATOM   111 C CB  . MET A 1 13  ? -1.749  8.682   4.301   1.00 3.29   ? 162 MET A CB  1 
ATOM   112 C CG  . MET A 1 13  ? -1.433  7.315   4.844   1.00 2.12   ? 162 MET A CG  1 
ATOM   113 S SD  . MET A 1 13  ? -2.695  6.592   5.857   1.00 11.21  ? 162 MET A SD  1 
ATOM   114 C CE  . MET A 1 13  ? -4.129  6.773   4.909   1.00 10.76  ? 162 MET A CE  1 
ATOM   115 N N   . GLU A 1 14  ? -0.651  11.783  3.311   1.00 4.04   ? 163 GLU A N   1 
ATOM   116 C CA  . GLU A 1 14  ? -0.944  13.031  2.577   1.00 2.00   ? 163 GLU A CA  1 
ATOM   117 C C   . GLU A 1 14  ? -0.350  13.068  1.134   1.00 6.03   ? 163 GLU A C   1 
ATOM   118 O O   . GLU A 1 14  ? -0.992  13.588  0.245   1.00 13.25  ? 163 GLU A O   1 
ATOM   119 C CB  . GLU A 1 14  ? -0.406  14.251  3.355   1.00 9.54   ? 163 GLU A CB  1 
ATOM   120 C CG  . GLU A 1 14  ? -1.049  14.536  4.706   1.00 68.06  ? 163 GLU A CG  1 
ATOM   121 C CD  . GLU A 1 14  ? -2.420  15.170  4.601   1.00 5.81   ? 163 GLU A CD  1 
ATOM   122 O OE1 . GLU A 1 14  ? -2.781  15.658  3.512   1.00 66.47  ? 163 GLU A OE1 1 
ATOM   123 O OE2 . GLU A 1 14  ? -3.117  15.228  5.628   1.00 272.20 ? 163 GLU A OE2 1 
ATOM   124 N N   . LYS A 1 15  ? 0.890   12.573  0.927   1.00 2.45   ? 164 LYS A N   1 
ATOM   125 C CA  . LYS A 1 15  ? 1.506   12.580  -0.429  1.00 12.29  ? 164 LYS A CA  1 
ATOM   126 C C   . LYS A 1 15  ? 0.969   11.408  -1.267  1.00 2.00   ? 164 LYS A C   1 
ATOM   127 O O   . LYS A 1 15  ? 1.511   10.308  -1.206  1.00 36.71  ? 164 LYS A O   1 
ATOM   128 C CB  . LYS A 1 15  ? 3.070   12.468  -0.414  1.00 2.00   ? 164 LYS A CB  1 
ATOM   129 C CG  . LYS A 1 15  ? 3.892   13.467  0.305   1.00 91.40  ? 164 LYS A CG  1 
ATOM   130 C CD  . LYS A 1 15  ? 5.390   13.123  0.006   1.00 31.78  ? 164 LYS A CD  1 
ATOM   131 C CE  . LYS A 1 15  ? 6.370   13.900  0.889   1.00 119.68 ? 164 LYS A CE  1 
ATOM   132 N NZ  . LYS A 1 15  ? 6.284   15.372  0.743   1.00 10.32  ? 164 LYS A NZ  1 
ATOM   133 N N   . ARG A 1 16  ? -0.053  11.671  -2.077  1.00 3.41   ? 165 ARG A N   1 
ATOM   134 C CA  . ARG A 1 16  ? -0.709  10.660  -2.950  1.00 8.35   ? 165 ARG A CA  1 
ATOM   135 C C   . ARG A 1 16  ? -0.055  10.314  -4.290  1.00 22.28  ? 165 ARG A C   1 
ATOM   136 O O   . ARG A 1 16  ? -0.131  9.167   -4.759  1.00 2.00   ? 165 ARG A O   1 
ATOM   137 C CB  . ARG A 1 16  ? -2.104  11.116  -3.262  1.00 2.00   ? 165 ARG A CB  1 
ATOM   138 C CG  . ARG A 1 16  ? -3.031  10.961  -2.218  1.00 6.10   ? 165 ARG A CG  1 
ATOM   139 C CD  . ARG A 1 16  ? -4.186  11.816  -2.545  1.00 16.08  ? 165 ARG A CD  1 
ATOM   140 N NE  . ARG A 1 16  ? -5.413  11.383  -1.909  1.00 25.87  ? 165 ARG A NE  1 
ATOM   141 C CZ  . ARG A 1 16  ? -5.677  11.483  -0.623  1.00 500.00 ? 165 ARG A CZ  1 
ATOM   142 N NH1 . ARG A 1 16  ? -4.735  11.901  0.218   1.00 18.97  ? 165 ARG A NH1 1 
ATOM   143 N NH2 . ARG A 1 16  ? -6.859  11.072  -0.168  1.00 2.00   ? 165 ARG A NH2 1 
ATOM   144 N N   . LEU A 1 17  ? 0.552   11.312  -4.918  1.00 2.00   ? 166 LEU A N   1 
ATOM   145 C CA  . LEU A 1 17  ? 1.142   11.137  -6.239  1.00 4.41   ? 166 LEU A CA  1 
ATOM   146 C C   . LEU A 1 17  ? 2.590   11.110  -6.020  1.00 9.27   ? 166 LEU A C   1 
ATOM   147 O O   . LEU A 1 17  ? 3.098   11.945  -5.341  1.00 5.68   ? 166 LEU A O   1 
ATOM   148 C CB  . LEU A 1 17  ? 0.780   12.342  -7.117  1.00 12.47  ? 166 LEU A CB  1 
ATOM   149 C CG  . LEU A 1 17  ? -0.742  12.647  -7.053  1.00 46.24  ? 166 LEU A CG  1 
ATOM   150 C CD1 . LEU A 1 17  ? -1.170  14.146  -7.326  1.00 23.69  ? 166 LEU A CD1 1 
ATOM   151 C CD2 . LEU A 1 17  ? -1.654  11.594  -7.765  1.00 98.99  ? 166 LEU A CD2 1 
ATOM   152 N N   . HIS A 1 18  ? 3.255   10.106  -6.553  1.00 5.24   ? 167 HIS A N   1 
ATOM   153 C CA  . HIS A 1 18  ? 4.698   9.960   -6.374  1.00 4.18   ? 167 HIS A CA  1 
ATOM   154 C C   . HIS A 1 18  ? 5.311   9.794   -7.768  1.00 24.81  ? 167 HIS A C   1 
ATOM   155 O O   . HIS A 1 18  ? 4.814   9.035   -8.594  1.00 4.62   ? 167 HIS A O   1 
ATOM   156 C CB  . HIS A 1 18  ? 4.981   8.732   -5.543  1.00 4.11   ? 167 HIS A CB  1 
ATOM   157 C CG  . HIS A 1 18  ? 4.489   8.824   -4.137  1.00 8.35   ? 167 HIS A CG  1 
ATOM   158 N ND1 . HIS A 1 18  ? 5.340   8.933   -3.056  1.00 12.03  ? 167 HIS A ND1 1 
ATOM   159 C CD2 . HIS A 1 18  ? 3.235   8.854   -3.627  1.00 5.59   ? 167 HIS A CD2 1 
ATOM   160 C CE1 . HIS A 1 18  ? 4.632   9.007   -1.940  1.00 34.27  ? 167 HIS A CE1 1 
ATOM   161 N NE2 . HIS A 1 18  ? 3.352   8.975   -2.259  1.00 16.18  ? 167 HIS A NE2 1 
ATOM   162 N N   . ALA A 1 19  ? 6.353   10.553  -8.047  1.00 5.13   ? 168 ALA A N   1 
ATOM   163 C CA  . ALA A 1 19  ? 7.034   10.453  -9.335  1.00 4.33   ? 168 ALA A CA  1 
ATOM   164 C C   . ALA A 1 19  ? 8.416   10.058  -8.962  1.00 11.02  ? 168 ALA A C   1 
ATOM   165 O O   . ALA A 1 19  ? 9.131   10.839  -8.287  1.00 5.42   ? 168 ALA A O   1 
ATOM   166 C CB  . ALA A 1 19  ? 7.017   11.827  -10.082 1.00 4.27   ? 168 ALA A CB  1 
ATOM   167 N N   . VAL A 1 20  ? 8.827   8.844   -9.329  1.00 6.84   ? 169 VAL A N   1 
ATOM   168 C CA  . VAL A 1 20  ? 10.178  8.413   -8.957  1.00 5.87   ? 169 VAL A CA  1 
ATOM   169 C C   . VAL A 1 20  ? 11.000  7.901   -10.162 1.00 6.06   ? 169 VAL A C   1 
ATOM   170 O O   . VAL A 1 20  ? 10.473  7.214   -11.059 1.00 8.25   ? 169 VAL A O   1 
ATOM   171 C CB  . VAL A 1 20  ? 10.148  7.273   -7.809  1.00 18.92  ? 169 VAL A CB  1 
ATOM   172 C CG1 . VAL A 1 20  ? 8.919   7.445   -6.920  1.00 2.61   ? 169 VAL A CG1 1 
ATOM   173 C CG2 . VAL A 1 20  ? 10.072  5.987   -8.374  1.00 12.38  ? 169 VAL A CG2 1 
ATOM   174 N N   . PRO A 1 21  ? 12.307  8.215   -10.186 1.00 14.66  ? 170 PRO A N   1 
ATOM   175 C CA  . PRO A 1 21  ? 13.152  7.731   -11.262 1.00 3.28   ? 170 PRO A CA  1 
ATOM   176 C C   . PRO A 1 21  ? 13.166  6.187   -11.318 1.00 5.82   ? 170 PRO A C   1 
ATOM   177 O O   . PRO A 1 21  ? 13.004  5.516   -10.264 1.00 8.63   ? 170 PRO A O   1 
ATOM   178 C CB  . PRO A 1 21  ? 14.532  8.216   -10.852 1.00 5.22   ? 170 PRO A CB  1 
ATOM   179 C CG  . PRO A 1 21  ? 14.325  9.349   -9.954  1.00 3.79   ? 170 PRO A CG  1 
ATOM   180 C CD  . PRO A 1 21  ? 13.049  9.056   -9.232  1.00 29.09  ? 170 PRO A CD  1 
ATOM   181 N N   . ALA A 1 22  ? 13.322  5.614   -12.510 1.00 3.93   ? 171 ALA A N   1 
ATOM   182 C CA  . ALA A 1 22  ? 13.409  4.140   -12.631 1.00 3.27   ? 171 ALA A CA  1 
ATOM   183 C C   . ALA A 1 22  ? 14.578  3.638   -11.778 1.00 3.74   ? 171 ALA A C   1 
ATOM   184 O O   . ALA A 1 22  ? 15.531  4.391   -11.533 1.00 4.75   ? 171 ALA A O   1 
ATOM   185 C CB  . ALA A 1 22  ? 13.658  3.759   -14.091 1.00 15.52  ? 171 ALA A CB  1 
ATOM   186 N N   . ALA A 1 23  ? 14.519  2.366   -11.340 1.00 5.18   ? 172 ALA A N   1 
ATOM   187 C CA  . ALA A 1 23  ? 15.613  1.737   -10.543 1.00 6.01   ? 172 ALA A CA  1 
ATOM   188 C C   . ALA A 1 23  ? 15.653  2.112   -9.059  1.00 9.13   ? 172 ALA A C   1 
ATOM   189 O O   . ALA A 1 23  ? 16.454  1.551   -8.311  1.00 9.90   ? 172 ALA A O   1 
ATOM   190 C CB  . ALA A 1 23  ? 17.054  1.962   -11.232 1.00 9.55   ? 172 ALA A CB  1 
ATOM   191 N N   . ASN A 1 24  ? 14.853  3.091   -8.653  1.00 3.11   ? 173 ASN A N   1 
ATOM   192 C CA  . ASN A 1 24  ? 14.771  3.469   -7.243  1.00 5.82   ? 173 ASN A CA  1 
ATOM   193 C C   . ASN A 1 24  ? 13.787  2.522   -6.501  1.00 5.05   ? 173 ASN A C   1 
ATOM   194 O O   . ASN A 1 24  ? 13.057  1.744   -7.120  1.00 5.02   ? 173 ASN A O   1 
ATOM   195 C CB  . ASN A 1 24  ? 14.205  4.847   -7.096  1.00 4.49   ? 173 ASN A CB  1 
ATOM   196 C CG  . ASN A 1 24  ? 15.186  5.945   -7.457  1.00 20.96  ? 173 ASN A CG  1 
ATOM   197 O OD1 . ASN A 1 24  ? 14.786  7.072   -7.587  1.00 41.31  ? 173 ASN A OD1 1 
ATOM   198 N ND2 . ASN A 1 24  ? 16.456  5.615   -7.625  1.00 2.00   ? 173 ASN A ND2 1 
ATOM   199 N N   . THR A 1 25  ? 13.769  2.631   -5.186  1.00 18.49  ? 174 THR A N   1 
ATOM   200 C CA  . THR A 1 25  ? 12.883  1.828   -4.349  1.00 10.63  ? 174 THR A CA  1 
ATOM   201 C C   . THR A 1 25  ? 11.699  2.708   -3.892  1.00 7.85   ? 174 THR A C   1 
ATOM   202 O O   . THR A 1 25  ? 11.906  3.904   -3.510  1.00 4.41   ? 174 THR A O   1 
ATOM   203 C CB  . THR A 1 25  ? 13.665  1.324   -3.080  1.00 3.60   ? 174 THR A CB  1 
ATOM   204 O OG1 . THR A 1 25  ? 14.683  0.412   -3.488  1.00 9.22   ? 174 THR A OG1 1 
ATOM   205 C CG2 . THR A 1 25  ? 12.718  0.605   -2.078  1.00 4.19   ? 174 THR A CG2 1 
ATOM   206 N N   . VAL A 1 26  ? 10.481  2.214   -4.002  1.00 4.40   ? 175 VAL A N   1 
ATOM   207 C CA  . VAL A 1 26  ? 9.351   3.008   -3.467  1.00 14.59  ? 175 VAL A CA  1 
ATOM   208 C C   . VAL A 1 26  ? 8.729   2.239   -2.376  1.00 15.16  ? 175 VAL A C   1 
ATOM   209 O O   . VAL A 1 26  ? 8.668   0.977   -2.416  1.00 9.10   ? 175 VAL A O   1 
ATOM   210 C CB  . VAL A 1 26  ? 8.308   3.445   -4.474  1.00 27.95  ? 175 VAL A CB  1 
ATOM   211 C CG1 . VAL A 1 26  ? 8.975   4.217   -5.541  1.00 16.38  ? 175 VAL A CG1 1 
ATOM   212 C CG2 . VAL A 1 26  ? 7.666   2.282   -5.040  1.00 9.67   ? 175 VAL A CG2 1 
ATOM   213 N N   . LYS A 1 27  ? 8.329   2.955   -1.360  1.00 4.18   ? 176 LYS A N   1 
ATOM   214 C CA  . LYS A 1 27  ? 7.719   2.334   -0.223  1.00 11.95  ? 176 LYS A CA  1 
ATOM   215 C C   . LYS A 1 27  ? 6.371   3.028   0.055   1.00 18.71  ? 176 LYS A C   1 
ATOM   216 O O   . LYS A 1 27  ? 6.343   4.196   0.152   1.00 8.64   ? 176 LYS A O   1 
ATOM   217 C CB  . LYS A 1 27  ? 8.669   2.475   0.988   1.00 2.68   ? 176 LYS A CB  1 
ATOM   218 C CG  . LYS A 1 27  ? 8.116   1.976   2.288   1.00 22.22  ? 176 LYS A CG  1 
ATOM   219 C CD  . LYS A 1 27  ? 9.026   2.233   3.508   1.00 27.88  ? 176 LYS A CD  1 
ATOM   220 C CE  . LYS A 1 27  ? 8.312   1.735   4.799   1.00 33.61  ? 176 LYS A CE  1 
ATOM   221 N NZ  . LYS A 1 27  ? 9.098   1.854   6.074   1.00 11.73  ? 176 LYS A NZ  1 
ATOM   222 N N   . PHE A 1 28  ? 5.266   2.299   0.127   1.00 5.40   ? 177 PHE A N   1 
ATOM   223 C CA  . PHE A 1 28  ? 3.919   2.950   0.461   1.00 10.28  ? 177 PHE A CA  1 
ATOM   224 C C   . PHE A 1 28  ? 3.444   2.475   1.830   1.00 5.77   ? 177 PHE A C   1 
ATOM   225 O O   . PHE A 1 28  ? 3.576   1.296   2.142   1.00 6.14   ? 177 PHE A O   1 
ATOM   226 C CB  . PHE A 1 28  ? 2.863   2.611   -0.568  1.00 11.49  ? 177 PHE A CB  1 
ATOM   227 C CG  . PHE A 1 28  ? 3.141   3.167   -1.919  1.00 6.73   ? 177 PHE A CG  1 
ATOM   228 C CD1 . PHE A 1 28  ? 3.308   4.533   -2.100  1.00 4.00   ? 177 PHE A CD1 1 
ATOM   229 C CD2 . PHE A 1 28  ? 3.121   2.365   -3.013  1.00 5.53   ? 177 PHE A CD2 1 
ATOM   230 C CE1 . PHE A 1 28  ? 3.620   5.060   -3.397  1.00 7.54   ? 177 PHE A CE1 1 
ATOM   231 C CE2 . PHE A 1 28  ? 3.391   2.906   -4.312  1.00 6.27   ? 177 PHE A CE2 1 
ATOM   232 C CZ  . PHE A 1 28  ? 3.629   4.243   -4.483  1.00 4.87   ? 177 PHE A CZ  1 
ATOM   233 N N   . ARG A 1 29  ? 2.856   3.345   2.637   1.00 4.29   ? 178 ARG A N   1 
ATOM   234 C CA  . ARG A 1 29  ? 2.432   2.907   3.967   1.00 3.48   ? 178 ARG A CA  1 
ATOM   235 C C   . ARG A 1 29  ? 1.005   3.300   4.244   1.00 5.61   ? 178 ARG A C   1 
ATOM   236 O O   . ARG A 1 29  ? 0.547   4.285   3.701   1.00 9.12   ? 178 ARG A O   1 
ATOM   237 C CB  . ARG A 1 29  ? 3.254   3.596   5.023   1.00 15.45  ? 178 ARG A CB  1 
ATOM   238 C CG  . ARG A 1 29  ? 4.695   3.519   4.884   1.00 5.90   ? 178 ARG A CG  1 
ATOM   239 C CD  . ARG A 1 29  ? 5.384   4.172   6.152   1.00 2.00   ? 178 ARG A CD  1 
ATOM   240 N NE  . ARG A 1 29  ? 6.800   4.392   5.897   1.00 35.83  ? 178 ARG A NE  1 
ATOM   241 C CZ  . ARG A 1 29  ? 7.654   4.971   6.735   1.00 465.56 ? 178 ARG A CZ  1 
ATOM   242 N NH1 . ARG A 1 29  ? 8.900   5.118   6.357   1.00 11.43  ? 178 ARG A NH1 1 
ATOM   243 N NH2 . ARG A 1 29  ? 7.270   5.413   7.937   1.00 2.00   ? 178 ARG A NH2 1 
ATOM   244 N N   . CYS A 1 30  ? 0.283   2.507   5.064   1.00 5.14   ? 179 CYS A N   1 
ATOM   245 C CA  . CYS A 1 30  ? -1.086  2.840   5.483   1.00 2.55   ? 179 CYS A CA  1 
ATOM   246 C C   . CYS A 1 30  ? -1.223  2.463   6.868   1.00 5.36   ? 179 CYS A C   1 
ATOM   247 O O   . CYS A 1 30  ? -1.985  1.573   7.169   1.00 4.49   ? 179 CYS A O   1 
ATOM   248 C CB  . CYS A 1 30  ? -2.182  2.104   4.620   1.00 4.92   ? 179 CYS A CB  1 
ATOM   249 S SG  . CYS A 1 30  ? -2.149  2.714   2.922   1.00 5.21   ? 179 CYS A SG  1 
ATOM   250 N N   . PRO A 1 31  ? -0.494  3.200   7.793   1.00 3.26   ? 180 PRO A N   1 
ATOM   251 C CA  . PRO A 1 31  ? -0.502  2.937   9.254   1.00 5.51   ? 180 PRO A CA  1 
ATOM   252 C C   . PRO A 1 31  ? -1.937  2.849   9.692   1.00 20.37  ? 180 PRO A C   1 
ATOM   253 O O   . PRO A 1 31  ? -2.692  3.725   9.358   1.00 6.13   ? 180 PRO A O   1 
ATOM   254 C CB  . PRO A 1 31  ? 0.199   4.183   9.861   1.00 16.70  ? 180 PRO A CB  1 
ATOM   255 C CG  . PRO A 1 31  ? 1.128   4.716   8.770   1.00 5.62   ? 180 PRO A CG  1 
ATOM   256 C CD  . PRO A 1 31  ? 0.297   4.387   7.420   1.00 2.06   ? 180 PRO A CD  1 
ATOM   257 N N   . ALA A 1 32  ? -2.302  1.779   10.423  1.00 5.95   ? 181 ALA A N   1 
ATOM   258 C CA  . ALA A 1 32  ? -3.730  1.487   10.829  1.00 8.88   ? 181 ALA A CA  1 
ATOM   259 C C   . ALA A 1 32  ? -3.836  0.852   12.199  1.00 6.28   ? 181 ALA A C   1 
ATOM   260 O O   . ALA A 1 32  ? -2.898  0.209   12.686  1.00 5.43   ? 181 ALA A O   1 
ATOM   261 C CB  . ALA A 1 32  ? -4.351  0.556   9.842   1.00 3.47   ? 181 ALA A CB  1 
ATOM   262 N N   . GLY A 1 33  ? -4.981  1.028   12.803  1.00 4.81   ? 182 GLY A N   1 
ATOM   263 C CA  . GLY A 1 33  ? -5.272  0.485   14.089  1.00 5.52   ? 182 GLY A CA  1 
ATOM   264 C C   . GLY A 1 33  ? -6.645  -0.151  14.020  1.00 10.44  ? 182 GLY A C   1 
ATOM   265 O O   . GLY A 1 33  ? -7.352  -0.027  13.023  1.00 3.85   ? 182 GLY A O   1 
ATOM   266 N N   . GLY A 1 34  ? -7.049  -0.805  15.085  1.00 5.28   ? 183 GLY A N   1 
ATOM   267 C CA  . GLY A 1 34  ? -8.381  -1.438  15.108  1.00 4.26   ? 183 GLY A CA  1 
ATOM   268 C C   . GLY A 1 34  ? -8.403  -2.670  15.991  1.00 7.74   ? 183 GLY A C   1 
ATOM   269 O O   . GLY A 1 34  ? -7.380  -3.288  16.215  1.00 5.95   ? 183 GLY A O   1 
ATOM   270 N N   . ASN A 1 35  ? -9.571  -3.046  16.462  1.00 4.43   ? 184 ASN A N   1 
ATOM   271 C CA  . ASN A 1 35  ? -9.692  -4.192  17.331  1.00 5.55   ? 184 ASN A CA  1 
ATOM   272 C C   . ASN A 1 35  ? -10.878 -5.084  16.836  1.00 5.73   ? 184 ASN A C   1 
ATOM   273 O O   . ASN A 1 35  ? -12.049 -4.650  16.873  1.00 5.91   ? 184 ASN A O   1 
ATOM   274 C CB  . ASN A 1 35  ? -9.905  -3.692  18.762  1.00 4.24   ? 184 ASN A CB  1 
ATOM   275 C CG  . ASN A 1 35  ? -9.829  -4.788  19.799  1.00 6.07   ? 184 ASN A CG  1 
ATOM   276 O OD1 . ASN A 1 35  ? -9.509  -5.927  19.506  1.00 21.77  ? 184 ASN A OD1 1 
ATOM   277 N ND2 . ASN A 1 35  ? -10.120 -4.426  21.052  1.00 5.45   ? 184 ASN A ND2 1 
ATOM   278 N N   . PRO A 1 36  ? -10.582 -6.305  16.374  1.00 5.27   ? 185 PRO A N   1 
ATOM   279 C CA  . PRO A 1 36  ? -9.266  -6.926  16.309  1.00 9.04   ? 185 PRO A CA  1 
ATOM   280 C C   . PRO A 1 36  ? -8.301  -6.342  15.268  1.00 5.60   ? 185 PRO A C   1 
ATOM   281 O O   . PRO A 1 36  ? -8.686  -5.564  14.411  1.00 5.14   ? 185 PRO A O   1 
ATOM   282 C CB  . PRO A 1 36  ? -9.587  -8.392  15.994  1.00 25.88  ? 185 PRO A CB  1 
ATOM   283 C CG  . PRO A 1 36  ? -11.080 -8.478  15.887  1.00 4.39   ? 185 PRO A CG  1 
ATOM   284 C CD  . PRO A 1 36  ? -11.618 -7.160  15.771  1.00 16.22  ? 185 PRO A CD  1 
ATOM   285 N N   . MET A 1 37  ? -7.032  -6.756  15.362  1.00 11.51  ? 186 MET A N   1 
ATOM   286 C CA  . MET A 1 37  ? -5.939  -6.291  14.445  1.00 7.02   ? 186 MET A CA  1 
ATOM   287 C C   . MET A 1 37  ? -6.404  -6.433  13.027  1.00 4.42   ? 186 MET A C   1 
ATOM   288 O O   . MET A 1 37  ? -6.810  -7.516  12.633  1.00 8.57   ? 186 MET A O   1 
ATOM   289 C CB  . MET A 1 37  ? -4.702  -7.187  14.656  1.00 13.99  ? 186 MET A CB  1 
ATOM   290 C CG  . MET A 1 37  ? -3.432  -6.706  13.972  1.00 29.62  ? 186 MET A CG  1 
ATOM   291 S SD  . MET A 1 37  ? -3.128  -4.978  14.439  1.00 32.47  ? 186 MET A SD  1 
ATOM   292 C CE  . MET A 1 37  ? -1.413  -4.774  13.872  1.00 54.64  ? 186 MET A CE  1 
ATOM   293 N N   . PRO A 1 38  ? -6.489  -5.338  12.281  1.00 3.41   ? 187 PRO A N   1 
ATOM   294 C CA  . PRO A 1 38  ? -6.923  -5.575  10.918  1.00 2.95   ? 187 PRO A CA  1 
ATOM   295 C C   . PRO A 1 38  ? -5.880  -6.157  10.004  1.00 5.96   ? 187 PRO A C   1 
ATOM   296 O O   . PRO A 1 38  ? -4.691  -6.068  10.312  1.00 4.43   ? 187 PRO A O   1 
ATOM   297 C CB  . PRO A 1 38  ? -7.326  -4.178  10.418  1.00 8.45   ? 187 PRO A CB  1 
ATOM   298 C CG  . PRO A 1 38  ? -6.588  -3.231  11.282  1.00 7.16   ? 187 PRO A CG  1 
ATOM   299 C CD  . PRO A 1 38  ? -6.391  -3.919  12.618  1.00 5.52   ? 187 PRO A CD  1 
ATOM   300 N N   . THR A 1 39  ? -6.339  -6.799  8.918   1.00 2.82   ? 188 THR A N   1 
ATOM   301 C CA  . THR A 1 39  ? -5.461  -7.331  7.902   1.00 4.58   ? 188 THR A CA  1 
ATOM   302 C C   . THR A 1 39  ? -5.305  -6.251  6.809   1.00 8.31   ? 188 THR A C   1 
ATOM   303 O O   . THR A 1 39  ? -6.075  -5.276  6.765   1.00 5.73   ? 188 THR A O   1 
ATOM   304 C CB  . THR A 1 39  ? -6.011  -8.613  7.199   1.00 5.68   ? 188 THR A CB  1 
ATOM   305 O OG1 . THR A 1 39  ? -7.335  -8.329  6.715   1.00 22.24  ? 188 THR A OG1 1 
ATOM   306 C CG2 . THR A 1 39  ? -6.058  -9.752  8.123   1.00 5.51   ? 188 THR A CG2 1 
ATOM   307 N N   . MET A 1 40  ? -4.281  -6.412  5.991   1.00 4.45   ? 189 MET A N   1 
ATOM   308 C CA  . MET A 1 40  ? -4.004  -5.491  4.928   1.00 4.33   ? 189 MET A CA  1 
ATOM   309 C C   . MET A 1 40  ? -3.759  -6.220  3.621   1.00 5.10   ? 189 MET A C   1 
ATOM   310 O O   . MET A 1 40  ? -3.118  -7.283  3.608   1.00 5.64   ? 189 MET A O   1 
ATOM   311 C CB  . MET A 1 40  ? -2.731  -4.791  5.275   1.00 3.42   ? 189 MET A CB  1 
ATOM   312 C CG  . MET A 1 40  ? -2.221  -3.891  4.229   1.00 20.40  ? 189 MET A CG  1 
ATOM   313 S SD  . MET A 1 40  ? -0.667  -3.039  4.690   1.00 13.79  ? 189 MET A SD  1 
ATOM   314 C CE  . MET A 1 40  ? 0.596   -4.339  4.586   1.00 14.42  ? 189 MET A CE  1 
ATOM   315 N N   . ARG A 1 41  ? -4.238  -5.662  2.527   1.00 3.33   ? 190 ARG A N   1 
ATOM   316 C CA  . ARG A 1 41  ? -3.928  -6.172  1.254   1.00 4.46   ? 190 ARG A CA  1 
ATOM   317 C C   . ARG A 1 41  ? -3.778  -4.989  0.321   1.00 10.17  ? 190 ARG A C   1 
ATOM   318 O O   . ARG A 1 41  ? -4.220  -3.907  0.624   1.00 7.68   ? 190 ARG A O   1 
ATOM   319 C CB  . ARG A 1 41  ? -4.865  -7.284  0.766   1.00 6.80   ? 190 ARG A CB  1 
ATOM   320 C CG  . ARG A 1 41  ? -6.273  -6.892  0.654   1.00 5.15   ? 190 ARG A CG  1 
ATOM   321 C CD  . ARG A 1 41  ? -7.140  -8.080  0.524   1.00 5.76   ? 190 ARG A CD  1 
ATOM   322 N NE  . ARG A 1 41  ? -8.547  -7.674  0.741   1.00 9.92   ? 190 ARG A NE  1 
ATOM   323 C CZ  . ARG A 1 41  ? -9.362  -7.272  -0.231  1.00 500.00 ? 190 ARG A CZ  1 
ATOM   324 N NH1 . ARG A 1 41  ? -8.938  -7.248  -1.493  1.00 10.97  ? 190 ARG A NH1 1 
ATOM   325 N NH2 . ARG A 1 41  ? -10.607 -6.905  0.055   1.00 15.44  ? 190 ARG A NH2 1 
ATOM   326 N N   . TRP A 1 42  ? -3.054  -5.198  -0.739  1.00 6.40   ? 191 TRP A N   1 
ATOM   327 C CA  . TRP A 1 42  ? -2.761  -4.169  -1.778  1.00 8.72   ? 191 TRP A CA  1 
ATOM   328 C C   . TRP A 1 42  ? -3.330  -4.491  -3.119  1.00 17.30  ? 191 TRP A C   1 
ATOM   329 O O   . TRP A 1 42  ? -3.381  -5.640  -3.530  1.00 5.15   ? 191 TRP A O   1 
ATOM   330 C CB  . TRP A 1 42  ? -1.265  -4.033  -1.910  1.00 5.38   ? 191 TRP A CB  1 
ATOM   331 C CG  . TRP A 1 42  ? -0.685  -3.373  -0.647  1.00 4.49   ? 191 TRP A CG  1 
ATOM   332 C CD1 . TRP A 1 42  ? -0.270  -3.972  0.495   1.00 8.62   ? 191 TRP A CD1 1 
ATOM   333 C CD2 . TRP A 1 42  ? -0.534  -1.994  -0.474  1.00 6.20   ? 191 TRP A CD2 1 
ATOM   334 N NE1 . TRP A 1 42  ? 0.221   -2.979  1.441   1.00 4.93   ? 191 TRP A NE1 1 
ATOM   335 C CE2 . TRP A 1 42  ? 0.082   -1.763  0.818   1.00 10.60  ? 191 TRP A CE2 1 
ATOM   336 C CE3 . TRP A 1 42  ? -0.757  -0.874  -1.329  1.00 9.93   ? 191 TRP A CE3 1 
ATOM   337 C CZ2 . TRP A 1 42  ? 0.376   -0.517  1.248   1.00 5.44   ? 191 TRP A CZ2 1 
ATOM   338 C CZ3 . TRP A 1 42  ? -0.452  0.341   -0.882  1.00 11.73  ? 191 TRP A CZ3 1 
ATOM   339 C CH2 . TRP A 1 42  ? 0.135   0.524   0.378   1.00 5.05   ? 191 TRP A CH2 1 
ATOM   340 N N   . LEU A 1 43  ? -3.824  -3.460  -3.791  1.00 6.26   ? 192 LEU A N   1 
ATOM   341 C CA  . LEU A 1 43  ? -4.392  -3.654  -5.181  1.00 5.89   ? 192 LEU A CA  1 
ATOM   342 C C   . LEU A 1 43  ? -3.535  -2.800  -6.055  1.00 5.67   ? 192 LEU A C   1 
ATOM   343 O O   . LEU A 1 43  ? -2.871  -1.832  -5.535  1.00 6.14   ? 192 LEU A O   1 
ATOM   344 C CB  . LEU A 1 43  ? -5.827  -3.137  -5.238  1.00 5.93   ? 192 LEU A CB  1 
ATOM   345 C CG  . LEU A 1 43  ? -6.911  -3.669  -4.305  1.00 20.83  ? 192 LEU A CG  1 
ATOM   346 C CD1 . LEU A 1 43  ? -8.258  -3.064  -4.617  1.00 5.33   ? 192 LEU A CD1 1 
ATOM   347 C CD2 . LEU A 1 43  ? -7.106  -5.178  -4.365  1.00 5.08   ? 192 LEU A CD2 1 
ATOM   348 N N   . LYS A 1 44  ? -3.427  -3.120  -7.304  1.00 4.88   ? 193 LYS A N   1 
ATOM   349 C CA  . LYS A 1 44  ? -2.694  -2.272  -8.255  1.00 4.40   ? 193 LYS A CA  1 
ATOM   350 C C   . LYS A 1 44  ? -3.750  -2.129  -9.315  1.00 5.16   ? 193 LYS A C   1 
ATOM   351 O O   . LYS A 1 44  ? -4.362  -3.173  -9.862  1.00 4.42   ? 193 LYS A O   1 
ATOM   352 C CB  . LYS A 1 44  ? -1.508  -2.975  -8.959  1.00 4.83   ? 193 LYS A CB  1 
ATOM   353 C CG  . LYS A 1 44  ? -0.892  -2.088  -10.064 1.00 5.41   ? 193 LYS A CG  1 
ATOM   354 C CD  . LYS A 1 44  ? 0.286   -2.841  -10.751 1.00 4.62   ? 193 LYS A CD  1 
ATOM   355 C CE  . LYS A 1 44  ? 0.985   -1.975  -11.874 1.00 11.57  ? 193 LYS A CE  1 
ATOM   356 N NZ  . LYS A 1 44  ? 1.946   -2.814  -12.619 1.00 2.00   ? 193 LYS A NZ  1 
ATOM   357 N N   . ASN A 1 45  ? -4.048  -0.907  -9.583  1.00 9.55   ? 194 ASN A N   1 
ATOM   358 C CA  . ASN A 1 45  ? -5.192  -0.543  -10.561 1.00 6.20   ? 194 ASN A CA  1 
ATOM   359 C C   . ASN A 1 45  ? -6.490  -1.265  -10.247 1.00 6.11   ? 194 ASN A C   1 
ATOM   360 O O   . ASN A 1 45  ? -7.096  -1.805  -11.148 1.00 11.33  ? 194 ASN A O   1 
ATOM   361 C CB  . ASN A 1 45  ? -4.742  -0.765  -12.012 1.00 4.85   ? 194 ASN A CB  1 
ATOM   362 C CG  . ASN A 1 45  ? -3.650  0.170   -12.387 1.00 13.82  ? 194 ASN A CG  1 
ATOM   363 O OD1 . ASN A 1 45  ? -3.593  1.319   -11.859 1.00 5.86   ? 194 ASN A OD1 1 
ATOM   364 N ND2 . ASN A 1 45  ? -2.722  -0.287  -13.243 1.00 6.08   ? 194 ASN A ND2 1 
ATOM   365 N N   . GLY A 1 46  ? -6.875  -1.353  -8.946  1.00 5.73   ? 195 GLY A N   1 
ATOM   366 C CA  . GLY A 1 46  ? -8.178  -1.976  -8.601  1.00 5.18   ? 195 GLY A CA  1 
ATOM   367 C C   . GLY A 1 46  ? -8.217  -3.504  -8.513  1.00 6.49   ? 195 GLY A C   1 
ATOM   368 O O   . GLY A 1 46  ? -9.160  -4.069  -7.940  1.00 5.53   ? 195 GLY A O   1 
ATOM   369 N N   . LYS A 1 47  ? -7.145  -4.175  -8.966  1.00 15.38  ? 196 LYS A N   1 
ATOM   370 C CA  . LYS A 1 47  ? -7.056  -5.670  -8.933  1.00 4.80   ? 196 LYS A CA  1 
ATOM   371 C C   . LYS A 1 47  ? -5.927  -6.161  -7.949  1.00 4.75   ? 196 LYS A C   1 
ATOM   372 O O   . LYS A 1 47  ? -4.897  -5.440  -7.732  1.00 7.72   ? 196 LYS A O   1 
ATOM   373 C CB  . LYS A 1 47  ? -6.871  -6.266  -10.341 1.00 19.66  ? 196 LYS A CB  1 
ATOM   374 C CG  . LYS A 1 47  ? -7.638  -5.460  -11.446 1.00 12.56  ? 196 LYS A CG  1 
ATOM   375 C CD  . LYS A 1 47  ? -8.168  -6.218  -12.612 1.00 30.54  ? 196 LYS A CD  1 
ATOM   376 C CE  . LYS A 1 47  ? -9.555  -6.831  -12.219 1.00 60.13  ? 196 LYS A CE  1 
ATOM   377 N NZ  . LYS A 1 47  ? -10.353 -7.342  -13.366 1.00 47.15  ? 196 LYS A NZ  1 
ATOM   378 N N   . GLU A 1 48  ? -6.181  -7.288  -7.308  1.00 5.13   ? 197 GLU A N   1 
ATOM   379 C CA  . GLU A 1 48  ? -5.249  -7.901  -6.378  1.00 5.81   ? 197 GLU A CA  1 
ATOM   380 C C   . GLU A 1 48  ? -3.877  -7.898  -7.057  1.00 7.54   ? 197 GLU A C   1 
ATOM   381 O O   . GLU A 1 48  ? -3.728  -8.331  -8.203  1.00 5.78   ? 197 GLU A O   1 
ATOM   382 C CB  . GLU A 1 48  ? -5.646  -9.328  -6.045  1.00 2.00   ? 197 GLU A CB  1 
ATOM   383 C CG  . GLU A 1 48  ? -4.705  -9.949  -5.031  1.00 31.45  ? 197 GLU A CG  1 
ATOM   384 C CD  . GLU A 1 48  ? -5.035  -11.364 -4.671  1.00 349.26 ? 197 GLU A CD  1 
ATOM   385 O OE1 . GLU A 1 48  ? -4.212  -11.972 -3.940  1.00 9.36   ? 197 GLU A OE1 1 
ATOM   386 O OE2 . GLU A 1 48  ? -6.094  -11.875 -5.118  1.00 26.42  ? 197 GLU A OE2 1 
ATOM   387 N N   . PHE A 1 49  ? -2.890  -7.381  -6.316  1.00 9.17   ? 198 PHE A N   1 
ATOM   388 C CA  . PHE A 1 49  ? -1.545  -7.263  -6.759  1.00 5.08   ? 198 PHE A CA  1 
ATOM   389 C C   . PHE A 1 49  ? -0.843  -8.439  -6.174  1.00 18.21  ? 198 PHE A C   1 
ATOM   390 O O   . PHE A 1 49  ? -0.778  -8.576  -4.983  1.00 6.33   ? 198 PHE A O   1 
ATOM   391 C CB  . PHE A 1 49  ? -1.006  -5.849  -6.219  1.00 4.91   ? 198 PHE A CB  1 
ATOM   392 C CG  . PHE A 1 49  ? 0.448   -5.531  -6.573  1.00 5.70   ? 198 PHE A CG  1 
ATOM   393 C CD1 . PHE A 1 49  ? 1.298   -4.935  -5.613  1.00 5.36   ? 198 PHE A CD1 1 
ATOM   394 C CD2 . PHE A 1 49  ? 0.955   -5.779  -7.820  1.00 23.03  ? 198 PHE A CD2 1 
ATOM   395 C CE1 . PHE A 1 49  ? 2.585   -4.632  -5.910  1.00 6.00   ? 198 PHE A CE1 1 
ATOM   396 C CE2 . PHE A 1 49  ? 2.326   -5.466  -8.115  1.00 11.96  ? 198 PHE A CE2 1 
ATOM   397 C CZ  . PHE A 1 49  ? 3.130   -4.920  -7.138  1.00 15.44  ? 198 PHE A CZ  1 
ATOM   398 N N   . LYS A 1 50  ? -0.332  -9.322  -7.016  1.00 7.82   ? 199 LYS A N   1 
ATOM   399 C CA  . LYS A 1 50  ? 0.372   -10.472 -6.526  1.00 4.73   ? 199 LYS A CA  1 
ATOM   400 C C   . LYS A 1 50  ? 1.879   -10.448 -6.895  1.00 7.54   ? 199 LYS A C   1 
ATOM   401 O O   . LYS A 1 50  ? 2.260   -9.785  -7.797  1.00 5.48   ? 199 LYS A O   1 
ATOM   402 C CB  . LYS A 1 50  ? -0.295  -11.723 -7.088  1.00 5.50   ? 199 LYS A CB  1 
ATOM   403 C CG  . LYS A 1 50  ? -1.674  -12.041 -6.498  1.00 12.72  ? 199 LYS A CG  1 
ATOM   404 C CD  . LYS A 1 50  ? -2.401  -13.056 -7.338  1.00 4.87   ? 199 LYS A CD  1 
ATOM   405 C CE  . LYS A 1 50  ? -2.728  -12.416 -8.713  1.00 335.39 ? 199 LYS A CE  1 
ATOM   406 N NZ  . LYS A 1 50  ? -3.548  -13.229 -9.651  1.00 12.60  ? 199 LYS A NZ  1 
ATOM   407 N N   . GLN A 1 51  ? 2.701   -11.228 -6.137  1.00 7.30   ? 200 GLN A N   1 
ATOM   408 C CA  . GLN A 1 51  ? 4.155   -11.373 -6.313  1.00 4.80   ? 200 GLN A CA  1 
ATOM   409 C C   . GLN A 1 51  ? 4.553   -11.590 -7.707  1.00 3.94   ? 200 GLN A C   1 
ATOM   410 O O   . GLN A 1 51  ? 5.526   -10.993 -8.168  1.00 6.86   ? 200 GLN A O   1 
ATOM   411 C CB  . GLN A 1 51  ? 4.646   -12.611 -5.522  1.00 15.54  ? 200 GLN A CB  1 
ATOM   412 C CG  . GLN A 1 51  ? 4.494   -12.451 -4.095  1.00 21.62  ? 200 GLN A CG  1 
ATOM   413 C CD  . GLN A 1 51  ? 5.266   -11.257 -3.628  1.00 6.02   ? 200 GLN A CD  1 
ATOM   414 O OE1 . GLN A 1 51  ? 6.342   -10.924 -4.191  1.00 9.56   ? 200 GLN A OE1 1 
ATOM   415 N NE2 . GLN A 1 51  ? 4.773   -10.611 -2.587  1.00 20.28  ? 200 GLN A NE2 1 
ATOM   416 N N   . GLU A 1 52  ? 3.850   -12.457 -8.407  1.00 3.98   ? 201 GLU A N   1 
ATOM   417 C CA  . GLU A 1 52  ? 4.208   -12.671 -9.764  1.00 5.93   ? 201 GLU A CA  1 
ATOM   418 C C   . GLU A 1 52  ? 3.883   -11.531 -10.693 1.00 9.33   ? 201 GLU A C   1 
ATOM   419 O O   . GLU A 1 52  ? 4.189   -11.633 -11.860 1.00 4.72   ? 201 GLU A O   1 
ATOM   420 C CB  . GLU A 1 52  ? 3.599   -13.914 -10.373 1.00 6.50   ? 201 GLU A CB  1 
ATOM   421 C CG  . GLU A 1 52  ? 2.136   -13.894 -10.585 1.00 5.42   ? 201 GLU A CG  1 
ATOM   422 C CD  . GLU A 1 52  ? 1.354   -14.439 -9.436  1.00 130.35 ? 201 GLU A CD  1 
ATOM   423 O OE1 . GLU A 1 52  ? 1.753   -14.270 -8.251  1.00 7.50   ? 201 GLU A OE1 1 
ATOM   424 O OE2 . GLU A 1 52  ? 0.322   -15.072 -9.741  1.00 2.00   ? 201 GLU A OE2 1 
ATOM   425 N N   . HIS A 1 53  ? 3.201   -10.466 -10.228 1.00 6.09   ? 202 HIS A N   1 
ATOM   426 C CA  . HIS A 1 53  ? 2.917   -9.360  -11.176 1.00 5.27   ? 202 HIS A CA  1 
ATOM   427 C C   . HIS A 1 53  ? 4.103   -8.518  -11.655 1.00 7.25   ? 202 HIS A C   1 
ATOM   428 O O   . HIS A 1 53  ? 3.978   -7.808  -12.595 1.00 9.46   ? 202 HIS A O   1 
ATOM   429 C CB  . HIS A 1 53  ? 1.739   -8.510  -10.810 1.00 4.43   ? 202 HIS A CB  1 
ATOM   430 C CG  . HIS A 1 53  ? 0.450   -9.228  -10.871 1.00 3.82   ? 202 HIS A CG  1 
ATOM   431 N ND1 . HIS A 1 53  ? -0.480  -9.159  -9.867  1.00 7.33   ? 202 HIS A ND1 1 
ATOM   432 C CD2 . HIS A 1 53  ? -0.044  -10.097 -11.784 1.00 13.09  ? 202 HIS A CD2 1 
ATOM   433 C CE1 . HIS A 1 53  ? -1.528  -9.896  -10.187 1.00 2.24   ? 202 HIS A CE1 1 
ATOM   434 N NE2 . HIS A 1 53  ? -1.276  -10.499 -11.331 1.00 15.83  ? 202 HIS A NE2 1 
ATOM   435 N N   . ARG A 1 54  ? 5.215   -8.538  -10.940 1.00 6.17   ? 203 ARG A N   1 
ATOM   436 C CA  . ARG A 1 54  ? 6.403   -7.816  -11.388 1.00 13.29  ? 203 ARG A CA  1 
ATOM   437 C C   . ARG A 1 54  ? 7.577   -8.767  -11.119 1.00 23.17  ? 203 ARG A C   1 
ATOM   438 O O   . ARG A 1 54  ? 7.479   -9.667  -10.244 1.00 7.41   ? 203 ARG A O   1 
ATOM   439 C CB  . ARG A 1 54  ? 6.544   -6.448  -10.677 1.00 7.81   ? 203 ARG A CB  1 
ATOM   440 C CG  . ARG A 1 54  ? 6.887   -6.531  -9.239  1.00 4.54   ? 203 ARG A CG  1 
ATOM   441 C CD  . ARG A 1 54  ? 6.784   -5.226  -8.622  1.00 4.38   ? 203 ARG A CD  1 
ATOM   442 N NE  . ARG A 1 54  ? 7.709   -4.259  -9.190  1.00 6.95   ? 203 ARG A NE  1 
ATOM   443 C CZ  . ARG A 1 54  ? 8.951   -4.088  -8.757  1.00 14.02  ? 203 ARG A CZ  1 
ATOM   444 N NH1 . ARG A 1 54  ? 9.416   -4.838  -7.762  1.00 6.24   ? 203 ARG A NH1 1 
ATOM   445 N NH2 . ARG A 1 54  ? 9.720   -3.175  -9.304  1.00 13.88  ? 203 ARG A NH2 1 
ATOM   446 N N   . ILE A 1 55  ? 8.670   -8.595  -11.861 1.00 8.29   ? 204 ILE A N   1 
ATOM   447 C CA  . ILE A 1 55  ? 9.887   -9.472  -11.773 1.00 6.48   ? 204 ILE A CA  1 
ATOM   448 C C   . ILE A 1 55  ? 10.483  -9.493  -10.406 1.00 10.28  ? 204 ILE A C   1 
ATOM   449 O O   . ILE A 1 55  ? 10.819  -10.548 -9.859  1.00 6.68   ? 204 ILE A O   1 
ATOM   450 C CB  . ILE A 1 55  ? 11.006  -8.882  -12.707 1.00 3.02   ? 204 ILE A CB  1 
ATOM   451 C CG1 . ILE A 1 55  ? 10.516  -8.796  -14.112 1.00 23.85  ? 204 ILE A CG1 1 
ATOM   452 C CG2 . ILE A 1 55  ? 12.215  -9.666  -12.650 1.00 7.05   ? 204 ILE A CG2 1 
ATOM   453 C CD1 . ILE A 1 55  ? 9.973   -10.011 -14.529 1.00 3.69   ? 204 ILE A CD1 1 
ATOM   454 N N   . GLY A 1 56  ? 10.631  -8.306  -9.847  1.00 13.39  ? 205 GLY A N   1 
ATOM   455 C CA  . GLY A 1 56  ? 11.207  -8.158  -8.576  1.00 4.76   ? 205 GLY A CA  1 
ATOM   456 C C   . GLY A 1 56  ? 10.287  -8.629  -7.461  1.00 6.02   ? 205 GLY A C   1 
ATOM   457 O O   . GLY A 1 56  ? 10.797  -8.849  -6.349  1.00 9.28   ? 205 GLY A O   1 
ATOM   458 N N   . GLY A 1 57  ? 9.002   -8.846  -7.738  1.00 2.00   ? 206 GLY A N   1 
ATOM   459 C CA  . GLY A 1 57  ? 8.093   -9.233  -6.717  1.00 2.00   ? 206 GLY A CA  1 
ATOM   460 C C   . GLY A 1 57  ? 7.971   -8.040  -5.799  1.00 2.76   ? 206 GLY A C   1 
ATOM   461 O O   . GLY A 1 57  ? 8.354   -6.908  -6.174  1.00 2.00   ? 206 GLY A O   1 
ATOM   462 N N   . TYR A 1 58  ? 7.477   -8.255  -4.603  1.00 2.00   ? 207 TYR A N   1 
ATOM   463 C CA  . TYR A 1 58  ? 7.341   -7.173  -3.662  1.00 2.00   ? 207 TYR A CA  1 
ATOM   464 C C   . TYR A 1 58  ? 7.413   -7.533  -2.171  1.00 3.46   ? 207 TYR A C   1 
ATOM   465 O O   . TYR A 1 58  ? 7.169   -8.680  -1.787  1.00 5.28   ? 207 TYR A O   1 
ATOM   466 C CB  . TYR A 1 58  ? 6.061   -6.351  -3.933  1.00 4.49   ? 207 TYR A CB  1 
ATOM   467 C CG  . TYR A 1 58  ? 4.738   -7.008  -3.777  1.00 7.86   ? 207 TYR A CG  1 
ATOM   468 C CD1 . TYR A 1 58  ? 4.051   -7.582  -4.862  1.00 24.07  ? 207 TYR A CD1 1 
ATOM   469 C CD2 . TYR A 1 58  ? 4.126   -7.121  -2.536  1.00 23.21  ? 207 TYR A CD2 1 
ATOM   470 C CE1 . TYR A 1 58  ? 2.857   -8.120  -4.690  1.00 7.38   ? 207 TYR A CE1 1 
ATOM   471 C CE2 . TYR A 1 58  ? 2.929   -7.671  -2.426  1.00 6.78   ? 207 TYR A CE2 1 
ATOM   472 C CZ  . TYR A 1 58  ? 2.339   -8.145  -3.457  1.00 5.05   ? 207 TYR A CZ  1 
ATOM   473 O OH  . TYR A 1 58  ? 1.214   -8.590  -3.235  1.00 43.65  ? 207 TYR A OH  1 
ATOM   474 N N   . LYS A 1 59  ? 7.759   -6.581  -1.323  1.00 2.00   ? 208 LYS A N   1 
ATOM   475 C CA  . LYS A 1 59  ? 7.796   -6.895  0.088   1.00 3.23   ? 208 LYS A CA  1 
ATOM   476 C C   . LYS A 1 59  ? 6.668   -6.180  0.867   1.00 4.29   ? 208 LYS A C   1 
ATOM   477 O O   . LYS A 1 59  ? 6.361   -5.040  0.623   1.00 6.57   ? 208 LYS A O   1 
ATOM   478 C CB  . LYS A 1 59  ? 9.198   -6.626  0.748   1.00 12.15  ? 208 LYS A CB  1 
ATOM   479 C CG  . LYS A 1 59  ? 10.384  -7.048  -0.164  1.00 57.61  ? 208 LYS A CG  1 
ATOM   480 C CD  . LYS A 1 59  ? 10.102  -8.404  -0.827  1.00 177.65 ? 208 LYS A CD  1 
ATOM   481 C CE  . LYS A 1 59  ? 11.022  -8.677  -2.010  1.00 108.18 ? 208 LYS A CE  1 
ATOM   482 N NZ  . LYS A 1 59  ? 10.476  -9.805  -2.858  1.00 2.00   ? 208 LYS A NZ  1 
ATOM   483 N N   . VAL A 1 60  ? 6.022   -6.925  1.748   1.00 5.40   ? 209 VAL A N   1 
ATOM   484 C CA  . VAL A 1 60  ? 5.016   -6.398  2.623   1.00 3.46   ? 209 VAL A CA  1 
ATOM   485 C C   . VAL A 1 60  ? 5.536   -6.513  4.032   1.00 21.55  ? 209 VAL A C   1 
ATOM   486 O O   . VAL A 1 60  ? 5.899   -7.591  4.461   1.00 3.77   ? 209 VAL A O   1 
ATOM   487 C CB  . VAL A 1 60  ? 3.703   -7.100  2.473   1.00 4.21   ? 209 VAL A CB  1 
ATOM   488 C CG1 . VAL A 1 60  ? 2.813   -6.779  3.638   1.00 29.92  ? 209 VAL A CG1 1 
ATOM   489 C CG2 . VAL A 1 60  ? 3.025   -6.620  1.171   1.00 24.86  ? 209 VAL A CG2 1 
ATOM   490 N N   . ARG A 1 61  ? 5.648   -5.384  4.722   1.00 2.00   ? 210 ARG A N   1 
ATOM   491 C CA  . ARG A 1 61  ? 6.092   -5.386  6.077   1.00 5.35   ? 210 ARG A CA  1 
ATOM   492 C C   . ARG A 1 61  ? 4.838   -5.040  6.965   1.00 3.84   ? 210 ARG A C   1 
ATOM   493 O O   . ARG A 1 61  ? 4.516   -3.878  7.162   1.00 3.51   ? 210 ARG A O   1 
ATOM   494 C CB  . ARG A 1 61  ? 7.224   -4.387  6.235   1.00 2.00   ? 210 ARG A CB  1 
ATOM   495 C CG  . ARG A 1 61  ? 8.008   -4.532  7.501   1.00 27.93  ? 210 ARG A CG  1 
ATOM   496 C CD  . ARG A 1 61  ? 9.180   -3.587  7.499   1.00 51.48  ? 210 ARG A CD  1 
ATOM   497 N NE  . ARG A 1 61  ? 10.024  -3.806  6.326   1.00 23.58  ? 210 ARG A NE  1 
ATOM   498 C CZ  . ARG A 1 61  ? 11.106  -3.090  6.034   1.00 401.79 ? 210 ARG A CZ  1 
ATOM   499 N NH1 . ARG A 1 61  ? 11.801  -3.365  4.939   1.00 15.71  ? 210 ARG A NH1 1 
ATOM   500 N NH2 . ARG A 1 61  ? 11.491  -2.093  6.831   1.00 2.00   ? 210 ARG A NH2 1 
ATOM   501 N N   . ASN A 1 62  ? 4.153   -6.069  7.479   1.00 2.00   ? 211 ASN A N   1 
ATOM   502 C CA  . ASN A 1 62  ? 2.922   -5.877  8.299   1.00 5.11   ? 211 ASN A CA  1 
ATOM   503 C C   . ASN A 1 62  ? 3.058   -5.024  9.506   1.00 2.39   ? 211 ASN A C   1 
ATOM   504 O O   . ASN A 1 62  ? 2.185   -4.244  9.827   1.00 8.86   ? 211 ASN A O   1 
ATOM   505 C CB  . ASN A 1 62  ? 2.348   -7.203  8.688   1.00 2.15   ? 211 ASN A CB  1 
ATOM   506 C CG  . ASN A 1 62  ? 1.933   -7.988  7.509   1.00 77.26  ? 211 ASN A CG  1 
ATOM   507 O OD1 . ASN A 1 62  ? 1.354   -7.447  6.580   1.00 40.32  ? 211 ASN A OD1 1 
ATOM   508 N ND2 . ASN A 1 62  ? 2.209   -9.278  7.522   1.00 2.00   ? 211 ASN A ND2 1 
ATOM   509 N N   . GLN A 1 63  ? 4.174   -5.157  10.164  1.00 4.90   ? 212 GLN A N   1 
ATOM   510 C CA  . GLN A 1 63  ? 4.454   -4.412  11.358  1.00 96.90  ? 212 GLN A CA  1 
ATOM   511 C C   . GLN A 1 63  ? 4.435   -2.899  11.058  1.00 22.75  ? 212 GLN A C   1 
ATOM   512 O O   . GLN A 1 63  ? 4.013   -2.094  11.898  1.00 4.50   ? 212 GLN A O   1 
ATOM   513 C CB  . GLN A 1 63  ? 5.838   -4.832  11.939  1.00 2.00   ? 212 GLN A CB  1 
ATOM   514 C CG  . GLN A 1 63  ? 6.079   -6.384  12.023  1.00 316.83 ? 212 GLN A CG  1 
ATOM   515 C CD  . GLN A 1 63  ? 6.436   -7.033  10.656  1.00 69.92  ? 212 GLN A CD  1 
ATOM   516 O OE1 . GLN A 1 63  ? 7.239   -6.495  9.894   1.00 3.42   ? 212 GLN A OE1 1 
ATOM   517 N NE2 . GLN A 1 63  ? 5.891   -8.225  10.396  1.00 14.08  ? 212 GLN A NE2 1 
ATOM   518 N N   . HIS A 1 64  ? 4.867   -2.531  9.842   1.00 4.68   ? 213 HIS A N   1 
ATOM   519 C CA  . HIS A 1 64  ? 4.964   -1.120  9.422   1.00 4.82   ? 213 HIS A CA  1 
ATOM   520 C C   . HIS A 1 64  ? 3.909   -0.709  8.435   1.00 4.76   ? 213 HIS A C   1 
ATOM   521 O O   . HIS A 1 64  ? 3.946   0.393   7.920   1.00 21.83  ? 213 HIS A O   1 
ATOM   522 C CB  . HIS A 1 64  ? 6.370   -0.806  8.870   1.00 6.49   ? 213 HIS A CB  1 
ATOM   523 C CG  . HIS A 1 64  ? 7.435   -0.748  9.920   1.00 64.93  ? 213 HIS A CG  1 
ATOM   524 N ND1 . HIS A 1 64  ? 8.034   -1.876  10.437  1.00 28.33  ? 213 HIS A ND1 1 
ATOM   525 C CD2 . HIS A 1 64  ? 8.020   0.308   10.539  1.00 2.00   ? 213 HIS A CD2 1 
ATOM   526 C CE1 . HIS A 1 64  ? 8.924   -1.523  11.341  1.00 2.00   ? 213 HIS A CE1 1 
ATOM   527 N NE2 . HIS A 1 64  ? 8.941   -0.203  11.420  1.00 464.48 ? 213 HIS A NE2 1 
ATOM   528 N N   . TRP A 1 65  ? 2.975   -1.625  8.166   1.00 6.03   ? 214 TRP A N   1 
ATOM   529 C CA  . TRP A 1 65  ? 1.873   -1.362  7.290   1.00 6.72   ? 214 TRP A CA  1 
ATOM   530 C C   . TRP A 1 65  ? 2.357   -0.840  5.878   1.00 23.37  ? 214 TRP A C   1 
ATOM   531 O O   . TRP A 1 65  ? 1.750   0.028   5.264   1.00 4.52   ? 214 TRP A O   1 
ATOM   532 C CB  . TRP A 1 65  ? 0.927   -0.351  7.981   1.00 5.13   ? 214 TRP A CB  1 
ATOM   533 C CG  . TRP A 1 65  ? 0.332   -0.838  9.236   1.00 4.61   ? 214 TRP A CG  1 
ATOM   534 C CD1 . TRP A 1 65  ? 0.712   -0.503  10.506  1.00 5.02   ? 214 TRP A CD1 1 
ATOM   535 C CD2 . TRP A 1 65  ? -0.771  -1.736  9.373   1.00 9.83   ? 214 TRP A CD2 1 
ATOM   536 N NE1 . TRP A 1 65  ? -0.069  -1.147  11.415  1.00 8.96   ? 214 TRP A NE1 1 
ATOM   537 C CE2 . TRP A 1 65  ? -0.994  -1.915  10.752  1.00 5.52   ? 214 TRP A CE2 1 
ATOM   538 C CE3 . TRP A 1 65  ? -1.599  -2.401  8.468   1.00 8.72   ? 214 TRP A CE3 1 
ATOM   539 C CZ2 . TRP A 1 65  ? -2.040  -2.758  11.263  1.00 6.42   ? 214 TRP A CZ2 1 
ATOM   540 C CZ3 . TRP A 1 65  ? -2.649  -3.266  8.976   1.00 5.41   ? 214 TRP A CZ3 1 
ATOM   541 C CH2 . TRP A 1 65  ? -2.838  -3.437  10.334  1.00 6.34   ? 214 TRP A CH2 1 
ATOM   542 N N   . SER A 1 66  ? 3.414   -1.442  5.339   1.00 5.26   ? 215 SER A N   1 
ATOM   543 C CA  . SER A 1 66  ? 3.975   -0.932  4.040   1.00 13.53  ? 215 SER A CA  1 
ATOM   544 C C   . SER A 1 66  ? 4.198   -1.937  2.937   1.00 11.69  ? 215 SER A C   1 
ATOM   545 O O   . SER A 1 66  ? 4.342   -3.108  3.192   1.00 5.46   ? 215 SER A O   1 
ATOM   546 C CB  . SER A 1 66  ? 5.262   -0.209  4.318   1.00 9.33   ? 215 SER A CB  1 
ATOM   547 O OG  . SER A 1 66  ? 6.065   -1.059  5.026   1.00 10.65  ? 215 SER A OG  1 
ATOM   548 N N   . LEU A 1 67  ? 4.122   -1.440  1.706   1.00 5.12   ? 216 LEU A N   1 
ATOM   549 C CA  . LEU A 1 67  ? 4.363   -2.186  0.500   1.00 4.51   ? 216 LEU A CA  1 
ATOM   550 C C   . LEU A 1 67  ? 5.716   -1.635  -0.014  1.00 15.89  ? 216 LEU A C   1 
ATOM   551 O O   . LEU A 1 67  ? 5.906   -0.449  -0.074  1.00 5.67   ? 216 LEU A O   1 
ATOM   552 C CB  . LEU A 1 67  ? 3.333   -1.834  -0.529  1.00 5.95   ? 216 LEU A CB  1 
ATOM   553 C CG  . LEU A 1 67  ? 3.627   -2.300  -1.968  1.00 5.81   ? 216 LEU A CG  1 
ATOM   554 C CD1 . LEU A 1 67  ? 3.627   -3.886  -1.995  1.00 6.30   ? 216 LEU A CD1 1 
ATOM   555 C CD2 . LEU A 1 67  ? 2.584   -1.787  -2.822  1.00 8.31   ? 216 LEU A CD2 1 
ATOM   556 N N   . ILE A 1 68  ? 6.651   -2.508  -0.361  1.00 7.97   ? 217 ILE A N   1 
ATOM   557 C CA  . ILE A 1 68  ? 7.968   -2.045  -0.856  1.00 3.78   ? 217 ILE A CA  1 
ATOM   558 C C   . ILE A 1 68  ? 8.236   -2.682  -2.185  1.00 8.06   ? 217 ILE A C   1 
ATOM   559 O O   . ILE A 1 68  ? 8.026   -3.907  -2.358  1.00 8.98   ? 217 ILE A O   1 
ATOM   560 C CB  . ILE A 1 68  ? 9.131   -2.395  0.167   1.00 5.51   ? 217 ILE A CB  1 
ATOM   561 C CG1 . ILE A 1 68  ? 8.814   -1.792  1.550   1.00 9.46   ? 217 ILE A CG1 1 
ATOM   562 C CG2 . ILE A 1 68  ? 10.529  -1.928  -0.356  1.00 6.37   ? 217 ILE A CG2 1 
ATOM   563 C CD1 . ILE A 1 68  ? 9.664   -2.264  2.608   1.00 17.00  ? 217 ILE A CD1 1 
ATOM   564 N N   . MET A 1 69  ? 8.578   -1.853  -3.175  1.00 5.75   ? 218 MET A N   1 
ATOM   565 C CA  . MET A 1 69  ? 8.951   -2.345  -4.458  1.00 11.43  ? 218 MET A CA  1 
ATOM   566 C C   . MET A 1 69  ? 10.370  -1.834  -4.786  1.00 12.20  ? 218 MET A C   1 
ATOM   567 O O   . MET A 1 69  ? 10.595  -0.650  -4.913  1.00 8.96   ? 218 MET A O   1 
ATOM   568 C CB  . MET A 1 69  ? 7.961   -1.882  -5.489  1.00 10.26  ? 218 MET A CB  1 
ATOM   569 C CG  . MET A 1 69  ? 6.622   -2.640  -5.430  1.00 5.78   ? 218 MET A CG  1 
ATOM   570 S SD  . MET A 1 69  ? 5.412   -1.768  -6.515  1.00 10.10  ? 218 MET A SD  1 
ATOM   571 C CE  . MET A 1 69  ? 6.297   -1.764  -7.997  1.00 25.87  ? 218 MET A CE  1 
ATOM   572 N N   . GLU A 1 70  ? 11.330  -2.739  -4.891  1.00 5.00   ? 219 GLU A N   1 
ATOM   573 C CA  . GLU A 1 70  ? 12.672  -2.333  -5.222  1.00 6.72   ? 219 GLU A CA  1 
ATOM   574 C C   . GLU A 1 70  ? 12.842  -2.203  -6.734  1.00 2.69   ? 219 GLU A C   1 
ATOM   575 O O   . GLU A 1 70  ? 12.158  -2.896  -7.488  1.00 6.02   ? 219 GLU A O   1 
ATOM   576 C CB  . GLU A 1 70  ? 13.671  -3.391  -4.682  1.00 6.14   ? 219 GLU A CB  1 
ATOM   577 C CG  . GLU A 1 70  ? 13.649  -3.599  -3.184  1.00 3.40   ? 219 GLU A CG  1 
ATOM   578 C CD  . GLU A 1 70  ? 14.613  -4.685  -2.782  1.00 8.35   ? 219 GLU A CD  1 
ATOM   579 O OE1 . GLU A 1 70  ? 14.911  -5.579  -3.616  1.00 48.81  ? 219 GLU A OE1 1 
ATOM   580 O OE2 . GLU A 1 70  ? 15.055  -4.663  -1.652  1.00 17.31  ? 219 GLU A OE2 1 
ATOM   581 N N   . SER A 1 71  ? 13.788  -1.356  -7.155  1.00 5.30   ? 220 SER A N   1 
ATOM   582 C CA  . SER A 1 71  ? 14.140  -1.100  -8.628  1.00 7.59   ? 220 SER A CA  1 
ATOM   583 C C   . SER A 1 71  ? 12.979  -0.958  -9.455  1.00 3.76   ? 220 SER A C   1 
ATOM   584 O O   . SER A 1 71  ? 12.725  -1.821  -10.261 1.00 6.06   ? 220 SER A O   1 
ATOM   585 C CB  . SER A 1 71  ? 14.957  -2.256  -9.287  1.00 6.61   ? 220 SER A CB  1 
ATOM   586 O OG  . SER A 1 71  ? 16.040  -2.574  -8.537  1.00 15.24  ? 220 SER A OG  1 
ATOM   587 N N   . VAL A 1 72  ? 12.263  0.122   -9.312  1.00 4.98   ? 221 VAL A N   1 
ATOM   588 C CA  . VAL A 1 72  ? 11.091  0.292   -10.120 1.00 5.33   ? 221 VAL A CA  1 
ATOM   589 C C   . VAL A 1 72  ? 11.379  0.431   -11.602 1.00 11.43  ? 221 VAL A C   1 
ATOM   590 O O   . VAL A 1 72  ? 12.449  0.893   -12.001 1.00 5.71   ? 221 VAL A O   1 
ATOM   591 C CB  . VAL A 1 72  ? 10.176  1.463   -9.629  1.00 7.49   ? 221 VAL A CB  1 
ATOM   592 C CG1 . VAL A 1 72  ? 9.687   1.173   -8.171  1.00 6.03   ? 221 VAL A CG1 1 
ATOM   593 C CG2 . VAL A 1 72  ? 10.853  2.847   -9.771  1.00 15.36  ? 221 VAL A CG2 1 
ATOM   594 N N   . VAL A 1 73  ? 10.429  -0.026  -12.412 1.00 7.88   ? 222 VAL A N   1 
ATOM   595 C CA  . VAL A 1 73  ? 10.517  0.032   -13.873 1.00 9.76   ? 222 VAL A CA  1 
ATOM   596 C C   . VAL A 1 73  ? 9.255   0.686   -14.321 1.00 18.23  ? 222 VAL A C   1 
ATOM   597 O O   . VAL A 1 73  ? 8.307   0.770   -13.542 1.00 5.03   ? 222 VAL A O   1 
ATOM   598 C CB  . VAL A 1 73  ? 10.684  -1.390  -14.498 1.00 5.93   ? 222 VAL A CB  1 
ATOM   599 C CG1 . VAL A 1 73  ? 12.090  -1.941  -14.098 1.00 16.60  ? 222 VAL A CG1 1 
ATOM   600 C CG2 . VAL A 1 73  ? 9.566   -2.369  -13.990 1.00 3.64   ? 222 VAL A CG2 1 
ATOM   601 N N   . PRO A 1 74  ? 9.224   1.155   -15.579 1.00 17.95  ? 223 PRO A N   1 
ATOM   602 C CA  . PRO A 1 74  ? 8.065   1.856   -16.111 1.00 9.53   ? 223 PRO A CA  1 
ATOM   603 C C   . PRO A 1 74  ? 6.750   1.112   -15.948 1.00 5.40   ? 223 PRO A C   1 
ATOM   604 O O   . PRO A 1 74  ? 5.768   1.743   -15.713 1.00 8.75   ? 223 PRO A O   1 
ATOM   605 C CB  . PRO A 1 74  ? 8.409   2.021   -17.603 1.00 7.99   ? 223 PRO A CB  1 
ATOM   606 C CG  . PRO A 1 74  ? 9.951   2.087   -17.593 1.00 22.33  ? 223 PRO A CG  1 
ATOM   607 C CD  . PRO A 1 74  ? 10.306  1.029   -16.574 1.00 18.44  ? 223 PRO A CD  1 
ATOM   608 N N   . SER A 1 75  ? 6.743   -0.219  -16.161 1.00 6.48   ? 224 SER A N   1 
ATOM   609 C CA  . SER A 1 75  ? 5.494   -1.027  -16.039 1.00 7.73   ? 224 SER A CA  1 
ATOM   610 C C   . SER A 1 75  ? 4.951   -1.048  -14.638 1.00 6.32   ? 224 SER A C   1 
ATOM   611 O O   . SER A 1 75  ? 3.919   -1.592  -14.438 1.00 5.44   ? 224 SER A O   1 
ATOM   612 C CB  . SER A 1 75  ? 5.694   -2.487  -16.517 1.00 12.24  ? 224 SER A CB  1 
ATOM   613 O OG  . SER A 1 75  ? 6.755   -3.141  -15.838 1.00 10.84  ? 224 SER A OG  1 
ATOM   614 N N   . ASP A 1 76  ? 5.675   -0.477  -13.660 1.00 4.90   ? 225 ASP A N   1 
ATOM   615 C CA  . ASP A 1 76  ? 5.198   -0.426  -12.291 1.00 5.34   ? 225 ASP A CA  1 
ATOM   616 C C   . ASP A 1 76  ? 4.317   0.792   -12.073 1.00 23.14  ? 225 ASP A C   1 
ATOM   617 O O   . ASP A 1 76  ? 3.752   0.952   -10.967 1.00 5.61   ? 225 ASP A O   1 
ATOM   618 C CB  . ASP A 1 76  ? 6.360   -0.291  -11.321 1.00 5.72   ? 225 ASP A CB  1 
ATOM   619 C CG  . ASP A 1 76  ? 7.114   -1.520  -11.147 1.00 16.44  ? 225 ASP A CG  1 
ATOM   620 O OD1 . ASP A 1 76  ? 6.503   -2.640  -11.186 1.00 5.38   ? 225 ASP A OD1 1 
ATOM   621 O OD2 . ASP A 1 76  ? 8.325   -1.370  -10.881 1.00 5.82   ? 225 ASP A OD2 1 
ATOM   622 N N   . LYS A 1 77  ? 4.284   1.721   -13.039 1.00 3.99   ? 226 LYS A N   1 
ATOM   623 C CA  . LYS A 1 77  ? 3.408   2.927   -12.843 1.00 5.25   ? 226 LYS A CA  1 
ATOM   624 C C   . LYS A 1 77  ? 1.973   2.467   -12.657 1.00 17.69  ? 226 LYS A C   1 
ATOM   625 O O   . LYS A 1 77  ? 1.534   1.445   -13.243 1.00 5.48   ? 226 LYS A O   1 
ATOM   626 C CB  . LYS A 1 77  ? 3.415   3.944   -14.012 1.00 5.20   ? 226 LYS A CB  1 
ATOM   627 C CG  . LYS A 1 77  ? 2.744   3.503   -15.315 1.00 31.87  ? 226 LYS A CG  1 
ATOM   628 C CD  . LYS A 1 77  ? 3.686   3.178   -16.426 1.00 139.18 ? 226 LYS A CD  1 
ATOM   629 C CE  . LYS A 1 77  ? 4.299   4.499   -16.951 1.00 33.96  ? 226 LYS A CE  1 
ATOM   630 N NZ  . LYS A 1 77  ? 5.103   4.319   -18.171 1.00 30.16  ? 226 LYS A NZ  1 
ATOM   631 N N   . GLY A 1 78  ? 1.217   3.214   -11.895 1.00 5.78   ? 227 GLY A N   1 
ATOM   632 C CA  . GLY A 1 78  ? -0.168  2.834   -11.687 1.00 7.90   ? 227 GLY A CA  1 
ATOM   633 C C   . GLY A 1 78  ? -0.636  3.299   -10.362 1.00 5.43   ? 227 GLY A C   1 
ATOM   634 O O   . GLY A 1 78  ? 0.096   4.040   -9.645  1.00 13.38  ? 227 GLY A O   1 
ATOM   635 N N   . ASN A 1 79  ? -1.863  2.906   -10.044 1.00 5.66   ? 228 ASN A N   1 
ATOM   636 C CA  . ASN A 1 79  ? -2.528  3.196   -8.782  1.00 5.34   ? 228 ASN A CA  1 
ATOM   637 C C   . ASN A 1 79  ? -2.341  2.034   -7.821  1.00 12.19  ? 228 ASN A C   1 
ATOM   638 O O   . ASN A 1 79  ? -2.609  0.815   -8.188  1.00 5.25   ? 228 ASN A O   1 
ATOM   639 C CB  . ASN A 1 79  ? -4.052  3.397   -9.070  1.00 6.26   ? 228 ASN A CB  1 
ATOM   640 C CG  . ASN A 1 79  ? -4.336  4.641   -9.766  1.00 9.32   ? 228 ASN A CG  1 
ATOM   641 O OD1 . ASN A 1 79  ? -3.593  5.618   -9.660  1.00 7.67   ? 228 ASN A OD1 1 
ATOM   642 N ND2 . ASN A 1 79  ? -5.442  4.669   -10.460 1.00 5.65   ? 228 ASN A ND2 1 
ATOM   643 N N   . TYR A 1 80  ? -1.874  2.354   -6.601  1.00 5.17   ? 229 TYR A N   1 
ATOM   644 C CA  . TYR A 1 80  ? -1.682  1.337   -5.577  1.00 4.72   ? 229 TYR A CA  1 
ATOM   645 C C   . TYR A 1 80  ? -2.580  1.646   -4.415  1.00 5.18   ? 229 TYR A C   1 
ATOM   646 O O   . TYR A 1 80  ? -2.455  2.703   -3.732  1.00 16.60  ? 229 TYR A O   1 
ATOM   647 C CB  . TYR A 1 80  ? -0.161  1.253   -5.104  1.00 5.62   ? 229 TYR A CB  1 
ATOM   648 C CG  . TYR A 1 80  ? 0.687   0.696   -6.201  1.00 12.93  ? 229 TYR A CG  1 
ATOM   649 C CD1 . TYR A 1 80  ? 1.072   1.504   -7.274  1.00 12.20  ? 229 TYR A CD1 1 
ATOM   650 C CD2 . TYR A 1 80  ? 1.019   -0.693  -6.238  1.00 5.98   ? 229 TYR A CD2 1 
ATOM   651 C CE1 . TYR A 1 80  ? 1.852   0.979   -8.374  1.00 5.44   ? 229 TYR A CE1 1 
ATOM   652 C CE2 . TYR A 1 80  ? 1.752   -1.215  -7.275  1.00 9.99   ? 229 TYR A CE2 1 
ATOM   653 C CZ  . TYR A 1 80  ? 2.155   -0.345  -8.379  1.00 9.99   ? 229 TYR A CZ  1 
ATOM   654 O OH  . TYR A 1 80  ? 2.915   -0.830  -9.418  1.00 6.58   ? 229 TYR A OH  1 
ATOM   655 N N   . THR A 1 81  ? -3.391  0.735   -4.093  1.00 6.16   ? 230 THR A N   1 
ATOM   656 C CA  . THR A 1 81  ? -4.361  0.921   -2.943  1.00 14.33  ? 230 THR A CA  1 
ATOM   657 C C   . THR A 1 81  ? -4.201  -0.065  -1.766  1.00 8.64   ? 230 THR A C   1 
ATOM   658 O O   . THR A 1 81  ? -4.339  -1.307  -1.998  1.00 5.85   ? 230 THR A O   1 
ATOM   659 C CB  . THR A 1 81  ? -5.807  0.598   -3.512  1.00 12.13  ? 230 THR A CB  1 
ATOM   660 O OG1 . THR A 1 81  ? -6.031  1.364   -4.711  1.00 9.11   ? 230 THR A OG1 1 
ATOM   661 C CG2 . THR A 1 81  ? -7.012  0.954   -2.370  1.00 5.52   ? 230 THR A CG2 1 
ATOM   662 N N   . CYS A 1 82  ? -4.090  0.409   -0.492  1.00 5.47   ? 231 CYS A N   1 
ATOM   663 C CA  . CYS A 1 82  ? -4.017  -0.504  0.640   1.00 4.29   ? 231 CYS A CA  1 
ATOM   664 C C   . CYS A 1 82  ? -5.412  -0.632  1.160   1.00 14.57  ? 231 CYS A C   1 
ATOM   665 O O   . CYS A 1 82  ? -6.103  0.402   1.305   1.00 7.25   ? 231 CYS A O   1 
ATOM   666 C CB  . CYS A 1 82  ? -3.069  0.100   1.730   1.00 7.04   ? 231 CYS A CB  1 
ATOM   667 S SG  . CYS A 1 82  ? -3.698  1.686   2.149   1.00 5.56   ? 231 CYS A SG  1 
ATOM   668 N N   . VAL A 1 83  ? -5.947  -1.903  1.238   1.00 7.96   ? 232 VAL A N   1 
ATOM   669 C CA  . VAL A 1 83  ? -7.255  -2.180  1.796   1.00 5.13   ? 232 VAL A CA  1 
ATOM   670 C C   . VAL A 1 83  ? -6.962  -2.773  3.212   1.00 11.61  ? 232 VAL A C   1 
ATOM   671 O O   . VAL A 1 83  ? -6.235  -3.788  3.343   1.00 5.82   ? 232 VAL A O   1 
ATOM   672 C CB  . VAL A 1 83  ? -8.014  -3.182  1.008   1.00 5.70   ? 232 VAL A CB  1 
ATOM   673 C CG1 . VAL A 1 83  ? -9.355  -3.399  1.621   1.00 7.42   ? 232 VAL A CG1 1 
ATOM   674 C CG2 . VAL A 1 83  ? -8.185  -2.675  -0.526  1.00 10.91  ? 232 VAL A CG2 1 
ATOM   675 N N   . VAL A 1 84  ? -7.534  -2.189  4.236   1.00 3.49   ? 233 VAL A N   1 
ATOM   676 C CA  . VAL A 1 84  ? -7.322  -2.642  5.651   1.00 5.38   ? 233 VAL A CA  1 
ATOM   677 C C   . VAL A 1 84  ? -8.671  -3.059  6.223   1.00 9.21   ? 233 VAL A C   1 
ATOM   678 O O   . VAL A 1 84  ? -9.657  -2.336  6.061   1.00 6.79   ? 233 VAL A O   1 
ATOM   679 C CB  . VAL A 1 84  ? -6.699  -1.439  6.407   1.00 8.82   ? 233 VAL A CB  1 
ATOM   680 C CG1 . VAL A 1 84  ? -6.617  -1.701  7.802   1.00 17.81  ? 233 VAL A CG1 1 
ATOM   681 C CG2 . VAL A 1 84  ? -5.312  -1.210  5.802   1.00 5.82   ? 233 VAL A CG2 1 
ATOM   682 N N   . GLU A 1 85  ? -8.773  -4.249  6.807   1.00 8.93   ? 234 GLU A N   1 
ATOM   683 C CA  . GLU A 1 85  ? -10.109 -4.683  7.250   1.00 6.12   ? 234 GLU A CA  1 
ATOM   684 C C   . GLU A 1 85  ? -10.157 -5.566  8.472   1.00 4.55   ? 234 GLU A C   1 
ATOM   685 O O   . GLU A 1 85  ? -9.213  -6.307  8.782   1.00 7.35   ? 234 GLU A O   1 
ATOM   686 C CB  . GLU A 1 85  ? -10.658 -5.655  6.178   1.00 5.90   ? 234 GLU A CB  1 
ATOM   687 C CG  . GLU A 1 85  ? -10.309 -5.342  4.749   1.00 32.22  ? 234 GLU A CG  1 
ATOM   688 C CD  . GLU A 1 85  ? -10.998 -6.338  3.758   1.00 5.66   ? 234 GLU A CD  1 
ATOM   689 O OE1 . GLU A 1 85  ? -12.187 -6.694  4.007   1.00 59.68  ? 234 GLU A OE1 1 
ATOM   690 O OE2 . GLU A 1 85  ? -10.355 -6.754  2.762   1.00 20.65  ? 234 GLU A OE2 1 
ATOM   691 N N   . ASN A 1 86  ? -11.311 -5.559  9.116   1.00 6.15   ? 235 ASN A N   1 
ATOM   692 C CA  . ASN A 1 86  ? -11.574 -6.500  10.239  1.00 5.41   ? 235 ASN A CA  1 
ATOM   693 C C   . ASN A 1 86  ? -13.161 -6.663  10.207  1.00 5.88   ? 235 ASN A C   1 
ATOM   694 O O   . ASN A 1 86  ? -13.816 -6.135  9.321   1.00 6.22   ? 235 ASN A O   1 
ATOM   695 C CB  . ASN A 1 86  ? -10.995 -6.062  11.557  1.00 4.82   ? 235 ASN A CB  1 
ATOM   696 C CG  . ASN A 1 86  ? -11.709 -4.939  12.126  1.00 15.16  ? 235 ASN A CG  1 
ATOM   697 O OD1 . ASN A 1 86  ? -12.798 -4.574  11.627  1.00 13.20  ? 235 ASN A OD1 1 
ATOM   698 N ND2 . ASN A 1 86  ? -11.166 -4.363  13.205  1.00 4.33   ? 235 ASN A ND2 1 
ATOM   699 N N   . GLU A 1 87  ? -13.747 -7.442  11.081  1.00 5.81   ? 236 GLU A N   1 
ATOM   700 C CA  . GLU A 1 87  ? -15.185 -7.613  11.015  1.00 5.27   ? 236 GLU A CA  1 
ATOM   701 C C   . GLU A 1 87  ? -15.982 -6.335  11.152  1.00 6.74   ? 236 GLU A C   1 
ATOM   702 O O   . GLU A 1 87  ? -17.131 -6.283  10.755  1.00 6.58   ? 236 GLU A O   1 
ATOM   703 C CB  . GLU A 1 87  ? -15.626 -8.604  12.044  1.00 4.56   ? 236 GLU A CB  1 
ATOM   704 C CG  . GLU A 1 87  ? -15.115 -9.920  11.708  1.00 22.26  ? 236 GLU A CG  1 
ATOM   705 C CD  . GLU A 1 87  ? -15.503 -10.970 12.644  1.00 273.55 ? 236 GLU A CD  1 
ATOM   706 O OE1 . GLU A 1 87  ? -16.126 -10.632 13.696  1.00 2.44   ? 236 GLU A OE1 1 
ATOM   707 O OE2 . GLU A 1 87  ? -15.175 -12.148 12.325  1.00 5.16   ? 236 GLU A OE2 1 
ATOM   708 N N   . TYR A 1 88  ? -15.403 -5.299  11.739  1.00 5.95   ? 237 TYR A N   1 
ATOM   709 C CA  . TYR A 1 88  ? -16.170 -4.054  11.892  1.00 4.99   ? 237 TYR A CA  1 
ATOM   710 C C   . TYR A 1 88  ? -15.973 -3.008  10.742  1.00 4.91   ? 237 TYR A C   1 
ATOM   711 O O   . TYR A 1 88  ? -16.539 -1.940  10.798  1.00 6.94   ? 237 TYR A O   1 
ATOM   712 C CB  . TYR A 1 88  ? -15.841 -3.463  13.255  1.00 4.86   ? 237 TYR A CB  1 
ATOM   713 C CG  . TYR A 1 88  ? -16.708 -3.946  14.360  1.00 22.36  ? 237 TYR A CG  1 
ATOM   714 C CD1 . TYR A 1 88  ? -16.981 -5.296  14.528  1.00 7.43   ? 237 TYR A CD1 1 
ATOM   715 C CD2 . TYR A 1 88  ? -17.218 -3.030  15.322  1.00 39.57  ? 237 TYR A CD2 1 
ATOM   716 C CE1 . TYR A 1 88  ? -17.793 -5.753  15.637  1.00 3.80   ? 237 TYR A CE1 1 
ATOM   717 C CE2 . TYR A 1 88  ? -18.012 -3.449  16.404  1.00 9.65   ? 237 TYR A CE2 1 
ATOM   718 C CZ  . TYR A 1 88  ? -18.293 -4.790  16.563  1.00 363.40 ? 237 TYR A CZ  1 
ATOM   719 O OH  . TYR A 1 88  ? -19.066 -5.139  17.646  1.00 24.32  ? 237 TYR A OH  1 
ATOM   720 N N   . GLY A 1 89  ? -15.157 -3.308  9.743   1.00 11.78  ? 238 GLY A N   1 
ATOM   721 C CA  . GLY A 1 89  ? -14.997 -2.334  8.701   1.00 7.83   ? 238 GLY A CA  1 
ATOM   722 C C   . GLY A 1 89  ? -13.893 -2.572  7.739   1.00 6.57   ? 238 GLY A C   1 
ATOM   723 O O   . GLY A 1 89  ? -12.946 -3.401  7.953   1.00 6.37   ? 238 GLY A O   1 
ATOM   724 N N   . SER A 1 90  ? -14.012 -1.882  6.614   1.00 8.54   ? 239 SER A N   1 
ATOM   725 C CA  . SER A 1 90  ? -13.039 -2.033  5.574   1.00 8.59   ? 239 SER A CA  1 
ATOM   726 C C   . SER A 1 90  ? -12.741 -0.641  5.038   1.00 18.61  ? 239 SER A C   1 
ATOM   727 O O   . SER A 1 90  ? -13.626 0.023   4.670   1.00 6.16   ? 239 SER A O   1 
ATOM   728 C CB  . SER A 1 90  ? -13.630 -2.898  4.480   1.00 5.25   ? 239 SER A CB  1 
ATOM   729 O OG  . SER A 1 90  ? -12.658 -3.008  3.405   1.00 13.80  ? 239 SER A OG  1 
ATOM   730 N N   . ILE A 1 91  ? -11.509 -0.191  5.074   1.00 5.53   ? 240 ILE A N   1 
ATOM   731 C CA  . ILE A 1 91  ? -11.192 1.118   4.574   1.00 10.49  ? 240 ILE A CA  1 
ATOM   732 C C   . ILE A 1 91  ? -10.025 1.048   3.607   1.00 11.24  ? 240 ILE A C   1 
ATOM   733 O O   . ILE A 1 91  ? -9.196  0.159   3.696   1.00 7.29   ? 240 ILE A O   1 
ATOM   734 C CB  . ILE A 1 91  ? -10.857 2.101   5.692   1.00 8.86   ? 240 ILE A CB  1 
ATOM   735 C CG1 . ILE A 1 91  ? -9.622  1.619   6.510   1.00 4.41   ? 240 ILE A CG1 1 
ATOM   736 C CG2 . ILE A 1 91  ? -12.089 2.266   6.585   1.00 8.98   ? 240 ILE A CG2 1 
ATOM   737 C CD1 . ILE A 1 91  ? -9.150  2.597   7.615   1.00 4.87   ? 240 ILE A CD1 1 
ATOM   738 N N   . ASN A 1 92  ? -9.956  2.003   2.678   1.00 7.18   ? 241 ASN A N   1 
ATOM   739 C CA  . ASN A 1 92  ? -8.865  2.002   1.749   1.00 7.38   ? 241 ASN A CA  1 
ATOM   740 C C   . ASN A 1 92  ? -8.321  3.405   1.421   1.00 5.62   ? 241 ASN A C   1 
ATOM   741 O O   . ASN A 1 92  ? -9.001  4.412   1.688   1.00 8.29   ? 241 ASN A O   1 
ATOM   742 C CB  . ASN A 1 92  ? -9.217  1.213   0.502   1.00 5.33   ? 241 ASN A CB  1 
ATOM   743 C CG  . ASN A 1 92  ? -10.423 1.757   -0.225  1.00 6.20   ? 241 ASN A CG  1 
ATOM   744 O OD1 . ASN A 1 92  ? -11.465 1.090   -0.247  1.00 20.19  ? 241 ASN A OD1 1 
ATOM   745 N ND2 . ASN A 1 92  ? -10.353 2.981   -0.724  1.00 5.76   ? 241 ASN A ND2 1 
ATOM   746 N N   . HIS A 1 93  ? -7.062  3.452   0.882   1.00 6.51   ? 242 HIS A N   1 
ATOM   747 C CA  . HIS A 1 93  ? -6.393  4.694   0.454   1.00 5.47   ? 242 HIS A CA  1 
ATOM   748 C C   . HIS A 1 93  ? -5.654  4.313   -0.827  1.00 6.15   ? 242 HIS A C   1 
ATOM   749 O O   . HIS A 1 93  ? -5.298  3.136   -1.001  1.00 12.55  ? 242 HIS A O   1 
ATOM   750 C CB  . HIS A 1 93  ? -5.391  5.147   1.538   1.00 9.90   ? 242 HIS A CB  1 
ATOM   751 C CG  . HIS A 1 93  ? -4.667  6.408   1.213   1.00 5.28   ? 242 HIS A CG  1 
ATOM   752 N ND1 . HIS A 1 93  ? -5.159  7.661   1.548   1.00 21.05  ? 242 HIS A ND1 1 
ATOM   753 C CD2 . HIS A 1 93  ? -3.442  6.612   0.659   1.00 5.47   ? 242 HIS A CD2 1 
ATOM   754 C CE1 . HIS A 1 93  ? -4.270  8.597   1.203   1.00 7.46   ? 242 HIS A CE1 1 
ATOM   755 N NE2 . HIS A 1 93  ? -3.215  7.986   0.655   1.00 16.03  ? 242 HIS A NE2 1 
ATOM   756 N N   . THR A 1 94  ? -5.458  5.272   -1.755  1.00 4.74   ? 243 THR A N   1 
ATOM   757 C CA  . THR A 1 94  ? -4.841  4.976   -2.989  1.00 5.63   ? 243 THR A CA  1 
ATOM   758 C C   . THR A 1 94  ? -3.742  5.951   -3.281  1.00 8.79   ? 243 THR A C   1 
ATOM   759 O O   . THR A 1 94  ? -3.887  7.176   -3.000  1.00 6.14   ? 243 THR A O   1 
ATOM   760 C CB  . THR A 1 94  ? -5.853  5.034   -4.103  1.00 5.96   ? 243 THR A CB  1 
ATOM   761 O OG1 . THR A 1 94  ? -6.776  3.991   -3.930  1.00 4.48   ? 243 THR A OG1 1 
ATOM   762 C CG2 . THR A 1 94  ? -5.182  4.916   -5.490  1.00 5.40   ? 243 THR A CG2 1 
ATOM   763 N N   . TYR A 1 95  ? -2.630  5.408   -3.729  1.00 4.99   ? 244 TYR A N   1 
ATOM   764 C CA  . TYR A 1 95  ? -1.438  6.177   -4.122  1.00 17.69  ? 244 TYR A CA  1 
ATOM   765 C C   . TYR A 1 95  ? -1.287  5.977   -5.601  1.00 5.49   ? 244 TYR A C   1 
ATOM   766 O O   . TYR A 1 95  ? -1.750  4.917   -6.142  1.00 6.27   ? 244 TYR A O   1 
ATOM   767 C CB  . TYR A 1 95  ? -0.175  5.576   -3.490  1.00 7.87   ? 244 TYR A CB  1 
ATOM   768 C CG  . TYR A 1 95  ? -0.121  5.697   -2.037  1.00 20.06  ? 244 TYR A CG  1 
ATOM   769 C CD1 . TYR A 1 95  ? -0.350  4.613   -1.212  1.00 4.73   ? 244 TYR A CD1 1 
ATOM   770 C CD2 . TYR A 1 95  ? 0.172   6.928   -1.467  1.00 5.82   ? 244 TYR A CD2 1 
ATOM   771 C CE1 . TYR A 1 95  ? -0.229  4.778   0.272   1.00 6.28   ? 244 TYR A CE1 1 
ATOM   772 C CE2 . TYR A 1 95  ? 0.254   7.117   -0.127  1.00 24.17  ? 244 TYR A CE2 1 
ATOM   773 C CZ  . TYR A 1 95  ? 0.057   6.059   0.761   1.00 5.41   ? 244 TYR A CZ  1 
ATOM   774 O OH  . TYR A 1 95  ? 0.156   6.354   2.124   1.00 7.26   ? 244 TYR A OH  1 
ATOM   775 N N   . HIS A 1 96  ? -0.689  6.990   -6.273  1.00 5.64   ? 245 HIS A N   1 
ATOM   776 C CA  . HIS A 1 96  ? -0.384  6.940   -7.706  1.00 4.91   ? 245 HIS A CA  1 
ATOM   777 C C   . HIS A 1 96  ? 1.087   6.967   -7.913  1.00 5.60   ? 245 HIS A C   1 
ATOM   778 O O   . HIS A 1 96  ? 1.814   7.874   -7.415  1.00 7.62   ? 245 HIS A O   1 
ATOM   779 C CB  . HIS A 1 96  ? -1.037  7.981   -8.559  1.00 4.90   ? 245 HIS A CB  1 
ATOM   780 C CG  . HIS A 1 96  ? -0.734  7.767   -10.000 1.00 10.25  ? 245 HIS A CG  1 
ATOM   781 N ND1 . HIS A 1 96  ? -1.473  6.913   -10.797 1.00 6.03   ? 245 HIS A ND1 1 
ATOM   782 C CD2 . HIS A 1 96  ? 0.300   8.196   -10.772 1.00 24.47  ? 245 HIS A CD2 1 
ATOM   783 C CE1 . HIS A 1 96  ? -0.930  6.853   -12.011 1.00 4.17   ? 245 HIS A CE1 1 
ATOM   784 N NE2 . HIS A 1 96  ? 0.132   7.642   -12.026 1.00 11.87  ? 245 HIS A NE2 1 
ATOM   785 N N   . LEU A 1 97  ? 1.563   5.995   -8.656  1.00 5.28   ? 246 LEU A N   1 
ATOM   786 C CA  . LEU A 1 97  ? 3.033   5.881   -8.909  1.00 16.02  ? 246 LEU A CA  1 
ATOM   787 C C   . LEU A 1 97  ? 3.348   6.212   -10.352 1.00 13.05  ? 246 LEU A C   1 
ATOM   788 O O   . LEU A 1 97  ? 2.786   5.617   -11.316 1.00 6.07   ? 246 LEU A O   1 
ATOM   789 C CB  . LEU A 1 97  ? 3.557   4.413   -8.581  1.00 6.25   ? 246 LEU A CB  1 
ATOM   790 C CG  . LEU A 1 97  ? 5.033   4.246   -8.952  1.00 10.90  ? 246 LEU A CG  1 
ATOM   791 C CD1 . LEU A 1 97  ? 5.813   5.083   -7.948  1.00 5.85   ? 246 LEU A CD1 1 
ATOM   792 C CD2 . LEU A 1 97  ? 5.488   2.764   -8.918  1.00 7.35   ? 246 LEU A CD2 1 
ATOM   793 N N   . ASP A 1 98  ? 4.198   7.172   -10.526 1.00 5.01   ? 247 ASP A N   1 
ATOM   794 C CA  . ASP A 1 98  ? 4.616   7.537   -11.816 1.00 5.86   ? 247 ASP A CA  1 
ATOM   795 C C   . ASP A 1 98  ? 6.152   7.249   -11.842 1.00 4.18   ? 247 ASP A C   1 
ATOM   796 O O   . ASP A 1 98  ? 6.873   7.655   -10.946 1.00 5.49   ? 247 ASP A O   1 
ATOM   797 C CB  . ASP A 1 98  ? 4.318   9.033   -12.033 1.00 22.17  ? 247 ASP A CB  1 
ATOM   798 C CG  . ASP A 1 98  ? 4.422   9.443   -13.451 1.00 39.90  ? 247 ASP A CG  1 
ATOM   799 O OD1 . ASP A 1 98  ? 4.351   10.670  -13.709 1.00 40.81  ? 247 ASP A OD1 1 
ATOM   800 O OD2 . ASP A 1 98  ? 4.567   8.547   -14.326 1.00 31.34  ? 247 ASP A OD2 1 
ATOM   801 N N   . VAL A 1 99  ? 6.614   6.527   -12.848 1.00 4.59   ? 248 VAL A N   1 
ATOM   802 C CA  . VAL A 1 99  ? 8.049   6.200   -12.938 1.00 4.23   ? 248 VAL A CA  1 
ATOM   803 C C   . VAL A 1 99  ? 8.675   7.081   -13.966 1.00 9.25   ? 248 VAL A C   1 
ATOM   804 O O   . VAL A 1 99  ? 8.410   6.950   -15.129 1.00 14.35  ? 248 VAL A O   1 
ATOM   805 C CB  . VAL A 1 99  ? 8.303   4.726   -13.187 1.00 8.54   ? 248 VAL A CB  1 
ATOM   806 C CG1 . VAL A 1 99  ? 9.864   4.436   -13.314 1.00 15.41  ? 248 VAL A CG1 1 
ATOM   807 C CG2 . VAL A 1 99  ? 7.619   3.803   -11.972 1.00 7.58   ? 248 VAL A CG2 1 
ATOM   808 N N   . VAL A 1 100 ? 9.494   8.004   -13.510 1.00 3.85   ? 249 VAL A N   1 
ATOM   809 C CA  . VAL A 1 100 ? 10.136  9.011   -14.375 1.00 9.68   ? 249 VAL A CA  1 
ATOM   810 C C   . VAL A 1 100 ? 11.162  8.469   -15.389 1.00 31.66  ? 249 VAL A C   1 
ATOM   811 O O   . VAL A 1 100 ? 12.205  7.966   -15.019 1.00 2.60   ? 249 VAL A O   1 
ATOM   812 C CB  . VAL A 1 100 ? 10.767  10.096  -13.514 1.00 2.57   ? 249 VAL A CB  1 
ATOM   813 C CG1 . VAL A 1 100 ? 11.473  11.148  -14.375 1.00 48.21  ? 249 VAL A CG1 1 
ATOM   814 C CG2 . VAL A 1 100 ? 9.680   10.722  -12.627 1.00 19.09  ? 249 VAL A CG2 1 
HETATM 815 O O   . HOH B 2 .   ? -18.751 -9.684  13.649  1.00 16.41  ? 1   HOH A O   1 
HETATM 816 O O   . HOH B 2 .   ? -6.208  -8.647  17.546  1.00 29.73  ? 2   HOH A O   1 
HETATM 817 O O   . HOH B 2 .   ? -1.243  -7.597  -0.789  1.00 16.37  ? 3   HOH A O   1 
HETATM 818 O O   . HOH B 2 .   ? -10.391 0.356   23.952  1.00 29.19  ? 4   HOH A O   1 
HETATM 819 O O   . HOH B 2 .   ? 15.528  4.875   -3.670  1.00 26.35  ? 5   HOH A O   1 
HETATM 820 O O   . HOH B 2 .   ? -16.462 -2.222  25.027  1.00 41.81  ? 6   HOH A O   1 
HETATM 821 O O   . HOH B 2 .   ? 1.186   7.085   14.186  1.00 39.94  ? 7   HOH A O   1 
HETATM 822 O O   . HOH B 2 .   ? 5.220   7.513   4.490   1.00 39.69  ? 8   HOH A O   1 
HETATM 823 O O   . HOH B 2 .   ? -0.938  11.977  11.429  1.00 48.16  ? 9   HOH A O   1 
HETATM 824 O O   . HOH B 2 .   ? -5.127  -8.361  -2.768  1.00 51.70  ? 10  HOH A O   1 
HETATM 825 O O   . HOH B 2 .   ? 6.111   -14.025 -12.489 1.00 21.05  ? 11  HOH A O   1 
HETATM 826 O O   . HOH B 2 .   ? 8.786   5.860   -0.975  1.00 24.22  ? 12  HOH A O   1 
HETATM 827 O O   . HOH B 2 .   ? -3.710  -10.332 3.402   1.00 19.41  ? 13  HOH A O   1 
HETATM 828 O O   . HOH B 2 .   ? -5.000  14.882  6.272   1.00 34.01  ? 14  HOH A O   1 
HETATM 829 O O   . HOH B 2 .   ? -7.234  8.369   2.000   1.00 13.02  ? 15  HOH A O   1 
HETATM 830 O O   . HOH B 2 .   ? -7.616  12.694  -2.866  1.00 30.38  ? 16  HOH A O   1 
HETATM 831 O O   . HOH B 2 .   ? -17.327 -9.907  18.905  1.00 57.77  ? 17  HOH A O   1 
HETATM 832 O O   . HOH B 2 .   ? -1.097  14.461  8.351   1.00 33.13  ? 18  HOH A O   1 
HETATM 833 O O   . HOH B 2 .   ? 1.575   16.035  5.517   1.00 51.24  ? 19  HOH A O   1 
HETATM 834 O O   . HOH B 2 .   ? 4.007   -3.156  -10.533 1.00 4.03   ? 20  HOH A O   1 
HETATM 835 O O   . HOH B 2 .   ? -5.813  0.548   -7.174  1.00 5.55   ? 21  HOH A O   1 
HETATM 836 O O   . HOH B 2 .   ? 6.414   -4.061  -13.269 1.00 5.56   ? 22  HOH A O   1 
HETATM 837 O O   . HOH B 2 .   ? -8.714  4.527   -2.203  1.00 5.24   ? 23  HOH A O   1 
HETATM 838 O O   . HOH B 2 .   ? 8.524   -6.048  -13.437 1.00 5.90   ? 24  HOH A O   1 
HETATM 839 O O   . HOH B 2 .   ? -9.648  6.287   9.606   1.00 5.47   ? 25  HOH A O   1 
HETATM 840 O O   . HOH B 2 .   ? -11.899 4.614   10.106  0.50 5.31   ? 26  HOH A O   1 
HETATM 841 O O   . HOH B 2 .   ? 10.864  -5.403  -4.524  1.00 6.55   ? 27  HOH A O   1 
HETATM 842 O O   . HOH B 2 .   ? -8.757  6.590   3.255   1.00 4.88   ? 28  HOH A O   1 
HETATM 843 O O   . HOH B 2 .   ? -11.975 -8.964  12.609  1.00 14.45  ? 29  HOH A O   1 
HETATM 844 O O   . HOH B 2 .   ? 8.183   -12.665 -4.990  1.00 14.35  ? 30  HOH A O   1 
HETATM 845 O O   . HOH B 2 .   ? 1.270   -13.472 -4.775  1.00 25.63  ? 31  HOH A O   1 
HETATM 846 O O   . HOH B 2 .   ? -6.263  8.532   -2.423  1.00 6.65   ? 32  HOH A O   1 
HETATM 847 O O   . HOH B 2 .   ? 10.085  -5.981  -11.399 1.00 5.59   ? 33  HOH A O   1 
HETATM 848 O O   . HOH B 2 .   ? -12.368 3.140   14.517  1.00 10.76  ? 34  HOH A O   1 
HETATM 849 O O   . HOH B 2 .   ? 13.867  8.913   -17.358 1.00 31.07  ? 35  HOH A O   1 
HETATM 850 O O   . HOH B 2 .   ? -15.118 -5.580  15.321  1.00 29.00  ? 36  HOH A O   1 
HETATM 851 O O   . HOH B 2 .   ? -7.421  -6.894  4.195   1.00 10.30  ? 37  HOH A O   1 
HETATM 852 O O   . HOH B 2 .   ? -8.999  -9.085  11.219  1.00 26.95  ? 38  HOH A O   1 
HETATM 853 O O   . HOH B 2 .   ? 12.431  -4.849  -11.051 1.00 16.23  ? 39  HOH A O   1 
HETATM 854 O O   . HOH B 2 .   ? 0.973   -5.263  -13.032 1.00 16.25  ? 40  HOH A O   1 
HETATM 855 O O   . HOH B 2 .   ? -12.633 -1.043  1.316   1.00 10.64  ? 41  HOH A O   1 
HETATM 856 O O   . HOH B 2 .   ? 2.822   6.352   2.021   1.00 29.55  ? 42  HOH A O   1 
HETATM 857 O O   . HOH B 2 .   ? -14.743 -6.278  7.115   1.00 30.66  ? 43  HOH A O   1 
HETATM 858 O O   . HOH B 2 .   ? 2.175   10.854  -9.437  1.00 34.97  ? 44  HOH A O   1 
HETATM 859 O O   . HOH B 2 .   ? -2.450  -8.374  6.740   1.00 14.52  ? 45  HOH A O   1 
HETATM 860 O O   . HOH B 2 .   ? -0.589  0.900   -14.913 1.00 22.58  ? 46  HOH A O   1 
HETATM 861 O O   . HOH B 2 .   ? 14.939  -1.708  -12.718 1.00 39.69  ? 47  HOH A O   1 
HETATM 862 O O   . HOH B 2 .   ? 4.414   -14.415 -14.846 1.00 21.42  ? 48  HOH A O   1 
HETATM 863 O O   . HOH B 2 .   ? 2.105   6.185   -15.303 1.00 25.84  ? 49  HOH A O   1 
HETATM 864 O O   . HOH B 2 .   ? 1.344   -0.915  -14.886 1.00 24.77  ? 50  HOH A O   1 
HETATM 865 O O   . HOH B 2 .   ? 1.822   -11.876 -2.602  1.00 34.65  ? 51  HOH A O   1 
HETATM 866 O O   . HOH B 2 .   ? -5.479  -0.129  17.369  1.00 30.00  ? 52  HOH A O   1 
HETATM 867 O O   . HOH B 2 .   ? 4.182   -5.315  -13.562 1.00 29.23  ? 53  HOH A O   1 
HETATM 868 O O   . HOH B 2 .   ? -5.046  10.967  4.047   1.00 32.72  ? 54  HOH A O   1 
# 
